data_9L3O
#
_entry.id   9L3O
#
_cell.length_a   79.706
_cell.length_b   105.896
_cell.length_c   82.946
_cell.angle_alpha   90.000
_cell.angle_beta   91.604
_cell.angle_gamma   90.000
#
_symmetry.space_group_name_H-M   'P 1 21 1'
#
loop_
_entity.id
_entity.type
_entity.pdbx_description
1 polymer 'Glycoside hydrolase superfamily'
2 branched alpha-D-mannopyranose-(1-2)-alpha-D-mannopyranose-(1-2)-[alpha-D-mannopyranose-(1-6)]alpha-D-mannopyranose-(1-3)-[alpha-D-mannopyranose-(1-3)-[alpha-D-mannopyranose-(1-6)]alpha-D-mannopyranose-(1-6)]beta-D-mannopyranose-(1-4)-2-acetamido-2-deoxy-beta-D-glucopyranose-(1-4)-2-acetamido-2-deoxy-beta-D-glucopyranose
3 branched alpha-D-mannopyranose-(1-2)-alpha-D-mannopyranose-(1-2)-alpha-D-mannopyranose-(1-3)-[alpha-D-mannopyranose-(1-6)]beta-D-mannopyranose-(1-4)-2-acetamido-2-deoxy-beta-D-glucopyranose-(1-4)-2-acetamido-2-deoxy-beta-D-glucopyranose
4 branched alpha-D-xylopyranose-(1-6)-beta-D-glucopyranose-(1-4)-[alpha-D-xylopyranose-(1-6)]beta-D-glucopyranose-(1-4)-[beta-D-galactopyranose-(1-2)-alpha-D-xylopyranose-(1-6)]beta-D-glucopyranose-(1-4)-beta-D-glucopyranose
5 branched beta-D-mannopyranose-(1-4)-2-acetamido-2-deoxy-beta-D-glucopyranose-(1-4)-2-acetamido-2-deoxy-beta-D-glucopyranose
6 branched alpha-D-xylopyranose-(1-6)-beta-D-glucopyranose-(1-4)-beta-D-glucopyranose-(1-4)-[beta-D-galactopyranose-(1-2)-alpha-D-xylopyranose-(1-6)]beta-D-glucopyranose-(1-4)-beta-D-glucopyranose
7 non-polymer 'TETRAETHYLENE GLYCOL'
8 non-polymer alpha-D-mannopyranose
9 non-polymer 2-acetamido-2-deoxy-beta-D-glucopyranose
10 non-polymer beta-D-glucopyranose
11 non-polymer DI(HYDROXYETHYL)ETHER
12 non-polymer 'MAGNESIUM ION'
13 water water
#
_entity_poly.entity_id   1
_entity_poly.type   'polypeptide(L)'
_entity_poly.pdbx_seq_one_letter_code
;MRFPSIFTAVLFAASSALAAPVNTTTEDETAQIPAEAVIGYSDLEGDFDVAVLPFSNSTNNGLLFINTTIASIAAKEEGV
SLEKREAEALSANCTGSFDAISASDFVANINPGWNLGNSLDATPNEDSWNNPTVQESTFDYVKAAGFKSVRLPVTWTHHF
TSESPDWTVDPKWLQRVSDVIDMITSRGLYTIVNVHHDSWEWADVTKSDANITQIEQKFEKLWYQIGTKLACKSSMVAFE
TINEPPCNTAEDGAKINKFNEIFLRAINRAGGFNAKRVVNLVGGGMDSVKTSQWFKTPANITNPWALQFHFYSPYDFIFS
AWGKTIWGSDSDKSELDSTLGLLRGNFTDVPIVLGEFDASPTNTEPAARWKYHDYLIRSTKKYNMSPIIWDNGLDHLDRS
SGIWRDPVSIEIITNGNETNSLPDSTVDTSAPSQSSSAYIYHKVGTEVTDQTLPFIFNDNTLVSIQDSKGTTLKADTDYT
VSGSNITFPASFLSTYYSETSEPGLLPNFTLKFSSGASPVVQLVQWDTPTLSKTSAAASSISGSDLSIPITWKGLPKLAT
VKALLNNGTYLVDDFTQWFGPFGEARTTYSNQWNWDDKNVILTQATVEAVVAAGQDTVFTFEFFPRVDTTTNTVNFTLTV
VDHHHHHH
;
_entity_poly.pdbx_strand_id   A,B
#
loop_
_chem_comp.id
_chem_comp.type
_chem_comp.name
_chem_comp.formula
BGC D-saccharide, beta linking beta-D-glucopyranose 'C6 H12 O6'
BMA D-saccharide, beta linking beta-D-mannopyranose 'C6 H12 O6'
GAL D-saccharide, beta linking beta-D-galactopyranose 'C6 H12 O6'
MAN D-saccharide, alpha linking alpha-D-mannopyranose 'C6 H12 O6'
MG non-polymer 'MAGNESIUM ION' 'Mg 2'
NAG D-saccharide, beta linking 2-acetamido-2-deoxy-beta-D-glucopyranose 'C8 H15 N O6'
PEG non-polymer DI(HYDROXYETHYL)ETHER 'C4 H10 O3'
PG4 non-polymer 'TETRAETHYLENE GLYCOL' 'C8 H18 O5'
XYS D-saccharide, alpha linking alpha-D-xylopyranose 'C5 H10 O5'
#
# COMPACT_ATOMS: atom_id res chain seq x y z
N SER A 91 9.63 -4.19 -29.40
CA SER A 91 10.62 -3.57 -28.53
C SER A 91 10.84 -4.39 -27.27
N ALA A 92 9.89 -4.28 -26.35
CA ALA A 92 9.97 -5.05 -25.11
C ALA A 92 10.05 -6.53 -25.42
N ASN A 93 10.86 -7.25 -24.64
CA ASN A 93 11.12 -8.65 -24.87
C ASN A 93 10.71 -9.44 -23.63
N CYS A 94 9.76 -10.35 -23.81
CA CYS A 94 9.23 -11.17 -22.72
C CYS A 94 9.84 -12.56 -22.77
N THR A 95 10.13 -13.11 -21.59
CA THR A 95 10.84 -14.39 -21.51
C THR A 95 9.90 -15.58 -21.48
N GLY A 96 8.81 -15.50 -20.73
CA GLY A 96 7.90 -16.62 -20.59
C GLY A 96 7.06 -16.86 -21.83
N SER A 97 5.89 -17.46 -21.62
CA SER A 97 4.92 -17.71 -22.67
C SER A 97 3.66 -16.88 -22.44
N PHE A 98 2.77 -16.91 -23.42
CA PHE A 98 1.54 -16.11 -23.40
C PHE A 98 0.44 -16.96 -24.00
N ASP A 99 -0.58 -17.27 -23.21
CA ASP A 99 -1.70 -18.11 -23.63
C ASP A 99 -2.75 -17.23 -24.30
N ALA A 100 -2.64 -17.10 -25.61
CA ALA A 100 -3.53 -16.21 -26.37
C ALA A 100 -4.98 -16.58 -26.13
N ILE A 101 -5.83 -15.57 -26.01
CA ILE A 101 -7.25 -15.78 -25.81
C ILE A 101 -8.01 -14.82 -26.71
N SER A 102 -9.05 -15.33 -27.35
CA SER A 102 -9.90 -14.48 -28.17
C SER A 102 -10.72 -13.52 -27.30
N ALA A 103 -11.13 -12.41 -27.90
CA ALA A 103 -11.91 -11.42 -27.15
C ALA A 103 -13.26 -11.97 -26.72
N SER A 104 -13.84 -12.89 -27.50
CA SER A 104 -15.09 -13.51 -27.07
C SER A 104 -14.89 -14.30 -25.78
N ASP A 105 -13.83 -15.13 -25.73
CA ASP A 105 -13.58 -15.94 -24.53
C ASP A 105 -13.19 -15.07 -23.35
N PHE A 106 -12.36 -14.06 -23.57
CA PHE A 106 -12.01 -13.13 -22.51
C PHE A 106 -13.26 -12.51 -21.91
N VAL A 107 -14.13 -11.96 -22.77
CA VAL A 107 -15.36 -11.33 -22.29
C VAL A 107 -16.20 -12.35 -21.54
N ALA A 108 -16.28 -13.58 -22.05
CA ALA A 108 -17.04 -14.61 -21.35
C ALA A 108 -16.41 -14.92 -20.00
N ASN A 109 -15.08 -14.87 -19.90
CA ASN A 109 -14.41 -15.31 -18.68
C ASN A 109 -14.40 -14.26 -17.58
N ILE A 110 -14.59 -12.98 -17.89
CA ILE A 110 -14.54 -11.94 -16.87
C ILE A 110 -15.87 -11.73 -16.18
N ASN A 111 -16.94 -12.32 -16.68
CA ASN A 111 -18.30 -12.08 -16.18
C ASN A 111 -18.50 -12.77 -14.84
N PRO A 112 -18.82 -12.03 -13.76
CA PRO A 112 -18.99 -10.58 -13.62
C PRO A 112 -17.74 -9.90 -13.10
N GLY A 113 -17.64 -8.58 -13.25
CA GLY A 113 -16.49 -7.83 -12.78
C GLY A 113 -16.84 -6.89 -11.64
N TRP A 114 -15.78 -6.32 -11.06
CA TRP A 114 -15.92 -5.38 -9.96
C TRP A 114 -14.84 -4.31 -10.11
N ASN A 115 -15.22 -3.04 -9.97
CA ASN A 115 -14.27 -1.94 -10.07
C ASN A 115 -13.54 -1.69 -8.77
N LEU A 116 -12.23 -1.45 -8.87
CA LEU A 116 -11.46 -0.90 -7.76
C LEU A 116 -11.55 0.62 -7.81
N GLY A 117 -12.72 1.12 -7.42
CA GLY A 117 -13.06 2.51 -7.65
C GLY A 117 -12.44 3.44 -6.64
N ASN A 118 -12.16 4.66 -7.08
CA ASN A 118 -11.63 5.73 -6.23
C ASN A 118 -10.30 5.32 -5.57
N SER A 119 -9.49 4.56 -6.30
CA SER A 119 -8.20 4.18 -5.76
C SER A 119 -7.07 4.68 -6.65
N LEU A 120 -6.61 3.87 -7.60
CA LEU A 120 -5.59 4.36 -8.53
C LEU A 120 -6.12 5.46 -9.44
N ASP A 121 -7.44 5.60 -9.55
CA ASP A 121 -8.06 6.72 -10.23
C ASP A 121 -8.19 7.97 -9.38
N ALA A 122 -7.99 7.87 -8.06
CA ALA A 122 -8.07 9.03 -7.18
C ALA A 122 -6.93 10.01 -7.44
N THR A 123 -7.17 11.29 -7.15
CA THR A 123 -6.20 12.31 -7.54
C THR A 123 -5.84 13.19 -6.35
N PRO A 124 -4.56 13.52 -6.17
CA PRO A 124 -3.42 13.13 -7.01
C PRO A 124 -2.90 11.74 -6.65
N ASN A 125 -3.23 11.23 -5.47
CA ASN A 125 -2.68 9.97 -4.99
C ASN A 125 -3.80 8.97 -4.79
N GLU A 126 -3.41 7.70 -4.62
CA GLU A 126 -4.40 6.64 -4.50
C GLU A 126 -5.17 6.70 -3.18
N ASP A 127 -4.65 7.37 -2.15
CA ASP A 127 -5.38 7.59 -0.92
C ASP A 127 -5.87 9.03 -0.78
N SER A 128 -5.92 9.76 -1.89
CA SER A 128 -6.35 11.16 -1.84
C SER A 128 -7.85 11.33 -1.67
N TRP A 129 -8.63 10.28 -1.93
CA TRP A 129 -10.07 10.38 -1.79
C TRP A 129 -10.49 9.52 -0.61
N ASN A 130 -11.55 8.71 -0.74
CA ASN A 130 -12.12 8.06 0.44
C ASN A 130 -11.44 6.74 0.81
N ASN A 131 -10.54 6.23 -0.03
CA ASN A 131 -10.01 4.91 0.27
C ASN A 131 -8.57 4.98 0.78
N PRO A 132 -8.18 4.09 1.68
CA PRO A 132 -6.77 4.01 2.04
C PRO A 132 -5.95 3.37 0.94
N THR A 133 -4.63 3.34 1.12
CA THR A 133 -3.75 2.61 0.22
C THR A 133 -4.29 1.22 -0.07
N VAL A 134 -4.34 0.87 -1.35
CA VAL A 134 -4.82 -0.45 -1.76
C VAL A 134 -3.99 -1.53 -1.08
N GLN A 135 -4.68 -2.53 -0.53
CA GLN A 135 -4.03 -3.69 0.07
C GLN A 135 -4.59 -4.95 -0.56
N GLU A 136 -3.79 -6.02 -0.54
CA GLU A 136 -4.09 -7.19 -1.35
C GLU A 136 -5.32 -7.94 -0.86
N SER A 137 -5.61 -7.89 0.45
CA SER A 137 -6.76 -8.64 0.96
C SER A 137 -8.06 -8.24 0.27
N THR A 138 -8.15 -6.99 -0.21
CA THR A 138 -9.33 -6.55 -0.95
C THR A 138 -9.69 -7.55 -2.05
N PHE A 139 -8.69 -7.99 -2.82
CA PHE A 139 -8.97 -8.88 -3.95
C PHE A 139 -9.34 -10.29 -3.49
N ASP A 140 -8.89 -10.71 -2.30
CA ASP A 140 -9.41 -11.93 -1.69
C ASP A 140 -10.92 -11.85 -1.49
N TYR A 141 -11.41 -10.72 -0.96
CA TYR A 141 -12.86 -10.56 -0.75
C TYR A 141 -13.59 -10.62 -2.09
N VAL A 142 -13.03 -9.98 -3.11
CA VAL A 142 -13.67 -9.92 -4.42
C VAL A 142 -13.81 -11.32 -5.00
N LYS A 143 -12.71 -12.08 -5.03
CA LYS A 143 -12.78 -13.44 -5.53
C LYS A 143 -13.74 -14.29 -4.70
N ALA A 144 -13.70 -14.15 -3.37
CA ALA A 144 -14.57 -14.94 -2.52
C ALA A 144 -16.04 -14.71 -2.82
N ALA A 145 -16.39 -13.50 -3.28
CA ALA A 145 -17.77 -13.13 -3.56
C ALA A 145 -18.29 -13.63 -4.90
N GLY A 146 -17.46 -14.24 -5.72
CA GLY A 146 -17.90 -14.76 -7.00
C GLY A 146 -17.60 -13.90 -8.22
N PHE A 147 -16.84 -12.83 -8.07
CA PHE A 147 -16.41 -12.07 -9.23
C PHE A 147 -15.25 -12.77 -9.92
N LYS A 148 -15.23 -12.71 -11.24
CA LYS A 148 -14.19 -13.34 -12.04
C LYS A 148 -13.16 -12.36 -12.55
N SER A 149 -13.35 -11.05 -12.32
CA SER A 149 -12.45 -10.05 -12.85
C SER A 149 -12.56 -8.78 -12.02
N VAL A 150 -11.53 -7.94 -12.15
CA VAL A 150 -11.45 -6.63 -11.53
C VAL A 150 -11.11 -5.64 -12.64
N ARG A 151 -11.88 -4.57 -12.73
CA ARG A 151 -11.48 -3.43 -13.53
C ARG A 151 -10.68 -2.49 -12.65
N LEU A 152 -9.61 -1.94 -13.21
CA LEU A 152 -8.59 -1.21 -12.45
C LEU A 152 -8.46 0.17 -13.06
N PRO A 153 -9.32 1.12 -12.69
CA PRO A 153 -9.19 2.48 -13.22
C PRO A 153 -7.94 3.15 -12.67
N VAL A 154 -7.13 3.74 -13.57
CA VAL A 154 -5.93 4.46 -13.19
C VAL A 154 -6.01 5.87 -13.79
N THR A 155 -5.84 6.90 -12.95
CA THR A 155 -5.75 8.27 -13.42
C THR A 155 -4.27 8.66 -13.48
N TRP A 156 -3.78 8.96 -14.68
CA TRP A 156 -2.35 9.22 -14.85
C TRP A 156 -1.98 10.69 -14.71
N THR A 157 -2.95 11.59 -14.83
CA THR A 157 -2.74 13.04 -14.83
C THR A 157 -1.63 13.52 -13.90
N HIS A 158 -1.65 13.09 -12.64
CA HIS A 158 -0.77 13.66 -11.64
C HIS A 158 0.48 12.82 -11.39
N HIS A 159 0.88 11.99 -12.36
CA HIS A 159 2.06 11.15 -12.20
C HIS A 159 3.07 11.36 -13.32
N PHE A 160 2.96 12.46 -14.06
CA PHE A 160 3.93 12.81 -15.09
C PHE A 160 5.04 13.62 -14.47
N THR A 161 6.29 13.21 -14.72
CA THR A 161 7.44 13.93 -14.22
C THR A 161 8.12 14.79 -15.28
N SER A 162 7.64 14.72 -16.53
CA SER A 162 8.03 15.67 -17.56
C SER A 162 6.81 15.97 -18.43
N GLU A 163 6.85 17.14 -19.05
CA GLU A 163 5.82 17.52 -20.02
C GLU A 163 6.30 17.20 -21.42
N SER A 164 5.97 18.08 -22.37
CA SER A 164 6.34 17.85 -23.76
C SER A 164 7.87 17.77 -23.89
N PRO A 165 8.39 16.93 -24.79
CA PRO A 165 7.69 16.02 -25.70
C PRO A 165 7.69 14.57 -25.24
N ASP A 166 8.25 14.27 -24.07
CA ASP A 166 8.37 12.90 -23.62
C ASP A 166 7.21 12.46 -22.75
N TRP A 167 6.65 13.36 -21.94
CA TRP A 167 5.55 13.04 -21.05
C TRP A 167 5.87 11.80 -20.22
N THR A 168 7.04 11.80 -19.60
CA THR A 168 7.48 10.65 -18.83
C THR A 168 6.55 10.45 -17.65
N VAL A 169 6.15 9.20 -17.42
CA VAL A 169 5.38 8.83 -16.25
C VAL A 169 6.34 8.38 -15.14
N ASP A 170 6.10 8.85 -13.91
CA ASP A 170 6.84 8.45 -12.72
C ASP A 170 7.05 6.94 -12.71
N PRO A 171 8.29 6.46 -12.77
CA PRO A 171 8.52 5.00 -12.79
C PRO A 171 7.98 4.29 -11.55
N LYS A 172 7.82 5.01 -10.42
CA LYS A 172 7.21 4.42 -9.23
C LYS A 172 5.72 4.20 -9.43
N TRP A 173 5.07 5.10 -10.18
CA TRP A 173 3.65 4.93 -10.46
C TRP A 173 3.40 3.78 -11.41
N LEU A 174 4.14 3.72 -12.52
CA LEU A 174 4.06 2.56 -13.41
C LEU A 174 4.30 1.26 -12.64
N GLN A 175 5.21 1.28 -11.67
CA GLN A 175 5.50 0.07 -10.90
C GLN A 175 4.37 -0.25 -9.93
N ARG A 176 3.69 0.78 -9.40
CA ARG A 176 2.55 0.55 -8.52
C ARG A 176 1.38 -0.05 -9.28
N VAL A 177 1.04 0.52 -10.44
CA VAL A 177 0.04 -0.09 -11.30
C VAL A 177 0.39 -1.55 -11.60
N SER A 178 1.65 -1.81 -11.97
CA SER A 178 2.04 -3.16 -12.34
C SER A 178 1.96 -4.11 -11.14
N ASP A 179 2.26 -3.64 -9.94
CA ASP A 179 2.19 -4.50 -8.77
C ASP A 179 0.76 -4.85 -8.41
N VAL A 180 -0.14 -3.87 -8.51
CA VAL A 180 -1.54 -4.11 -8.19
C VAL A 180 -2.18 -5.05 -9.21
N ILE A 181 -1.83 -4.90 -10.49
CA ILE A 181 -2.25 -5.90 -11.48
C ILE A 181 -1.79 -7.29 -11.07
N ASP A 182 -0.56 -7.39 -10.57
CA ASP A 182 -0.07 -8.69 -10.10
C ASP A 182 -0.84 -9.17 -8.87
N MET A 183 -1.36 -8.25 -8.03
CA MET A 183 -2.21 -8.68 -6.93
C MET A 183 -3.51 -9.29 -7.45
N ILE A 184 -4.04 -8.73 -8.52
CA ILE A 184 -5.30 -9.24 -9.08
C ILE A 184 -5.08 -10.59 -9.77
N THR A 185 -4.13 -10.64 -10.71
CA THR A 185 -3.97 -11.85 -11.52
C THR A 185 -3.48 -13.03 -10.68
N SER A 186 -2.56 -12.79 -9.74
CA SER A 186 -2.04 -13.88 -8.90
C SER A 186 -3.11 -14.54 -8.06
N ARG A 187 -4.30 -13.94 -7.95
CA ARG A 187 -5.44 -14.57 -7.29
C ARG A 187 -6.43 -15.14 -8.30
N GLY A 188 -6.02 -15.30 -9.55
CA GLY A 188 -6.88 -15.92 -10.55
C GLY A 188 -7.94 -15.03 -11.13
N LEU A 189 -7.80 -13.71 -10.99
CA LEU A 189 -8.77 -12.75 -11.48
C LEU A 189 -8.22 -12.04 -12.72
N TYR A 190 -9.07 -11.94 -13.76
CA TYR A 190 -8.73 -11.15 -14.93
C TYR A 190 -8.68 -9.67 -14.56
N THR A 191 -8.03 -8.88 -15.41
CA THR A 191 -7.86 -7.46 -15.14
C THR A 191 -8.15 -6.66 -16.40
N ILE A 192 -8.69 -5.46 -16.20
CA ILE A 192 -8.79 -4.45 -17.24
C ILE A 192 -8.31 -3.15 -16.62
N VAL A 193 -7.25 -2.57 -17.21
CA VAL A 193 -6.65 -1.33 -16.72
C VAL A 193 -6.75 -0.31 -17.85
N ASN A 194 -6.92 0.96 -17.47
CA ASN A 194 -7.27 1.98 -18.45
C ASN A 194 -6.49 3.26 -18.18
N VAL A 195 -6.89 4.29 -18.91
CA VAL A 195 -6.60 5.69 -18.61
C VAL A 195 -7.92 6.31 -18.19
N HIS A 196 -8.00 6.79 -16.93
CA HIS A 196 -9.29 7.15 -16.35
C HIS A 196 -9.58 8.65 -16.37
N HIS A 197 -9.40 9.33 -15.22
CA HIS A 197 -9.84 10.72 -15.18
C HIS A 197 -8.98 11.65 -16.02
N ASP A 198 -7.89 11.16 -16.63
CA ASP A 198 -7.22 11.91 -17.69
C ASP A 198 -8.20 12.38 -18.76
N SER A 199 -9.28 11.62 -18.94
CA SER A 199 -10.28 11.91 -19.97
C SER A 199 -10.77 13.35 -19.92
N TRP A 200 -11.12 13.85 -18.72
CA TRP A 200 -11.56 15.24 -18.61
C TRP A 200 -10.50 16.16 -18.03
N GLU A 201 -9.51 15.62 -17.31
CA GLU A 201 -8.49 16.47 -16.71
C GLU A 201 -7.56 17.10 -17.75
N TRP A 202 -7.24 16.39 -18.84
CA TRP A 202 -6.41 17.00 -19.88
C TRP A 202 -6.78 16.55 -21.30
N ALA A 203 -7.41 15.39 -21.46
CA ALA A 203 -7.68 14.83 -22.79
C ALA A 203 -9.05 15.22 -23.36
N ASP A 204 -9.67 16.27 -22.84
CA ASP A 204 -11.03 16.62 -23.25
C ASP A 204 -10.97 17.37 -24.57
N VAL A 205 -11.53 16.77 -25.63
CA VAL A 205 -11.51 17.39 -26.96
C VAL A 205 -12.65 18.35 -27.18
N THR A 206 -13.63 18.41 -26.28
CA THR A 206 -14.77 19.30 -26.44
C THR A 206 -14.53 20.70 -25.90
N LYS A 207 -13.49 20.90 -25.11
CA LYS A 207 -13.23 22.22 -24.55
C LYS A 207 -12.72 23.16 -25.64
N SER A 208 -13.21 24.40 -25.61
CA SER A 208 -13.00 25.35 -26.71
C SER A 208 -11.54 25.70 -26.91
N ASP A 209 -10.68 25.43 -25.93
CA ASP A 209 -9.27 25.80 -26.00
C ASP A 209 -8.33 24.60 -26.08
N ALA A 210 -8.87 23.40 -26.23
CA ALA A 210 -8.04 22.20 -26.21
C ALA A 210 -7.04 22.19 -27.36
N ASN A 211 -5.83 21.73 -27.07
CA ASN A 211 -4.76 21.57 -28.06
C ASN A 211 -4.80 20.10 -28.47
N ILE A 212 -5.48 19.82 -29.58
CA ILE A 212 -5.70 18.43 -29.97
C ILE A 212 -4.38 17.76 -30.32
N THR A 213 -3.44 18.52 -30.88
CA THR A 213 -2.12 17.96 -31.19
C THR A 213 -1.41 17.52 -29.92
N GLN A 214 -1.42 18.35 -28.88
CA GLN A 214 -0.77 17.97 -27.62
C GLN A 214 -1.50 16.82 -26.96
N ILE A 215 -2.84 16.81 -27.02
CA ILE A 215 -3.62 15.73 -26.43
C ILE A 215 -3.27 14.39 -27.09
N GLU A 216 -3.23 14.37 -28.43
CA GLU A 216 -2.85 13.16 -29.16
C GLU A 216 -1.42 12.72 -28.85
N GLN A 217 -0.47 13.67 -28.79
CA GLN A 217 0.93 13.31 -28.54
C GLN A 217 1.12 12.78 -27.13
N LYS A 218 0.56 13.49 -26.13
CA LYS A 218 0.66 13.02 -24.76
C LYS A 218 0.00 11.66 -24.59
N PHE A 219 -1.15 11.46 -25.24
CA PHE A 219 -1.87 10.20 -25.14
C PHE A 219 -1.08 9.05 -25.78
N GLU A 220 -0.45 9.31 -26.92
CA GLU A 220 0.40 8.25 -27.48
C GLU A 220 1.53 7.92 -26.54
N LYS A 221 2.23 8.93 -26.03
CA LYS A 221 3.37 8.69 -25.15
C LYS A 221 2.94 7.93 -23.90
N LEU A 222 1.75 8.25 -23.37
CA LEU A 222 1.23 7.61 -22.17
C LEU A 222 1.05 6.11 -22.38
N TRP A 223 0.28 5.73 -23.39
CA TRP A 223 0.04 4.31 -23.65
C TRP A 223 1.27 3.58 -24.19
N TYR A 224 2.22 4.29 -24.79
CA TYR A 224 3.49 3.63 -25.07
C TYR A 224 4.17 3.22 -23.77
N GLN A 225 4.14 4.09 -22.76
CA GLN A 225 4.81 3.78 -21.50
C GLN A 225 4.06 2.71 -20.70
N ILE A 226 2.72 2.82 -20.65
CA ILE A 226 1.95 1.78 -19.97
C ILE A 226 2.10 0.46 -20.69
N GLY A 227 1.99 0.49 -22.03
CA GLY A 227 2.20 -0.71 -22.82
C GLY A 227 3.59 -1.31 -22.66
N THR A 228 4.62 -0.46 -22.51
CA THR A 228 5.95 -0.99 -22.22
C THR A 228 6.00 -1.65 -20.85
N LYS A 229 5.55 -0.95 -19.81
CA LYS A 229 5.59 -1.51 -18.46
C LYS A 229 4.82 -2.83 -18.40
N LEU A 230 3.65 -2.87 -19.03
CA LEU A 230 2.76 -4.01 -18.95
C LEU A 230 2.89 -4.94 -20.15
N ALA A 231 3.95 -4.78 -20.95
CA ALA A 231 4.11 -5.56 -22.18
C ALA A 231 4.03 -7.05 -21.93
N CYS A 232 4.58 -7.52 -20.81
CA CYS A 232 4.78 -8.94 -20.59
C CYS A 232 3.74 -9.55 -19.67
N LYS A 233 2.67 -8.81 -19.36
CA LYS A 233 1.57 -9.36 -18.57
C LYS A 233 0.89 -10.50 -19.32
N SER A 234 0.24 -11.37 -18.55
CA SER A 234 -0.40 -12.54 -19.14
C SER A 234 -1.63 -12.13 -19.94
N SER A 235 -2.23 -13.10 -20.63
CA SER A 235 -3.45 -12.81 -21.38
C SER A 235 -4.62 -12.41 -20.49
N MET A 236 -4.51 -12.63 -19.19
CA MET A 236 -5.57 -12.22 -18.26
C MET A 236 -5.63 -10.71 -18.06
N VAL A 237 -4.71 -9.96 -18.63
CA VAL A 237 -4.64 -8.50 -18.48
C VAL A 237 -5.03 -7.87 -19.81
N ALA A 238 -6.08 -7.05 -19.80
CA ALA A 238 -6.54 -6.32 -20.96
C ALA A 238 -6.34 -4.82 -20.75
N PHE A 239 -6.34 -4.10 -21.87
CA PHE A 239 -6.13 -2.66 -21.90
C PHE A 239 -7.38 -1.98 -22.42
N GLU A 240 -7.82 -0.93 -21.73
CA GLU A 240 -9.00 -0.15 -22.11
C GLU A 240 -8.53 1.24 -22.54
N THR A 241 -9.02 1.70 -23.70
CA THR A 241 -8.51 2.93 -24.33
C THR A 241 -8.48 4.11 -23.35
N ILE A 242 -9.66 4.55 -22.89
CA ILE A 242 -9.78 5.77 -22.11
C ILE A 242 -11.20 5.82 -21.54
N ASN A 243 -11.35 6.33 -20.32
CA ASN A 243 -12.65 6.27 -19.64
C ASN A 243 -13.59 7.40 -20.09
N GLU A 244 -14.83 7.06 -20.44
CA GLU A 244 -15.89 8.02 -20.74
C GLU A 244 -15.41 9.31 -21.36
N PRO A 245 -14.78 9.29 -22.54
CA PRO A 245 -14.22 10.52 -23.09
C PRO A 245 -15.31 11.48 -23.51
N PRO A 246 -15.23 12.75 -23.08
CA PRO A 246 -16.30 13.70 -23.41
C PRO A 246 -16.48 13.84 -24.91
N CYS A 247 -17.74 13.84 -25.35
CA CYS A 247 -18.01 13.75 -26.77
C CYS A 247 -19.46 14.15 -26.99
N ASN A 248 -19.68 15.23 -27.73
CA ASN A 248 -21.01 15.80 -27.94
C ASN A 248 -21.50 15.77 -29.39
N THR A 249 -20.60 15.80 -30.36
CA THR A 249 -20.95 15.90 -31.76
C THR A 249 -20.28 14.78 -32.56
N ALA A 250 -20.68 14.66 -33.83
CA ALA A 250 -20.02 13.71 -34.73
C ALA A 250 -18.56 14.08 -34.92
N GLU A 251 -18.25 15.38 -34.98
CA GLU A 251 -16.85 15.81 -35.06
C GLU A 251 -16.06 15.31 -33.85
N ASP A 252 -16.65 15.35 -32.65
CA ASP A 252 -15.96 14.77 -31.50
C ASP A 252 -15.86 13.26 -31.62
N GLY A 253 -16.86 12.63 -32.23
CA GLY A 253 -16.86 11.18 -32.33
C GLY A 253 -15.73 10.67 -33.19
N ALA A 254 -15.38 11.42 -34.23
CA ALA A 254 -14.19 11.09 -35.02
C ALA A 254 -12.93 11.17 -34.18
N LYS A 255 -12.90 12.07 -33.18
CA LYS A 255 -11.71 12.20 -32.34
C LYS A 255 -11.62 11.07 -31.33
N ILE A 256 -12.75 10.54 -30.88
CA ILE A 256 -12.70 9.38 -30.00
C ILE A 256 -12.21 8.17 -30.78
N ASN A 257 -12.65 7.99 -32.02
CA ASN A 257 -12.09 6.92 -32.84
C ASN A 257 -10.58 7.05 -32.95
N LYS A 258 -10.08 8.27 -33.17
CA LYS A 258 -8.64 8.46 -33.19
C LYS A 258 -8.00 8.08 -31.87
N PHE A 259 -8.69 8.29 -30.74
CA PHE A 259 -8.16 7.82 -29.47
C PHE A 259 -7.90 6.32 -29.51
N ASN A 260 -8.84 5.56 -30.06
CA ASN A 260 -8.67 4.11 -30.15
C ASN A 260 -7.51 3.75 -31.07
N GLU A 261 -7.34 4.50 -32.16
CA GLU A 261 -6.26 4.20 -33.10
C GLU A 261 -4.89 4.55 -32.53
N ILE A 262 -4.76 5.72 -31.89
CA ILE A 262 -3.50 6.09 -31.26
C ILE A 262 -3.12 5.07 -30.20
N PHE A 263 -4.11 4.56 -29.49
CA PHE A 263 -3.93 3.57 -28.44
C PHE A 263 -3.41 2.25 -29.00
N LEU A 264 -4.08 1.71 -30.03
CA LEU A 264 -3.61 0.47 -30.63
C LEU A 264 -2.20 0.60 -31.20
N ARG A 265 -1.87 1.77 -31.76
CA ARG A 265 -0.55 1.94 -32.37
C ARG A 265 0.54 1.99 -31.32
N ALA A 266 0.28 2.67 -30.21
CA ALA A 266 1.25 2.79 -29.13
C ALA A 266 1.57 1.44 -28.50
N ILE A 267 0.53 0.65 -28.19
CA ILE A 267 0.77 -0.58 -27.45
C ILE A 267 1.40 -1.64 -28.35
N ASN A 268 1.05 -1.65 -29.64
CA ASN A 268 1.71 -2.56 -30.58
C ASN A 268 3.17 -2.17 -30.81
N ARG A 269 3.44 -0.87 -30.87
CA ARG A 269 4.82 -0.41 -30.94
C ARG A 269 5.62 -0.78 -29.70
N ALA A 270 4.98 -0.81 -28.52
CA ALA A 270 5.68 -1.22 -27.31
C ALA A 270 6.06 -2.69 -27.33
N GLY A 271 5.35 -3.51 -28.10
CA GLY A 271 5.79 -4.88 -28.27
C GLY A 271 5.42 -5.75 -27.09
N GLY A 272 6.36 -6.63 -26.71
CA GLY A 272 6.03 -7.67 -25.75
C GLY A 272 4.93 -8.55 -26.28
N PHE A 273 3.92 -8.79 -25.45
CA PHE A 273 2.75 -9.58 -25.82
C PHE A 273 1.58 -8.73 -26.31
N ASN A 274 1.77 -7.40 -26.43
CA ASN A 274 0.64 -6.52 -26.67
C ASN A 274 -0.06 -6.76 -28.00
N ALA A 275 0.66 -7.25 -29.04
CA ALA A 275 0.00 -7.42 -30.32
C ALA A 275 -1.13 -8.45 -30.27
N LYS A 276 -1.11 -9.35 -29.29
CA LYS A 276 -2.16 -10.34 -29.17
C LYS A 276 -3.01 -10.14 -27.92
N ARG A 277 -2.89 -8.99 -27.27
CA ARG A 277 -3.58 -8.74 -26.00
C ARG A 277 -5.00 -8.25 -26.23
N VAL A 278 -5.93 -8.74 -25.40
CA VAL A 278 -7.31 -8.28 -25.49
C VAL A 278 -7.36 -6.81 -25.12
N VAL A 279 -8.07 -6.03 -25.94
CA VAL A 279 -8.26 -4.61 -25.65
C VAL A 279 -9.75 -4.30 -25.56
N ASN A 280 -10.07 -3.16 -24.92
CA ASN A 280 -11.42 -2.60 -24.91
C ASN A 280 -11.39 -1.24 -25.58
N LEU A 281 -12.05 -1.12 -26.72
CA LEU A 281 -12.24 0.14 -27.41
C LEU A 281 -13.50 0.86 -26.92
N VAL A 282 -13.51 2.18 -27.07
CA VAL A 282 -14.54 3.01 -26.44
C VAL A 282 -15.16 3.95 -27.46
N GLY A 283 -16.39 4.35 -27.17
CA GLY A 283 -17.09 5.39 -27.90
C GLY A 283 -17.37 6.58 -26.99
N GLY A 284 -17.97 7.61 -27.58
CA GLY A 284 -18.16 8.87 -26.91
C GLY A 284 -18.84 8.73 -25.56
N GLY A 285 -18.22 9.27 -24.51
CA GLY A 285 -18.77 9.21 -23.18
C GLY A 285 -18.97 7.80 -22.65
N MET A 286 -18.55 6.78 -23.42
CA MET A 286 -18.94 5.40 -23.18
C MET A 286 -20.46 5.26 -23.08
N ASP A 287 -21.18 6.14 -23.77
CA ASP A 287 -22.64 6.11 -23.81
C ASP A 287 -23.11 5.21 -24.94
N SER A 288 -24.10 4.36 -24.63
CA SER A 288 -24.61 3.41 -25.62
C SER A 288 -25.03 4.09 -26.93
N VAL A 289 -25.65 5.27 -26.84
CA VAL A 289 -26.17 5.94 -28.03
C VAL A 289 -25.03 6.61 -28.81
N LYS A 290 -24.21 7.42 -28.12
CA LYS A 290 -23.07 8.05 -28.79
C LYS A 290 -22.14 7.02 -29.41
N THR A 291 -21.96 5.87 -28.74
CA THR A 291 -21.13 4.81 -29.32
C THR A 291 -21.75 4.26 -30.59
N SER A 292 -23.05 3.93 -30.52
CA SER A 292 -23.75 3.43 -31.70
C SER A 292 -23.68 4.42 -32.85
N GLN A 293 -23.80 5.72 -32.54
CA GLN A 293 -23.81 6.71 -33.62
C GLN A 293 -22.45 6.85 -34.30
N TRP A 294 -21.36 6.91 -33.54
CA TRP A 294 -20.09 7.39 -34.07
C TRP A 294 -18.93 6.41 -34.01
N PHE A 295 -19.02 5.31 -33.27
CA PHE A 295 -17.89 4.39 -33.18
C PHE A 295 -17.63 3.74 -34.52
N LYS A 296 -16.36 3.64 -34.88
CA LYS A 296 -15.93 2.96 -36.10
C LYS A 296 -14.77 2.05 -35.76
N THR A 297 -14.85 0.80 -36.19
CA THR A 297 -13.78 -0.15 -35.91
C THR A 297 -12.48 0.35 -36.54
N PRO A 298 -11.39 0.51 -35.77
CA PRO A 298 -10.11 0.91 -36.36
C PRO A 298 -9.74 0.02 -37.54
N ALA A 299 -9.54 0.63 -38.70
CA ALA A 299 -9.27 -0.13 -39.91
C ALA A 299 -8.02 -0.99 -39.74
N ASN A 300 -8.12 -2.25 -40.18
CA ASN A 300 -7.00 -3.20 -40.14
C ASN A 300 -6.52 -3.48 -38.71
N ILE A 301 -7.44 -3.48 -37.75
CA ILE A 301 -7.10 -3.82 -36.38
C ILE A 301 -6.67 -5.28 -36.30
N THR A 302 -5.66 -5.57 -35.46
CA THR A 302 -5.17 -6.93 -35.33
C THR A 302 -5.21 -7.47 -33.90
N ASN A 303 -5.30 -6.60 -32.90
CA ASN A 303 -5.57 -7.05 -31.55
C ASN A 303 -6.96 -7.69 -31.47
N PRO A 304 -7.12 -8.72 -30.64
CA PRO A 304 -8.48 -9.12 -30.26
C PRO A 304 -9.10 -8.01 -29.42
N TRP A 305 -10.34 -7.63 -29.76
CA TRP A 305 -10.90 -6.41 -29.21
C TRP A 305 -12.36 -6.60 -28.82
N ALA A 306 -12.77 -5.86 -27.81
CA ALA A 306 -14.13 -5.84 -27.33
C ALA A 306 -14.56 -4.39 -27.20
N LEU A 307 -15.86 -4.15 -27.31
CA LEU A 307 -16.41 -2.83 -27.02
C LEU A 307 -16.72 -2.74 -25.54
N GLN A 308 -16.42 -1.60 -24.93
CA GLN A 308 -16.86 -1.32 -23.56
C GLN A 308 -17.76 -0.10 -23.55
N PHE A 309 -18.88 -0.17 -22.83
CA PHE A 309 -19.69 1.00 -22.54
C PHE A 309 -20.04 0.99 -21.05
N HIS A 310 -20.52 2.14 -20.57
CA HIS A 310 -21.03 2.28 -19.22
C HIS A 310 -22.53 2.53 -19.25
N PHE A 311 -23.22 2.11 -18.18
CA PHE A 311 -24.69 2.20 -18.14
C PHE A 311 -25.14 2.72 -16.78
N TYR A 312 -25.56 3.99 -16.74
CA TYR A 312 -26.16 4.56 -15.54
C TYR A 312 -27.54 5.13 -15.83
N SER A 313 -28.39 4.35 -16.49
CA SER A 313 -29.75 4.73 -16.81
C SER A 313 -30.75 3.89 -16.01
N PRO A 314 -31.91 4.45 -15.65
CA PRO A 314 -32.38 5.82 -15.93
C PRO A 314 -31.75 6.83 -14.99
N TYR A 315 -31.43 8.01 -15.51
CA TYR A 315 -30.74 9.03 -14.72
C TYR A 315 -31.52 9.38 -13.45
N ASP A 316 -32.85 9.46 -13.52
CA ASP A 316 -33.61 9.94 -12.36
C ASP A 316 -33.50 8.97 -11.18
N PHE A 317 -33.63 7.67 -11.44
CA PHE A 317 -33.48 6.68 -10.38
C PHE A 317 -32.03 6.57 -9.91
N ILE A 318 -31.10 6.42 -10.86
CA ILE A 318 -29.72 6.10 -10.51
C ILE A 318 -29.05 7.27 -9.79
N PHE A 319 -29.38 8.49 -10.17
CA PHE A 319 -28.79 9.69 -9.59
C PHE A 319 -29.70 10.36 -8.56
N SER A 320 -30.83 9.73 -8.22
CA SER A 320 -31.80 10.29 -7.28
C SER A 320 -32.18 11.71 -7.67
N ALA A 321 -32.64 11.88 -8.90
CA ALA A 321 -33.03 13.19 -9.39
C ALA A 321 -34.54 13.34 -9.34
N TRP A 322 -34.99 14.55 -9.04
CA TRP A 322 -36.39 14.94 -9.21
C TRP A 322 -37.34 14.03 -8.46
N GLY A 323 -36.92 13.54 -7.30
CA GLY A 323 -37.79 12.82 -6.40
C GLY A 323 -38.02 11.36 -6.75
N LYS A 324 -37.34 10.84 -7.79
CA LYS A 324 -37.55 9.47 -8.23
C LYS A 324 -36.93 8.50 -7.23
N THR A 325 -37.79 7.72 -6.56
CA THR A 325 -37.34 6.76 -5.56
C THR A 325 -37.86 5.35 -5.81
N ILE A 326 -38.36 5.08 -7.01
CA ILE A 326 -38.97 3.80 -7.35
C ILE A 326 -38.43 3.38 -8.70
N TRP A 327 -38.45 2.07 -8.94
CA TRP A 327 -38.05 1.54 -10.23
C TRP A 327 -38.67 0.16 -10.40
N GLY A 328 -39.19 -0.12 -11.59
CA GLY A 328 -39.68 -1.45 -11.90
C GLY A 328 -40.97 -1.54 -12.69
N SER A 329 -41.50 -0.42 -13.18
CA SER A 329 -42.69 -0.49 -14.01
C SER A 329 -42.38 -1.22 -15.32
N ASP A 330 -43.44 -1.58 -16.05
CA ASP A 330 -43.21 -2.22 -17.34
C ASP A 330 -42.51 -1.27 -18.30
N SER A 331 -42.79 0.03 -18.21
CA SER A 331 -42.09 0.98 -19.08
C SER A 331 -40.66 1.24 -18.63
N ASP A 332 -40.35 1.15 -17.32
CA ASP A 332 -38.94 1.19 -16.88
C ASP A 332 -38.16 0.03 -17.46
N LYS A 333 -38.77 -1.17 -17.46
CA LYS A 333 -38.09 -2.32 -18.00
C LYS A 333 -37.88 -2.19 -19.50
N SER A 334 -38.90 -1.72 -20.21
CA SER A 334 -38.77 -1.57 -21.66
C SER A 334 -37.76 -0.50 -22.03
N GLU A 335 -37.68 0.58 -21.25
CA GLU A 335 -36.68 1.62 -21.50
C GLU A 335 -35.28 1.05 -21.37
N LEU A 336 -35.04 0.22 -20.35
CA LEU A 336 -33.73 -0.38 -20.12
C LEU A 336 -33.40 -1.41 -21.20
N ASP A 337 -34.33 -2.34 -21.44
CA ASP A 337 -34.09 -3.35 -22.47
C ASP A 337 -33.88 -2.71 -23.84
N SER A 338 -34.57 -1.61 -24.13
CA SER A 338 -34.39 -0.94 -25.41
C SER A 338 -32.98 -0.36 -25.54
N THR A 339 -32.45 0.17 -24.45
CA THR A 339 -31.12 0.80 -24.50
C THR A 339 -30.04 -0.24 -24.78
N LEU A 340 -30.08 -1.36 -24.06
CA LEU A 340 -29.07 -2.40 -24.28
C LEU A 340 -29.26 -3.08 -25.64
N GLY A 341 -30.50 -3.25 -26.09
CA GLY A 341 -30.72 -3.95 -27.35
C GLY A 341 -30.35 -3.14 -28.57
N LEU A 342 -30.46 -1.81 -28.50
CA LEU A 342 -30.09 -0.99 -29.63
C LEU A 342 -28.57 -0.87 -29.76
N LEU A 343 -27.86 -0.94 -28.65
CA LEU A 343 -26.39 -1.04 -28.70
C LEU A 343 -25.96 -2.37 -29.32
N ARG A 344 -26.43 -3.48 -28.75
CA ARG A 344 -26.18 -4.78 -29.36
C ARG A 344 -26.63 -4.82 -30.82
N GLY A 345 -27.75 -4.15 -31.14
CA GLY A 345 -28.23 -4.13 -32.51
C GLY A 345 -27.26 -3.46 -33.48
N ASN A 346 -26.45 -2.53 -32.98
CA ASN A 346 -25.45 -1.84 -33.78
C ASN A 346 -24.11 -2.57 -33.83
N PHE A 347 -23.93 -3.63 -33.05
CA PHE A 347 -22.64 -4.28 -32.91
C PHE A 347 -22.85 -5.79 -32.79
N THR A 348 -23.42 -6.36 -33.84
CA THR A 348 -24.07 -7.67 -33.77
C THR A 348 -23.10 -8.76 -33.31
N ASP A 349 -21.88 -8.77 -33.83
CA ASP A 349 -20.95 -9.85 -33.54
C ASP A 349 -19.76 -9.40 -32.70
N VAL A 350 -19.89 -8.29 -31.99
CA VAL A 350 -18.78 -7.68 -31.27
C VAL A 350 -18.90 -8.01 -29.79
N PRO A 351 -17.85 -8.50 -29.15
CA PRO A 351 -17.90 -8.71 -27.68
C PRO A 351 -18.08 -7.38 -26.96
N ILE A 352 -18.99 -7.35 -25.99
CA ILE A 352 -19.37 -6.11 -25.35
C ILE A 352 -19.18 -6.25 -23.84
N VAL A 353 -18.36 -5.38 -23.27
CA VAL A 353 -18.14 -5.28 -21.85
C VAL A 353 -18.97 -4.12 -21.32
N LEU A 354 -19.78 -4.38 -20.30
CA LEU A 354 -20.43 -3.30 -19.55
C LEU A 354 -19.51 -2.96 -18.39
N GLY A 355 -18.69 -1.92 -18.57
CA GLY A 355 -17.56 -1.69 -17.67
C GLY A 355 -17.92 -1.07 -16.34
N GLU A 356 -19.04 -0.34 -16.26
CA GLU A 356 -19.55 0.24 -15.02
C GLU A 356 -21.08 0.26 -15.04
N PHE A 357 -21.66 -0.01 -13.88
CA PHE A 357 -23.07 0.18 -13.57
C PHE A 357 -23.16 0.16 -12.06
N ASP A 358 -24.21 0.81 -11.53
CA ASP A 358 -24.51 0.73 -10.10
C ASP A 358 -25.75 1.53 -9.73
N ALA A 359 -26.78 0.86 -9.22
CA ALA A 359 -27.77 1.53 -8.37
C ALA A 359 -27.20 1.42 -6.97
N SER A 360 -26.56 2.48 -6.51
CA SER A 360 -25.76 2.40 -5.29
C SER A 360 -26.66 2.22 -4.07
N PRO A 361 -26.28 1.36 -3.12
CA PRO A 361 -27.01 1.29 -1.84
C PRO A 361 -27.01 2.59 -1.07
N THR A 362 -26.18 3.56 -1.44
CA THR A 362 -26.09 4.80 -0.68
C THR A 362 -27.32 5.66 -0.87
N ASN A 363 -27.80 5.80 -2.12
CA ASN A 363 -28.90 6.70 -2.41
C ASN A 363 -30.17 6.04 -2.94
N THR A 364 -30.13 4.79 -3.42
CA THR A 364 -31.33 4.19 -4.02
C THR A 364 -32.09 3.34 -3.01
N GLU A 365 -33.41 3.21 -3.23
CA GLU A 365 -34.25 2.40 -2.35
C GLU A 365 -33.99 0.92 -2.65
N PRO A 366 -33.84 0.07 -1.61
CA PRO A 366 -33.35 -1.30 -1.87
C PRO A 366 -34.25 -2.17 -2.72
N ALA A 367 -35.57 -2.18 -2.49
CA ALA A 367 -36.44 -3.00 -3.32
C ALA A 367 -36.36 -2.56 -4.78
N ALA A 368 -36.38 -1.25 -5.03
CA ALA A 368 -36.21 -0.79 -6.40
C ALA A 368 -34.83 -1.13 -6.92
N ARG A 369 -33.82 -1.01 -6.05
CA ARG A 369 -32.44 -1.34 -6.39
C ARG A 369 -32.28 -2.80 -6.79
N TRP A 370 -32.88 -3.72 -6.02
CA TRP A 370 -32.74 -5.13 -6.33
C TRP A 370 -33.56 -5.51 -7.56
N LYS A 371 -34.70 -4.85 -7.79
CA LYS A 371 -35.40 -5.08 -9.04
C LYS A 371 -34.58 -4.58 -10.22
N TYR A 372 -33.89 -3.46 -10.03
CA TYR A 372 -33.12 -2.88 -11.13
C TYR A 372 -31.93 -3.75 -11.49
N HIS A 373 -31.16 -4.17 -10.48
CA HIS A 373 -30.00 -5.01 -10.73
C HIS A 373 -30.42 -6.37 -11.29
N ASP A 374 -31.48 -6.96 -10.75
CA ASP A 374 -31.97 -8.22 -11.31
C ASP A 374 -32.27 -8.09 -12.79
N TYR A 375 -33.01 -7.03 -13.17
CA TYR A 375 -33.44 -6.88 -14.56
C TYR A 375 -32.28 -6.47 -15.46
N LEU A 376 -31.34 -5.68 -14.94
CA LEU A 376 -30.13 -5.36 -15.71
C LEU A 376 -29.31 -6.61 -15.98
N ILE A 377 -29.14 -7.46 -14.96
CA ILE A 377 -28.40 -8.71 -15.17
C ILE A 377 -29.12 -9.60 -16.17
N ARG A 378 -30.45 -9.68 -16.07
CA ARG A 378 -31.21 -10.44 -17.04
C ARG A 378 -31.02 -9.90 -18.45
N SER A 379 -30.91 -8.57 -18.60
CA SER A 379 -30.75 -7.99 -19.93
C SER A 379 -29.35 -8.25 -20.49
N THR A 380 -28.31 -8.14 -19.64
CA THR A 380 -26.95 -8.42 -20.10
C THR A 380 -26.83 -9.87 -20.56
N LYS A 381 -27.57 -10.80 -19.94
CA LYS A 381 -27.60 -12.16 -20.47
C LYS A 381 -28.38 -12.24 -21.78
N LYS A 382 -29.45 -11.45 -21.92
CA LYS A 382 -30.23 -11.49 -23.15
C LYS A 382 -29.39 -11.01 -24.34
N TYR A 383 -28.60 -9.96 -24.14
CA TYR A 383 -27.81 -9.34 -25.20
C TYR A 383 -26.32 -9.68 -25.09
N ASN A 384 -25.97 -10.68 -24.28
CA ASN A 384 -24.62 -11.25 -24.26
C ASN A 384 -23.57 -10.20 -23.91
N MET A 385 -23.79 -9.48 -22.81
CA MET A 385 -22.85 -8.51 -22.30
C MET A 385 -22.31 -8.98 -20.95
N SER A 386 -21.04 -8.68 -20.69
CA SER A 386 -20.44 -9.03 -19.39
C SER A 386 -20.43 -7.80 -18.49
N PRO A 387 -21.10 -7.84 -17.34
CA PRO A 387 -21.22 -6.63 -16.52
C PRO A 387 -20.12 -6.53 -15.48
N ILE A 388 -19.74 -5.28 -15.21
CA ILE A 388 -18.74 -4.95 -14.19
C ILE A 388 -19.34 -3.86 -13.31
N ILE A 389 -19.52 -4.15 -12.01
CA ILE A 389 -20.22 -3.21 -11.15
C ILE A 389 -19.26 -2.14 -10.66
N TRP A 390 -19.74 -0.90 -10.58
CA TRP A 390 -18.96 0.19 -10.00
C TRP A 390 -19.10 0.18 -8.48
N ASP A 391 -17.98 0.36 -7.79
CA ASP A 391 -17.95 0.39 -6.33
C ASP A 391 -16.83 1.34 -5.95
N ASN A 392 -17.19 2.47 -5.34
CA ASN A 392 -16.23 3.53 -5.05
C ASN A 392 -15.55 3.35 -3.69
N GLY A 393 -15.74 2.21 -3.04
CA GLY A 393 -15.26 1.96 -1.70
C GLY A 393 -16.33 2.10 -0.64
N LEU A 394 -17.29 3.01 -0.84
CA LEU A 394 -18.41 3.21 0.08
C LEU A 394 -19.71 2.58 -0.42
N ASP A 395 -19.78 2.20 -1.70
CA ASP A 395 -21.01 1.64 -2.24
C ASP A 395 -21.24 0.23 -1.75
N HIS A 396 -20.26 -0.66 -1.95
CA HIS A 396 -20.50 -2.08 -1.70
C HIS A 396 -19.51 -2.71 -0.72
N LEU A 397 -18.31 -3.04 -1.18
CA LEU A 397 -17.38 -3.77 -0.33
C LEU A 397 -16.74 -2.81 0.66
N ASP A 398 -16.68 -3.25 1.93
CA ASP A 398 -15.90 -2.56 2.95
C ASP A 398 -14.56 -3.27 2.98
N ARG A 399 -13.53 -2.65 2.38
CA ARG A 399 -12.25 -3.30 2.22
C ARG A 399 -11.55 -3.59 3.54
N SER A 400 -11.94 -2.93 4.63
CA SER A 400 -11.30 -3.18 5.90
C SER A 400 -11.90 -4.38 6.64
N SER A 401 -13.12 -4.79 6.29
CA SER A 401 -13.76 -5.90 6.99
C SER A 401 -14.15 -7.06 6.09
N GLY A 402 -14.20 -6.86 4.78
CA GLY A 402 -14.68 -7.89 3.89
C GLY A 402 -16.19 -7.98 3.81
N ILE A 403 -16.91 -7.15 4.56
CA ILE A 403 -18.36 -7.13 4.51
C ILE A 403 -18.82 -6.36 3.29
N TRP A 404 -19.73 -6.95 2.52
CA TRP A 404 -20.44 -6.23 1.47
C TRP A 404 -21.67 -5.55 2.08
N ARG A 405 -21.80 -4.24 1.82
CA ARG A 405 -22.90 -3.50 2.45
C ARG A 405 -24.25 -3.96 1.94
N ASP A 406 -24.32 -4.38 0.68
CA ASP A 406 -25.55 -4.84 0.03
C ASP A 406 -25.28 -6.25 -0.48
N PRO A 407 -25.46 -7.28 0.34
CA PRO A 407 -25.15 -8.64 -0.11
C PRO A 407 -26.16 -9.19 -1.11
N VAL A 408 -27.37 -8.62 -1.17
CA VAL A 408 -28.38 -9.11 -2.11
C VAL A 408 -28.00 -8.76 -3.55
N SER A 409 -27.58 -7.51 -3.78
CA SER A 409 -27.11 -7.16 -5.13
C SER A 409 -25.94 -8.02 -5.57
N ILE A 410 -25.01 -8.31 -4.65
CA ILE A 410 -23.83 -9.08 -5.03
C ILE A 410 -24.24 -10.50 -5.44
N GLU A 411 -25.15 -11.12 -4.68
CA GLU A 411 -25.65 -12.43 -5.06
C GLU A 411 -26.34 -12.39 -6.42
N ILE A 412 -27.08 -11.32 -6.69
CA ILE A 412 -27.79 -11.18 -7.96
C ILE A 412 -26.79 -11.06 -9.10
N ILE A 413 -25.71 -10.31 -8.88
CA ILE A 413 -24.76 -10.04 -9.96
C ILE A 413 -23.84 -11.23 -10.18
N THR A 414 -23.61 -12.05 -9.16
CA THR A 414 -22.60 -13.10 -9.22
C THR A 414 -23.15 -14.48 -9.48
N ASN A 415 -24.48 -14.66 -9.49
CA ASN A 415 -25.09 -15.95 -9.79
C ASN A 415 -26.19 -15.71 -10.83
N GLY A 416 -25.76 -15.34 -12.04
CA GLY A 416 -26.67 -14.92 -13.09
C GLY A 416 -27.52 -16.02 -13.69
N ASN A 417 -27.19 -17.29 -13.45
CA ASN A 417 -27.99 -18.40 -13.91
C ASN A 417 -29.06 -18.82 -12.91
N GLU A 418 -29.32 -18.00 -11.89
CA GLU A 418 -30.32 -18.30 -10.88
C GLU A 418 -31.40 -17.25 -10.89
N THR A 419 -32.64 -17.67 -10.66
CA THR A 419 -33.79 -16.77 -10.69
C THR A 419 -34.13 -16.32 -9.26
N ASN A 420 -34.27 -15.02 -9.10
CA ASN A 420 -34.37 -14.37 -7.79
C ASN A 420 -35.80 -14.07 -7.42
N SER A 421 -36.18 -14.40 -6.19
CA SER A 421 -37.39 -13.89 -5.59
C SER A 421 -37.10 -12.52 -4.97
N LEU A 422 -37.95 -11.54 -5.26
CA LEU A 422 -37.62 -10.18 -4.88
C LEU A 422 -38.78 -9.54 -4.12
N PRO A 423 -38.49 -8.64 -3.19
CA PRO A 423 -39.56 -7.85 -2.57
C PRO A 423 -40.24 -6.96 -3.61
N ASP A 424 -41.56 -6.85 -3.51
CA ASP A 424 -42.26 -5.95 -4.41
C ASP A 424 -42.20 -4.52 -3.87
N SER A 425 -42.67 -3.58 -4.69
CA SER A 425 -42.61 -2.18 -4.34
C SER A 425 -43.48 -1.40 -5.30
N THR A 426 -43.83 -0.18 -4.89
CA THR A 426 -44.57 0.73 -5.75
C THR A 426 -43.72 1.10 -6.96
N VAL A 427 -44.28 0.93 -8.16
CA VAL A 427 -43.62 1.36 -9.38
C VAL A 427 -44.43 2.39 -10.14
N ASP A 428 -45.54 2.86 -9.58
CA ASP A 428 -46.53 3.69 -10.25
C ASP A 428 -46.30 5.14 -9.84
N THR A 429 -45.88 5.98 -10.80
CA THR A 429 -45.48 7.34 -10.46
C THR A 429 -46.65 8.24 -10.13
N SER A 430 -47.87 7.84 -10.45
CA SER A 430 -49.02 8.63 -10.04
C SER A 430 -49.58 8.20 -8.70
N ALA A 431 -49.06 7.12 -8.12
CA ALA A 431 -49.54 6.61 -6.84
C ALA A 431 -49.30 7.60 -5.72
N PRO A 432 -50.29 7.90 -4.87
CA PRO A 432 -50.11 8.87 -3.79
C PRO A 432 -49.37 8.34 -2.58
N SER A 433 -48.92 7.08 -2.60
CA SER A 433 -48.18 6.49 -1.50
C SER A 433 -47.18 5.48 -2.07
N GLN A 434 -46.03 5.36 -1.44
CA GLN A 434 -44.98 4.43 -1.89
C GLN A 434 -44.71 3.40 -0.82
N SER A 435 -44.74 2.13 -1.21
CA SER A 435 -44.49 0.99 -0.35
C SER A 435 -43.28 0.21 -0.85
N SER A 436 -42.68 -0.55 0.04
CA SER A 436 -41.53 -1.38 -0.29
C SER A 436 -41.50 -2.59 0.62
N SER A 437 -41.36 -3.78 0.04
CA SER A 437 -41.31 -4.99 0.85
C SER A 437 -39.90 -5.31 1.33
N ALA A 438 -38.94 -4.42 1.05
CA ALA A 438 -37.64 -4.45 1.68
C ALA A 438 -37.66 -3.83 3.08
N TYR A 439 -38.83 -3.44 3.58
CA TYR A 439 -38.93 -2.82 4.89
C TYR A 439 -40.17 -3.29 5.62
N ILE A 440 -40.08 -3.35 6.93
CA ILE A 440 -41.24 -3.35 7.81
C ILE A 440 -41.20 -2.03 8.57
N TYR A 441 -42.06 -1.10 8.18
CA TYR A 441 -42.11 0.21 8.79
C TYR A 441 -43.13 0.23 9.93
N HIS A 442 -42.78 0.95 11.01
CA HIS A 442 -43.72 1.19 12.09
C HIS A 442 -43.45 2.56 12.69
N LYS A 443 -44.48 3.41 12.73
CA LYS A 443 -44.35 4.77 13.25
C LYS A 443 -44.41 4.78 14.76
N VAL A 444 -43.61 5.66 15.39
CA VAL A 444 -43.71 5.86 16.83
C VAL A 444 -45.06 6.48 17.16
N GLY A 445 -45.67 6.00 18.26
CA GLY A 445 -46.97 6.46 18.64
C GLY A 445 -48.14 5.80 17.93
N THR A 446 -47.91 4.75 17.17
CA THR A 446 -48.98 3.98 16.56
C THR A 446 -48.92 2.56 17.11
N GLU A 447 -50.05 1.86 17.05
CA GLU A 447 -50.10 0.50 17.57
C GLU A 447 -49.35 -0.45 16.64
N VAL A 448 -48.99 -1.61 17.18
CA VAL A 448 -48.30 -2.64 16.42
C VAL A 448 -49.34 -3.51 15.73
N THR A 449 -49.27 -3.60 14.41
CA THR A 449 -50.26 -4.33 13.63
C THR A 449 -49.57 -5.34 12.71
N ASP A 450 -50.36 -6.28 12.20
CA ASP A 450 -49.87 -7.20 11.19
C ASP A 450 -49.36 -6.43 9.99
N GLN A 451 -48.27 -6.91 9.42
CA GLN A 451 -47.71 -6.35 8.19
C GLN A 451 -47.66 -7.44 7.13
N THR A 452 -48.34 -7.19 6.01
CA THR A 452 -48.28 -8.09 4.86
C THR A 452 -47.34 -7.48 3.82
N LEU A 453 -46.32 -8.24 3.43
CA LEU A 453 -45.35 -7.77 2.45
C LEU A 453 -45.51 -8.56 1.16
N PRO A 454 -45.90 -7.95 0.05
CA PRO A 454 -45.97 -8.69 -1.23
C PRO A 454 -44.58 -8.91 -1.82
N PHE A 455 -44.32 -10.14 -2.23
CA PHE A 455 -43.05 -10.52 -2.85
C PHE A 455 -43.29 -11.04 -4.26
N ILE A 456 -42.26 -10.95 -5.08
CA ILE A 456 -42.25 -11.52 -6.43
C ILE A 456 -41.53 -12.86 -6.31
N PHE A 457 -42.28 -13.96 -6.25
CA PHE A 457 -41.68 -15.26 -5.95
C PHE A 457 -40.93 -15.84 -7.14
N ASN A 458 -41.43 -15.64 -8.36
CA ASN A 458 -40.78 -16.11 -9.58
C ASN A 458 -40.56 -17.63 -9.54
N ASP A 459 -41.56 -18.36 -9.04
CA ASP A 459 -41.60 -19.81 -8.94
C ASP A 459 -40.62 -20.40 -7.94
N ASN A 460 -40.02 -19.59 -7.08
CA ASN A 460 -39.27 -20.11 -5.95
C ASN A 460 -40.19 -20.22 -4.74
N THR A 461 -39.90 -21.17 -3.87
CA THR A 461 -40.59 -21.27 -2.60
C THR A 461 -39.71 -20.73 -1.48
N LEU A 462 -40.35 -20.23 -0.43
CA LEU A 462 -39.63 -19.70 0.72
C LEU A 462 -39.20 -20.85 1.63
N VAL A 463 -37.91 -20.89 1.96
CA VAL A 463 -37.34 -21.97 2.77
C VAL A 463 -37.27 -21.57 4.25
N SER A 464 -36.67 -20.43 4.56
CA SER A 464 -36.55 -20.02 5.95
C SER A 464 -36.31 -18.51 6.01
N ILE A 465 -36.58 -17.95 7.19
CA ILE A 465 -36.27 -16.56 7.50
C ILE A 465 -35.45 -16.54 8.78
N GLN A 466 -34.38 -15.75 8.79
CA GLN A 466 -33.48 -15.62 9.93
C GLN A 466 -33.17 -14.17 10.18
N ASP A 467 -33.27 -13.72 11.45
CA ASP A 467 -33.00 -12.31 11.73
C ASP A 467 -31.51 -12.08 11.97
N SER A 468 -31.13 -10.80 12.00
CA SER A 468 -29.72 -10.44 12.11
C SER A 468 -29.15 -10.65 13.50
N LYS A 469 -29.91 -11.24 14.43
CA LYS A 469 -29.34 -11.72 15.68
C LYS A 469 -29.06 -13.21 15.66
N GLY A 470 -29.45 -13.91 14.59
CA GLY A 470 -29.27 -15.34 14.48
C GLY A 470 -30.52 -16.17 14.70
N THR A 471 -31.65 -15.54 15.00
CA THR A 471 -32.90 -16.27 15.27
C THR A 471 -33.56 -16.66 13.97
N THR A 472 -33.78 -17.95 13.77
CA THR A 472 -34.64 -18.41 12.69
C THR A 472 -36.10 -18.28 13.10
N LEU A 473 -36.91 -17.66 12.25
CA LEU A 473 -38.32 -17.49 12.55
C LEU A 473 -39.07 -18.80 12.38
N LYS A 474 -40.07 -19.01 13.24
CA LYS A 474 -40.89 -20.22 13.19
C LYS A 474 -41.95 -20.06 12.10
N ALA A 475 -41.87 -20.90 11.06
CA ALA A 475 -42.83 -20.82 9.96
C ALA A 475 -44.25 -21.09 10.46
N ASP A 476 -45.19 -20.31 9.94
CA ASP A 476 -46.61 -20.39 10.25
C ASP A 476 -46.92 -20.01 11.70
N THR A 477 -45.94 -19.48 12.43
CA THR A 477 -46.17 -18.81 13.71
C THR A 477 -45.63 -17.38 13.68
N ASP A 478 -44.35 -17.19 13.40
CA ASP A 478 -43.79 -15.84 13.26
C ASP A 478 -44.12 -15.20 11.93
N TYR A 479 -44.53 -15.99 10.94
CA TYR A 479 -44.86 -15.47 9.62
C TYR A 479 -45.63 -16.53 8.87
N THR A 480 -46.48 -16.09 7.95
CA THR A 480 -47.22 -17.00 7.08
C THR A 480 -47.15 -16.51 5.64
N VAL A 481 -47.22 -17.46 4.72
CA VAL A 481 -47.16 -17.17 3.29
C VAL A 481 -48.52 -17.48 2.67
N SER A 482 -49.05 -16.53 1.90
CA SER A 482 -50.29 -16.75 1.15
C SER A 482 -50.07 -16.18 -0.24
N GLY A 483 -49.94 -17.05 -1.23
CA GLY A 483 -49.61 -16.61 -2.57
C GLY A 483 -48.27 -15.93 -2.60
N SER A 484 -48.26 -14.66 -3.03
CA SER A 484 -47.06 -13.84 -3.03
C SER A 484 -46.90 -13.03 -1.76
N ASN A 485 -47.82 -13.17 -0.82
CA ASN A 485 -47.80 -12.40 0.42
C ASN A 485 -47.02 -13.13 1.50
N ILE A 486 -46.24 -12.37 2.27
CA ILE A 486 -45.65 -12.86 3.51
C ILE A 486 -46.15 -11.97 4.63
N THR A 487 -46.93 -12.55 5.55
CA THR A 487 -47.55 -11.81 6.65
C THR A 487 -46.79 -12.05 7.95
N PHE A 488 -46.55 -10.97 8.69
CA PHE A 488 -45.94 -11.04 10.00
C PHE A 488 -46.95 -10.59 11.04
N PRO A 489 -47.35 -11.45 11.97
CA PRO A 489 -48.42 -11.08 12.91
C PRO A 489 -47.95 -10.02 13.87
N ALA A 490 -48.92 -9.27 14.40
CA ALA A 490 -48.62 -8.22 15.36
C ALA A 490 -47.95 -8.77 16.61
N SER A 491 -48.38 -9.95 17.07
CA SER A 491 -47.80 -10.57 18.25
C SER A 491 -46.31 -10.84 18.06
N PHE A 492 -45.90 -11.21 16.85
CA PHE A 492 -44.49 -11.44 16.61
C PHE A 492 -43.72 -10.14 16.44
N LEU A 493 -44.28 -9.20 15.67
CA LEU A 493 -43.59 -7.94 15.41
C LEU A 493 -43.39 -7.14 16.69
N SER A 494 -44.33 -7.23 17.63
CA SER A 494 -44.22 -6.47 18.86
C SER A 494 -43.13 -7.01 19.78
N THR A 495 -42.48 -8.12 19.44
CA THR A 495 -41.29 -8.49 20.18
C THR A 495 -40.04 -7.75 19.71
N TYR A 496 -40.15 -7.01 18.61
CA TYR A 496 -39.05 -6.19 18.09
C TYR A 496 -39.24 -4.71 18.33
N TYR A 497 -40.47 -4.24 18.46
CA TYR A 497 -40.74 -2.83 18.71
C TYR A 497 -42.10 -2.71 19.36
N SER A 498 -42.40 -1.51 19.86
CA SER A 498 -43.64 -1.23 20.56
C SER A 498 -44.15 0.13 20.11
N GLU A 499 -45.21 0.61 20.75
CA GLU A 499 -45.74 1.94 20.44
C GLU A 499 -44.71 3.03 20.75
N THR A 500 -43.92 2.85 21.81
CA THR A 500 -43.06 3.91 22.33
C THR A 500 -41.57 3.61 22.20
N SER A 501 -41.19 2.54 21.52
CA SER A 501 -39.79 2.18 21.39
C SER A 501 -39.05 3.22 20.55
N GLU A 502 -37.72 3.28 20.76
CA GLU A 502 -36.91 4.33 20.17
C GLU A 502 -36.86 4.18 18.65
N PRO A 503 -36.88 5.28 17.91
CA PRO A 503 -36.79 5.19 16.45
C PRO A 503 -35.37 4.88 16.00
N GLY A 504 -35.27 4.14 14.92
CA GLY A 504 -34.00 3.81 14.32
C GLY A 504 -34.08 2.48 13.60
N LEU A 505 -32.90 1.97 13.23
CA LEU A 505 -32.80 0.69 12.55
C LEU A 505 -32.81 -0.44 13.55
N LEU A 506 -33.67 -1.41 13.33
CA LEU A 506 -33.86 -2.55 14.21
C LEU A 506 -33.20 -3.75 13.52
N PRO A 507 -33.33 -4.98 14.02
CA PRO A 507 -32.82 -6.13 13.24
C PRO A 507 -33.49 -6.22 11.88
N ASN A 508 -32.83 -6.93 10.96
CA ASN A 508 -33.43 -7.24 9.67
C ASN A 508 -33.62 -8.75 9.53
N PHE A 509 -34.42 -9.13 8.54
CA PHE A 509 -34.74 -10.53 8.25
C PHE A 509 -34.12 -10.90 6.92
N THR A 510 -33.43 -12.04 6.89
CA THR A 510 -32.87 -12.57 5.66
C THR A 510 -33.69 -13.79 5.25
N LEU A 511 -34.24 -13.74 4.04
CA LEU A 511 -35.20 -14.73 3.57
C LEU A 511 -34.48 -15.68 2.61
N LYS A 512 -34.56 -16.97 2.89
CA LYS A 512 -33.92 -17.99 2.08
C LYS A 512 -34.98 -18.62 1.19
N PHE A 513 -34.75 -18.61 -0.12
CA PHE A 513 -35.65 -19.19 -1.10
C PHE A 513 -35.03 -20.45 -1.69
N SER A 514 -35.81 -21.12 -2.55
CA SER A 514 -35.34 -22.36 -3.17
C SER A 514 -34.09 -22.13 -4.01
N SER A 515 -33.90 -20.91 -4.51
CA SER A 515 -32.75 -20.56 -5.32
C SER A 515 -32.71 -19.04 -5.44
N GLY A 516 -31.62 -18.54 -6.02
CA GLY A 516 -31.46 -17.11 -6.20
C GLY A 516 -31.02 -16.40 -4.93
N ALA A 517 -30.93 -15.08 -5.04
CA ALA A 517 -30.48 -14.25 -3.94
C ALA A 517 -31.42 -14.37 -2.74
N SER A 518 -30.86 -14.12 -1.55
CA SER A 518 -31.61 -14.11 -0.29
C SER A 518 -31.86 -12.68 0.13
N PRO A 519 -33.03 -12.13 -0.16
CA PRO A 519 -33.25 -10.70 0.09
C PRO A 519 -33.44 -10.41 1.58
N VAL A 520 -33.34 -9.12 1.90
CA VAL A 520 -33.31 -8.65 3.28
C VAL A 520 -34.45 -7.67 3.49
N VAL A 521 -35.29 -7.96 4.48
CA VAL A 521 -36.33 -7.05 4.97
C VAL A 521 -35.81 -6.35 6.22
N GLN A 522 -35.88 -5.02 6.24
CA GLN A 522 -35.27 -4.21 7.30
C GLN A 522 -36.35 -3.59 8.19
N LEU A 523 -36.34 -3.93 9.47
CA LEU A 523 -37.30 -3.34 10.41
C LEU A 523 -36.86 -1.93 10.77
N VAL A 524 -37.73 -0.97 10.54
CA VAL A 524 -37.46 0.44 10.80
C VAL A 524 -38.56 0.98 11.70
N GLN A 525 -38.19 1.46 12.89
CA GLN A 525 -39.09 2.24 13.73
C GLN A 525 -38.85 3.72 13.42
N TRP A 526 -39.85 4.40 12.90
CA TRP A 526 -39.64 5.74 12.38
C TRP A 526 -40.57 6.76 13.01
N ASP A 527 -40.22 8.03 12.82
CA ASP A 527 -41.03 9.16 13.22
C ASP A 527 -40.61 10.34 12.35
N THR A 528 -41.36 11.42 12.42
CA THR A 528 -41.00 12.60 11.64
C THR A 528 -39.73 13.22 12.19
N PRO A 529 -38.67 13.40 11.39
CA PRO A 529 -37.45 14.02 11.92
C PRO A 529 -37.66 15.49 12.26
N THR A 530 -36.78 16.00 13.13
CA THR A 530 -36.75 17.41 13.49
C THR A 530 -35.42 18.01 13.10
N LEU A 531 -35.41 19.32 12.87
CA LEU A 531 -34.20 20.06 12.49
C LEU A 531 -33.86 21.08 13.57
N SER A 532 -32.57 21.37 13.72
CA SER A 532 -32.13 22.35 14.70
C SER A 532 -32.52 23.77 14.30
N LYS A 533 -32.77 24.00 13.02
CA LYS A 533 -33.20 25.29 12.49
C LYS A 533 -34.37 25.05 11.57
N THR A 534 -35.37 25.93 11.64
CA THR A 534 -36.50 25.87 10.73
C THR A 534 -36.47 26.95 9.66
N SER A 535 -35.64 27.97 9.82
CA SER A 535 -35.49 29.01 8.80
C SER A 535 -34.12 29.66 8.98
N ALA A 536 -33.71 30.43 7.97
CA ALA A 536 -32.48 31.20 8.01
C ALA A 536 -32.47 32.16 6.83
N ALA A 537 -31.83 33.31 7.03
CA ALA A 537 -31.63 34.24 5.93
C ALA A 537 -30.62 33.68 4.95
N ALA A 538 -30.90 33.84 3.65
CA ALA A 538 -29.97 33.34 2.64
C ALA A 538 -28.61 33.99 2.76
N SER A 539 -28.57 35.27 3.10
CA SER A 539 -27.31 36.00 3.18
C SER A 539 -26.50 35.68 4.43
N SER A 540 -27.03 34.86 5.33
CA SER A 540 -26.33 34.53 6.57
C SER A 540 -25.68 33.15 6.55
N ILE A 541 -25.98 32.33 5.55
CA ILE A 541 -25.53 30.95 5.57
C ILE A 541 -24.66 30.69 4.34
N SER A 542 -24.15 31.77 3.76
CA SER A 542 -23.73 31.74 2.37
C SER A 542 -22.21 31.66 2.24
N GLY A 543 -21.78 31.33 1.03
CA GLY A 543 -20.40 31.00 0.75
C GLY A 543 -20.26 29.52 0.46
N SER A 544 -20.79 28.68 1.35
CA SER A 544 -20.56 27.24 1.30
C SER A 544 -21.89 26.50 1.25
N ASP A 545 -21.79 25.18 1.30
CA ASP A 545 -22.97 24.35 1.49
C ASP A 545 -23.61 24.69 2.83
N LEU A 546 -24.91 24.49 2.91
CA LEU A 546 -25.65 24.70 4.16
C LEU A 546 -25.87 23.34 4.80
N SER A 547 -25.22 23.12 5.94
CA SER A 547 -25.46 21.95 6.78
C SER A 547 -26.47 22.32 7.87
N ILE A 548 -27.57 21.58 7.92
CA ILE A 548 -28.59 21.78 8.95
C ILE A 548 -28.62 20.53 9.83
N PRO A 549 -28.18 20.60 11.10
CA PRO A 549 -28.18 19.39 11.94
C PRO A 549 -29.58 18.83 12.08
N ILE A 550 -29.68 17.51 12.14
CA ILE A 550 -30.96 16.84 12.08
C ILE A 550 -30.96 15.72 13.12
N THR A 551 -32.14 15.48 13.68
CA THR A 551 -32.38 14.29 14.50
C THR A 551 -33.08 13.29 13.59
N TRP A 552 -32.33 12.33 13.08
CA TRP A 552 -32.91 11.24 12.31
C TRP A 552 -33.83 10.42 13.21
N LYS A 553 -34.96 10.00 12.67
CA LYS A 553 -35.91 9.16 13.40
C LYS A 553 -36.29 8.00 12.48
N GLY A 554 -35.47 6.94 12.52
CA GLY A 554 -35.67 5.82 11.63
C GLY A 554 -34.50 5.60 10.68
N LEU A 555 -34.77 5.62 9.39
CA LEU A 555 -33.73 5.44 8.39
C LEU A 555 -32.93 6.73 8.27
N PRO A 556 -31.57 6.71 8.55
CA PRO A 556 -30.74 7.92 8.46
C PRO A 556 -30.38 8.28 7.02
N LYS A 557 -31.39 8.29 6.15
CA LYS A 557 -31.23 8.62 4.74
C LYS A 557 -32.26 9.65 4.32
N LEU A 558 -31.84 10.56 3.45
CA LEU A 558 -32.76 11.51 2.83
C LEU A 558 -33.30 10.92 1.53
N ALA A 559 -34.61 11.04 1.33
CA ALA A 559 -35.26 10.52 0.13
C ALA A 559 -35.26 11.52 -1.01
N THR A 560 -35.60 12.78 -0.75
CA THR A 560 -35.49 13.85 -1.74
C THR A 560 -35.80 15.15 -1.00
N VAL A 561 -35.70 16.27 -1.72
CA VAL A 561 -36.02 17.59 -1.18
C VAL A 561 -36.93 18.29 -2.17
N LYS A 562 -38.09 18.77 -1.70
CA LYS A 562 -38.94 19.63 -2.50
C LYS A 562 -38.48 21.08 -2.29
N ALA A 563 -38.59 21.89 -3.34
CA ALA A 563 -38.17 23.28 -3.25
C ALA A 563 -39.16 24.14 -4.05
N LEU A 564 -39.94 24.95 -3.34
CA LEU A 564 -40.93 25.82 -3.93
C LEU A 564 -40.66 27.26 -3.53
N LEU A 565 -40.69 28.17 -4.49
CA LEU A 565 -40.67 29.58 -4.18
C LEU A 565 -41.96 29.99 -3.46
N ASN A 566 -41.96 31.21 -2.95
CA ASN A 566 -43.10 31.70 -2.19
C ASN A 566 -44.32 31.89 -3.09
N ASN A 567 -44.14 32.32 -4.34
CA ASN A 567 -45.26 32.56 -5.23
C ASN A 567 -45.75 31.28 -5.94
N GLY A 568 -45.18 30.12 -5.64
CA GLY A 568 -45.62 28.87 -6.21
C GLY A 568 -44.72 28.31 -7.29
N THR A 569 -43.84 29.12 -7.86
CA THR A 569 -42.89 28.63 -8.88
C THR A 569 -41.88 27.68 -8.26
N TYR A 570 -41.49 26.66 -9.01
CA TYR A 570 -40.44 25.76 -8.57
C TYR A 570 -39.10 26.49 -8.53
N LEU A 571 -38.25 26.09 -7.59
CA LEU A 571 -36.93 26.71 -7.51
C LEU A 571 -36.13 26.37 -8.76
N VAL A 572 -36.08 25.08 -9.12
CA VAL A 572 -35.38 24.62 -10.33
C VAL A 572 -36.22 23.56 -11.04
N ASP A 573 -35.93 23.41 -12.34
CA ASP A 573 -36.43 22.29 -13.15
C ASP A 573 -37.97 22.23 -13.16
N ASP A 574 -38.56 23.19 -13.87
CA ASP A 574 -39.99 23.27 -14.17
C ASP A 574 -40.61 21.93 -14.54
N PHE A 575 -39.90 21.16 -15.37
CA PHE A 575 -40.47 19.98 -16.01
C PHE A 575 -40.87 18.89 -15.02
N THR A 576 -40.51 19.02 -13.74
CA THR A 576 -40.93 18.04 -12.75
C THR A 576 -42.42 18.10 -12.42
N GLN A 577 -43.14 19.13 -12.91
CA GLN A 577 -44.59 19.18 -12.74
C GLN A 577 -45.28 17.96 -13.34
N TRP A 578 -44.61 17.24 -14.25
CA TRP A 578 -45.17 16.06 -14.90
C TRP A 578 -44.73 14.76 -14.23
N PHE A 579 -44.12 14.84 -13.04
CA PHE A 579 -43.49 13.68 -12.40
C PHE A 579 -44.29 13.12 -11.23
N GLY A 580 -45.55 13.52 -11.08
CA GLY A 580 -46.42 12.90 -10.10
C GLY A 580 -46.27 13.48 -8.71
N PRO A 581 -47.11 12.97 -7.78
CA PRO A 581 -47.13 13.54 -6.41
C PRO A 581 -45.78 13.55 -5.71
N PHE A 582 -44.87 12.63 -6.05
CA PHE A 582 -43.61 12.54 -5.33
C PHE A 582 -42.44 13.12 -6.11
N GLY A 583 -42.70 13.65 -7.29
CA GLY A 583 -41.67 14.18 -8.18
C GLY A 583 -41.83 15.66 -8.46
N GLU A 584 -43.06 16.19 -8.35
CA GLU A 584 -43.27 17.60 -8.68
C GLU A 584 -42.49 18.50 -7.73
N ALA A 585 -41.66 19.38 -8.31
CA ALA A 585 -40.85 20.37 -7.62
C ALA A 585 -39.70 19.77 -6.83
N ARG A 586 -39.40 18.49 -7.02
CA ARG A 586 -38.31 17.90 -6.27
C ARG A 586 -36.98 18.18 -6.98
N THR A 587 -35.91 18.14 -6.20
CA THR A 587 -34.57 18.50 -6.67
C THR A 587 -33.67 17.27 -6.61
N THR A 588 -32.39 17.47 -6.91
CA THR A 588 -31.51 16.36 -7.25
C THR A 588 -30.37 16.20 -6.24
N TYR A 589 -30.19 14.95 -5.79
CA TYR A 589 -29.06 14.53 -4.98
C TYR A 589 -27.74 15.07 -5.51
N SER A 590 -26.92 15.59 -4.58
CA SER A 590 -25.54 16.03 -4.84
C SER A 590 -25.51 17.38 -5.56
N ASN A 591 -26.29 17.53 -6.64
CA ASN A 591 -26.46 18.84 -7.27
C ASN A 591 -27.05 19.85 -6.29
N GLN A 592 -28.17 19.49 -5.66
CA GLN A 592 -28.96 20.37 -4.80
C GLN A 592 -28.95 19.99 -3.33
N TRP A 593 -29.00 18.70 -2.99
CA TRP A 593 -29.13 18.29 -1.60
C TRP A 593 -28.24 17.09 -1.33
N ASN A 594 -27.96 16.88 -0.05
CA ASN A 594 -27.12 15.78 0.40
C ASN A 594 -27.36 15.62 1.90
N TRP A 595 -26.67 14.66 2.51
CA TRP A 595 -26.85 14.41 3.93
C TRP A 595 -25.60 13.73 4.45
N ASP A 596 -25.44 13.72 5.76
CA ASP A 596 -24.37 12.95 6.38
C ASP A 596 -24.90 12.42 7.72
N ASP A 597 -23.98 11.97 8.59
CA ASP A 597 -24.40 11.31 9.82
C ASP A 597 -25.25 12.23 10.70
N LYS A 598 -25.00 13.53 10.64
CA LYS A 598 -25.57 14.49 11.58
C LYS A 598 -26.34 15.62 10.92
N ASN A 599 -26.41 15.68 9.59
CA ASN A 599 -26.94 16.85 8.91
C ASN A 599 -27.71 16.46 7.66
N VAL A 600 -28.66 17.32 7.29
CA VAL A 600 -29.13 17.42 5.92
C VAL A 600 -28.47 18.66 5.31
N ILE A 601 -28.22 18.62 4.00
CA ILE A 601 -27.36 19.59 3.34
C ILE A 601 -28.08 20.17 2.13
N LEU A 602 -28.06 21.50 2.01
CA LEU A 602 -28.42 22.20 0.79
C LEU A 602 -27.12 22.78 0.20
N THR A 603 -26.82 22.43 -1.04
CA THR A 603 -25.56 22.83 -1.64
C THR A 603 -25.51 24.34 -1.87
N GLN A 604 -24.28 24.84 -2.06
CA GLN A 604 -24.09 26.27 -2.29
C GLN A 604 -24.89 26.76 -3.48
N ALA A 605 -25.03 25.93 -4.52
CA ALA A 605 -25.76 26.34 -5.71
C ALA A 605 -27.26 26.46 -5.43
N THR A 606 -27.79 25.61 -4.55
CA THR A 606 -29.18 25.75 -4.14
C THR A 606 -29.42 27.07 -3.43
N VAL A 607 -28.50 27.45 -2.53
CA VAL A 607 -28.62 28.72 -1.83
C VAL A 607 -28.57 29.87 -2.83
N GLU A 608 -27.59 29.83 -3.75
CA GLU A 608 -27.46 30.90 -4.72
C GLU A 608 -28.65 30.96 -5.67
N ALA A 609 -29.33 29.83 -5.88
CA ALA A 609 -30.53 29.84 -6.70
C ALA A 609 -31.69 30.54 -5.98
N VAL A 610 -31.73 30.48 -4.64
CA VAL A 610 -32.74 31.20 -3.89
C VAL A 610 -32.47 32.70 -3.94
N VAL A 611 -31.22 33.11 -3.69
CA VAL A 611 -30.84 34.52 -3.74
C VAL A 611 -31.20 35.12 -5.09
N ALA A 612 -30.99 34.36 -6.17
CA ALA A 612 -31.29 34.88 -7.50
C ALA A 612 -32.79 35.01 -7.72
N ALA A 613 -33.57 34.02 -7.28
CA ALA A 613 -35.03 34.11 -7.38
C ALA A 613 -35.58 35.29 -6.60
N GLY A 614 -34.86 35.75 -5.58
CA GLY A 614 -35.28 36.91 -4.82
C GLY A 614 -36.51 36.66 -3.96
N GLN A 615 -36.70 35.44 -3.48
CA GLN A 615 -37.96 35.04 -2.90
C GLN A 615 -37.74 33.95 -1.88
N ASP A 616 -38.42 34.07 -0.74
CA ASP A 616 -38.40 33.01 0.27
C ASP A 616 -38.75 31.68 -0.39
N THR A 617 -37.99 30.65 -0.02
CA THR A 617 -38.12 29.33 -0.61
C THR A 617 -38.27 28.31 0.49
N VAL A 618 -39.30 27.48 0.40
CA VAL A 618 -39.51 26.42 1.38
C VAL A 618 -38.88 25.14 0.85
N PHE A 619 -38.03 24.53 1.67
CA PHE A 619 -37.42 23.25 1.36
C PHE A 619 -38.06 22.19 2.24
N THR A 620 -38.69 21.20 1.62
CA THR A 620 -39.31 20.10 2.34
C THR A 620 -38.39 18.89 2.24
N PHE A 621 -37.70 18.58 3.32
CA PHE A 621 -36.90 17.36 3.38
C PHE A 621 -37.83 16.17 3.55
N GLU A 622 -37.66 15.15 2.71
CA GLU A 622 -38.57 14.01 2.72
C GLU A 622 -37.79 12.74 3.02
N PHE A 623 -38.45 11.81 3.73
CA PHE A 623 -37.76 10.65 4.27
C PHE A 623 -38.57 9.40 3.96
N PHE A 624 -37.96 8.25 4.22
CA PHE A 624 -38.67 6.97 4.09
C PHE A 624 -39.28 6.57 5.42
N PRO A 625 -40.47 5.96 5.43
CA PRO A 625 -41.33 5.67 4.28
C PRO A 625 -41.95 6.93 3.69
N ARG A 626 -42.06 7.02 2.37
CA ARG A 626 -42.84 8.08 1.72
C ARG A 626 -44.32 7.66 1.70
N VAL A 627 -44.92 7.68 2.90
CA VAL A 627 -46.32 7.27 3.04
C VAL A 627 -47.24 8.24 2.33
N ASP A 628 -46.85 9.51 2.27
CA ASP A 628 -47.57 10.55 1.57
C ASP A 628 -46.57 11.67 1.30
N THR A 629 -47.06 12.82 0.86
CA THR A 629 -46.15 13.92 0.58
C THR A 629 -45.90 14.84 1.77
N THR A 630 -46.49 14.57 2.97
CA THR A 630 -46.37 15.57 4.03
C THR A 630 -45.96 15.01 5.38
N THR A 631 -46.52 13.86 5.80
CA THR A 631 -46.32 13.38 7.16
C THR A 631 -44.85 13.25 7.52
N ASN A 632 -44.12 12.41 6.81
CA ASN A 632 -42.72 12.10 7.15
C ASN A 632 -41.78 13.07 6.45
N THR A 633 -42.00 14.37 6.67
CA THR A 633 -41.18 15.40 6.08
C THR A 633 -40.97 16.50 7.11
N VAL A 634 -40.01 17.38 6.84
CA VAL A 634 -39.77 18.53 7.70
C VAL A 634 -39.31 19.70 6.85
N ASN A 635 -39.83 20.88 7.15
CA ASN A 635 -39.62 22.08 6.35
C ASN A 635 -38.44 22.89 6.86
N PHE A 636 -37.68 23.45 5.93
CA PHE A 636 -36.73 24.52 6.20
C PHE A 636 -36.95 25.64 5.19
N THR A 637 -37.06 26.87 5.68
CA THR A 637 -37.31 28.03 4.83
C THR A 637 -36.06 28.89 4.73
N LEU A 638 -35.63 29.17 3.51
CA LEU A 638 -34.55 30.12 3.24
C LEU A 638 -35.19 31.45 2.85
N THR A 639 -34.96 32.48 3.66
CA THR A 639 -35.62 33.76 3.46
C THR A 639 -34.72 34.72 2.69
N VAL A 640 -35.30 35.83 2.26
CA VAL A 640 -34.56 36.79 1.44
C VAL A 640 -34.87 38.22 1.89
N SER B 91 -8.42 15.84 24.82
CA SER B 91 -7.98 14.54 25.33
C SER B 91 -8.78 13.43 24.69
N ALA B 92 -8.10 12.47 24.09
CA ALA B 92 -8.77 11.39 23.40
C ALA B 92 -9.48 10.47 24.39
N ASN B 93 -10.59 9.89 23.94
CA ASN B 93 -11.34 8.92 24.72
C ASN B 93 -11.33 7.59 23.99
N CYS B 94 -10.95 6.53 24.69
CA CYS B 94 -10.91 5.19 24.13
C CYS B 94 -12.04 4.36 24.75
N THR B 95 -12.56 3.42 23.96
CA THR B 95 -13.66 2.58 24.42
C THR B 95 -13.21 1.19 24.85
N GLY B 96 -12.11 0.68 24.30
CA GLY B 96 -11.68 -0.66 24.64
C GLY B 96 -11.10 -0.78 26.03
N SER B 97 -10.19 -1.74 26.20
CA SER B 97 -9.42 -1.89 27.43
C SER B 97 -7.96 -2.03 27.05
N PHE B 98 -7.08 -1.67 28.00
CA PHE B 98 -5.65 -1.59 27.78
C PHE B 98 -4.96 -2.43 28.85
N ASP B 99 -4.24 -3.47 28.42
CA ASP B 99 -3.52 -4.36 29.33
C ASP B 99 -2.16 -3.74 29.60
N ALA B 100 -2.06 -2.97 30.69
CA ALA B 100 -0.80 -2.29 30.99
C ALA B 100 0.34 -3.29 31.12
N ILE B 101 1.51 -2.91 30.65
CA ILE B 101 2.67 -3.79 30.71
C ILE B 101 3.88 -2.96 31.13
N SER B 102 4.74 -3.56 31.94
CA SER B 102 5.94 -2.88 32.42
C SER B 102 6.97 -2.76 31.29
N ALA B 103 7.86 -1.78 31.44
CA ALA B 103 8.91 -1.60 30.44
C ALA B 103 9.84 -2.80 30.40
N SER B 104 10.10 -3.42 31.55
CA SER B 104 10.91 -4.63 31.57
C SER B 104 10.25 -5.75 30.76
N ASP B 105 8.97 -6.02 31.01
CA ASP B 105 8.27 -7.09 30.30
C ASP B 105 8.14 -6.78 28.81
N PHE B 106 7.89 -5.52 28.46
CA PHE B 106 7.81 -5.14 27.06
C PHE B 106 9.14 -5.40 26.34
N VAL B 107 10.23 -4.89 26.91
CA VAL B 107 11.54 -5.08 26.28
C VAL B 107 11.86 -6.56 26.17
N ALA B 108 11.53 -7.32 27.21
CA ALA B 108 11.73 -8.77 27.13
C ALA B 108 10.90 -9.37 25.98
N ASN B 109 9.66 -8.91 25.81
CA ASN B 109 8.77 -9.54 24.84
C ASN B 109 9.07 -9.16 23.39
N ILE B 110 9.78 -8.06 23.13
CA ILE B 110 10.07 -7.68 21.73
C ILE B 110 11.29 -8.38 21.17
N ASN B 111 12.00 -9.15 21.98
CA ASN B 111 13.27 -9.74 21.58
C ASN B 111 13.02 -10.96 20.69
N PRO B 112 13.52 -10.98 19.43
CA PRO B 112 14.26 -9.94 18.70
C PRO B 112 13.41 -9.18 17.70
N GLY B 113 13.80 -7.96 17.34
CA GLY B 113 13.03 -7.13 16.45
C GLY B 113 13.69 -6.95 15.08
N TRP B 114 12.90 -6.36 14.18
CA TRP B 114 13.29 -6.11 12.79
C TRP B 114 12.74 -4.75 12.38
N ASN B 115 13.53 -3.96 11.65
CA ASN B 115 13.10 -2.65 11.18
C ASN B 115 12.44 -2.73 9.81
N LEU B 116 11.31 -2.01 9.65
CA LEU B 116 10.74 -1.73 8.33
C LEU B 116 11.44 -0.49 7.75
N GLY B 117 12.69 -0.69 7.36
CA GLY B 117 13.52 0.42 6.96
C GLY B 117 13.22 0.93 5.56
N ASN B 118 13.48 2.23 5.35
CA ASN B 118 13.33 2.87 4.05
C ASN B 118 11.91 2.72 3.52
N SER B 119 10.93 2.78 4.42
CA SER B 119 9.54 2.67 4.05
C SER B 119 8.85 3.94 4.51
N LEU B 120 8.17 3.91 5.67
CA LEU B 120 7.51 5.13 6.12
C LEU B 120 8.50 6.22 6.49
N ASP B 121 9.79 5.86 6.59
CA ASP B 121 10.86 6.80 6.85
C ASP B 121 11.47 7.38 5.58
N ALA B 122 11.07 6.89 4.42
CA ALA B 122 11.64 7.40 3.17
C ALA B 122 10.98 8.73 2.81
N THR B 123 11.66 9.50 1.97
CA THR B 123 11.17 10.85 1.71
C THR B 123 11.12 11.14 0.21
N PRO B 124 10.05 11.81 -0.25
CA PRO B 124 8.92 12.36 0.51
C PRO B 124 7.83 11.33 0.78
N ASN B 125 7.76 10.27 -0.01
CA ASN B 125 6.71 9.28 0.12
C ASN B 125 7.32 7.95 0.54
N GLU B 126 6.45 7.03 0.97
CA GLU B 126 6.95 5.75 1.46
C GLU B 126 7.55 4.88 0.36
N ASP B 127 7.23 5.14 -0.93
CA ASP B 127 7.84 4.43 -2.05
C ASP B 127 8.87 5.28 -2.79
N SER B 128 9.42 6.30 -2.14
CA SER B 128 10.33 7.22 -2.81
C SER B 128 11.78 6.74 -2.85
N TRP B 129 12.17 5.79 -2.03
CA TRP B 129 13.50 5.20 -2.08
C TRP B 129 13.40 3.82 -2.72
N ASN B 130 13.96 2.76 -2.14
CA ASN B 130 14.08 1.49 -2.86
C ASN B 130 12.91 0.55 -2.63
N ASN B 131 11.95 0.92 -1.79
CA ASN B 131 10.93 -0.07 -1.49
C ASN B 131 9.59 0.31 -2.10
N PRO B 132 8.83 -0.65 -2.58
CA PRO B 132 7.47 -0.34 -3.05
C PRO B 132 6.56 -0.08 -1.85
N THR B 133 5.31 0.28 -2.14
CA THR B 133 4.33 0.51 -1.10
C THR B 133 4.26 -0.67 -0.14
N VAL B 134 4.27 -0.37 1.16
CA VAL B 134 4.22 -1.40 2.19
C VAL B 134 2.97 -2.25 2.02
N GLN B 135 3.16 -3.57 2.04
CA GLN B 135 2.06 -4.53 1.98
C GLN B 135 2.16 -5.47 3.17
N GLU B 136 1.00 -5.99 3.59
CA GLU B 136 0.93 -6.68 4.88
C GLU B 136 1.67 -8.01 4.87
N SER B 137 1.86 -8.62 3.71
CA SER B 137 2.56 -9.90 3.65
C SER B 137 3.98 -9.80 4.18
N THR B 138 4.57 -8.61 4.11
CA THR B 138 5.91 -8.42 4.66
C THR B 138 5.97 -8.84 6.12
N PHE B 139 4.89 -8.59 6.87
CA PHE B 139 4.91 -8.89 8.30
C PHE B 139 4.66 -10.37 8.56
N ASP B 140 4.05 -11.08 7.60
CA ASP B 140 3.96 -12.53 7.70
C ASP B 140 5.34 -13.19 7.63
N TYR B 141 6.21 -12.72 6.72
CA TYR B 141 7.56 -13.25 6.64
C TYR B 141 8.33 -12.96 7.91
N VAL B 142 8.29 -11.70 8.35
CA VAL B 142 8.98 -11.28 9.56
C VAL B 142 8.59 -12.15 10.76
N LYS B 143 7.31 -12.46 10.90
CA LYS B 143 6.86 -13.27 12.03
C LYS B 143 7.24 -14.73 11.84
N ALA B 144 7.18 -15.23 10.60
CA ALA B 144 7.58 -16.61 10.32
C ALA B 144 9.08 -16.84 10.58
N ALA B 145 9.89 -15.80 10.50
CA ALA B 145 11.33 -15.93 10.73
C ALA B 145 11.71 -15.95 12.20
N GLY B 146 10.79 -15.64 13.10
CA GLY B 146 11.06 -15.67 14.52
C GLY B 146 11.21 -14.32 15.19
N PHE B 147 11.01 -13.22 14.46
CA PHE B 147 11.01 -11.91 15.11
C PHE B 147 9.75 -11.74 15.93
N LYS B 148 9.88 -11.04 17.06
CA LYS B 148 8.75 -10.80 17.95
C LYS B 148 8.25 -9.37 17.90
N SER B 149 8.96 -8.47 17.21
CA SER B 149 8.55 -7.09 17.12
C SER B 149 9.02 -6.51 15.80
N VAL B 150 8.41 -5.39 15.44
CA VAL B 150 8.78 -4.62 14.26
C VAL B 150 8.99 -3.19 14.73
N ARG B 151 10.13 -2.61 14.37
CA ARG B 151 10.33 -1.19 14.56
C ARG B 151 9.84 -0.47 13.32
N LEU B 152 9.08 0.60 13.52
CA LEU B 152 8.37 1.28 12.45
C LEU B 152 8.93 2.70 12.37
N PRO B 153 10.01 2.93 11.66
CA PRO B 153 10.52 4.30 11.53
C PRO B 153 9.61 5.11 10.62
N VAL B 154 9.26 6.32 11.04
CA VAL B 154 8.38 7.19 10.27
C VAL B 154 9.03 8.57 10.16
N THR B 155 9.16 9.07 8.94
CA THR B 155 9.65 10.42 8.71
C THR B 155 8.45 11.31 8.42
N TRP B 156 8.22 12.30 9.31
CA TRP B 156 7.04 13.15 9.21
C TRP B 156 7.31 14.42 8.42
N THR B 157 8.58 14.71 8.11
CA THR B 157 8.99 15.98 7.50
C THR B 157 8.10 16.43 6.35
N HIS B 158 7.80 15.53 5.43
CA HIS B 158 7.12 15.89 4.19
C HIS B 158 5.62 15.57 4.23
N HIS B 159 5.05 15.47 5.42
CA HIS B 159 3.63 15.21 5.54
C HIS B 159 2.91 16.26 6.37
N PHE B 160 3.53 17.42 6.61
CA PHE B 160 2.88 18.54 7.26
C PHE B 160 2.13 19.36 6.23
N THR B 161 0.86 19.65 6.50
CA THR B 161 0.02 20.44 5.60
C THR B 161 -0.07 21.90 6.01
N SER B 162 0.54 22.27 7.13
CA SER B 162 0.59 23.65 7.58
C SER B 162 1.86 23.82 8.40
N GLU B 163 2.36 25.05 8.47
CA GLU B 163 3.51 25.32 9.32
C GLU B 163 3.06 25.99 10.61
N SER B 164 3.88 26.91 11.11
CA SER B 164 3.63 27.52 12.41
C SER B 164 2.29 28.24 12.42
N PRO B 165 1.56 28.22 13.53
CA PRO B 165 1.88 27.58 14.82
C PRO B 165 1.26 26.20 15.01
N ASP B 166 0.51 25.68 14.03
CA ASP B 166 -0.22 24.44 14.20
C ASP B 166 0.59 23.22 13.77
N TRP B 167 1.36 23.34 12.69
CA TRP B 167 2.14 22.23 12.17
C TRP B 167 1.26 21.00 11.98
N THR B 168 0.14 21.20 11.31
CA THR B 168 -0.80 20.10 11.11
C THR B 168 -0.14 19.01 10.26
N VAL B 169 -0.27 17.77 10.71
CA VAL B 169 0.10 16.59 9.94
C VAL B 169 -1.07 16.19 9.05
N ASP B 170 -0.77 15.79 7.81
CA ASP B 170 -1.77 15.31 6.86
C ASP B 170 -2.58 14.16 7.49
N PRO B 171 -3.91 14.28 7.59
CA PRO B 171 -4.69 13.19 8.20
C PRO B 171 -4.46 11.84 7.51
N LYS B 172 -4.28 11.82 6.19
CA LYS B 172 -4.05 10.56 5.49
C LYS B 172 -2.72 9.91 5.85
N TRP B 173 -1.70 10.71 6.19
CA TRP B 173 -0.45 10.11 6.62
C TRP B 173 -0.58 9.52 8.02
N LEU B 174 -1.21 10.25 8.95
CA LEU B 174 -1.54 9.68 10.25
C LEU B 174 -2.33 8.38 10.09
N GLN B 175 -3.31 8.37 9.18
CA GLN B 175 -4.07 7.15 8.95
C GLN B 175 -3.16 6.04 8.40
N ARG B 176 -2.33 6.37 7.41
CA ARG B 176 -1.37 5.40 6.91
C ARG B 176 -0.56 4.78 8.04
N VAL B 177 0.01 5.62 8.90
CA VAL B 177 0.85 5.10 9.98
C VAL B 177 0.03 4.21 10.91
N SER B 178 -1.18 4.65 11.25
CA SER B 178 -2.07 3.86 12.10
C SER B 178 -2.43 2.53 11.46
N ASP B 179 -2.65 2.54 10.14
CA ASP B 179 -3.01 1.31 9.44
C ASP B 179 -1.85 0.31 9.42
N VAL B 180 -0.63 0.80 9.17
CA VAL B 180 0.53 -0.11 9.17
C VAL B 180 0.75 -0.67 10.57
N ILE B 181 0.61 0.17 11.60
CA ILE B 181 0.68 -0.34 12.97
C ILE B 181 -0.30 -1.49 13.17
N ASP B 182 -1.51 -1.37 12.61
CA ASP B 182 -2.51 -2.42 12.78
C ASP B 182 -2.10 -3.69 12.05
N MET B 183 -1.51 -3.56 10.87
CA MET B 183 -0.97 -4.75 10.20
C MET B 183 0.01 -5.48 11.11
N ILE B 184 0.88 -4.74 11.81
CA ILE B 184 1.89 -5.38 12.64
C ILE B 184 1.25 -6.04 13.85
N THR B 185 0.47 -5.27 14.62
CA THR B 185 -0.08 -5.81 15.86
C THR B 185 -1.11 -6.90 15.60
N SER B 186 -1.85 -6.81 14.49
CA SER B 186 -2.86 -7.83 14.20
C SER B 186 -2.24 -9.19 13.92
N ARG B 187 -0.93 -9.25 13.68
CA ARG B 187 -0.22 -10.50 13.48
C ARG B 187 0.56 -10.91 14.73
N GLY B 188 0.27 -10.30 15.88
CA GLY B 188 0.91 -10.69 17.12
C GLY B 188 2.29 -10.13 17.34
N LEU B 189 2.65 -9.05 16.65
CA LEU B 189 3.97 -8.45 16.75
C LEU B 189 3.88 -7.11 17.47
N TYR B 190 4.81 -6.89 18.41
CA TYR B 190 4.95 -5.59 19.04
C TYR B 190 5.45 -4.56 18.04
N THR B 191 5.20 -3.29 18.34
CA THR B 191 5.60 -2.20 17.46
C THR B 191 6.28 -1.11 18.28
N ILE B 192 7.30 -0.50 17.69
CA ILE B 192 7.85 0.76 18.17
C ILE B 192 7.79 1.73 16.99
N VAL B 193 7.15 2.87 17.19
CA VAL B 193 7.01 3.86 16.12
C VAL B 193 7.66 5.16 16.60
N ASN B 194 8.39 5.83 15.69
CA ASN B 194 9.18 6.97 16.14
C ASN B 194 8.98 8.23 15.30
N VAL B 195 9.87 9.20 15.53
CA VAL B 195 10.11 10.32 14.63
C VAL B 195 11.52 10.14 14.09
N HIS B 196 11.64 9.94 12.77
CA HIS B 196 12.91 9.45 12.23
C HIS B 196 13.76 10.54 11.59
N HIS B 197 13.73 10.64 10.26
CA HIS B 197 14.67 11.54 9.60
C HIS B 197 14.32 13.00 9.82
N ASP B 198 13.18 13.30 10.45
CA ASP B 198 12.96 14.62 11.00
C ASP B 198 14.15 15.08 11.84
N SER B 199 14.84 14.12 12.48
CA SER B 199 15.93 14.41 13.39
C SER B 199 16.97 15.36 12.79
N TRP B 200 17.38 15.11 11.54
CA TRP B 200 18.36 15.98 10.90
C TRP B 200 17.73 16.90 9.86
N GLU B 201 16.53 16.59 9.38
CA GLU B 201 15.91 17.40 8.35
C GLU B 201 15.43 18.74 8.88
N TRP B 202 14.95 18.80 10.12
CA TRP B 202 14.50 20.08 10.66
C TRP B 202 14.73 20.21 12.16
N ALA B 203 14.89 19.09 12.86
CA ALA B 203 15.06 19.10 14.31
C ALA B 203 16.53 19.04 14.76
N ASP B 204 17.47 19.30 13.86
CA ASP B 204 18.90 19.27 14.22
C ASP B 204 19.22 20.48 15.08
N VAL B 205 19.59 20.26 16.34
CA VAL B 205 19.89 21.37 17.22
C VAL B 205 21.35 21.81 17.11
N THR B 206 22.20 21.02 16.48
CA THR B 206 23.61 21.37 16.36
C THR B 206 23.89 22.32 15.21
N LYS B 207 22.91 22.53 14.32
CA LYS B 207 23.14 23.38 13.16
C LYS B 207 23.35 24.83 13.58
N SER B 208 24.23 25.51 12.84
CA SER B 208 24.60 26.87 13.19
C SER B 208 23.40 27.80 13.29
N ASP B 209 22.38 27.57 12.46
CA ASP B 209 21.26 28.49 12.32
C ASP B 209 19.93 27.93 12.84
N ALA B 210 19.96 26.79 13.51
CA ALA B 210 18.72 26.20 14.03
C ALA B 210 18.02 27.17 14.97
N ASN B 211 16.69 27.14 14.92
CA ASN B 211 15.83 27.91 15.82
C ASN B 211 15.26 26.92 16.83
N ILE B 212 15.85 26.90 18.03
CA ILE B 212 15.46 25.91 19.03
C ILE B 212 14.00 26.12 19.44
N THR B 213 13.55 27.38 19.51
CA THR B 213 12.17 27.66 19.90
C THR B 213 11.18 26.99 18.94
N GLN B 214 11.43 27.12 17.64
CA GLN B 214 10.50 26.54 16.67
C GLN B 214 10.61 25.03 16.63
N ILE B 215 11.82 24.49 16.75
CA ILE B 215 11.99 23.04 16.79
C ILE B 215 11.19 22.44 17.93
N GLU B 216 11.29 23.05 19.12
CA GLU B 216 10.53 22.57 20.28
C GLU B 216 9.02 22.65 20.01
N GLN B 217 8.54 23.79 19.49
CA GLN B 217 7.13 23.93 19.17
C GLN B 217 6.68 22.84 18.20
N LYS B 218 7.36 22.74 17.05
CA LYS B 218 6.93 21.79 16.03
C LYS B 218 7.00 20.36 16.54
N PHE B 219 8.07 20.02 17.25
CA PHE B 219 8.19 18.70 17.84
C PHE B 219 7.04 18.42 18.80
N GLU B 220 6.57 19.44 19.53
CA GLU B 220 5.50 19.22 20.49
C GLU B 220 4.16 19.01 19.78
N LYS B 221 3.85 19.89 18.81
CA LYS B 221 2.64 19.69 18.01
C LYS B 221 2.68 18.34 17.29
N LEU B 222 3.85 17.95 16.79
CA LEU B 222 3.98 16.68 16.05
C LEU B 222 3.60 15.50 16.93
N TRP B 223 4.27 15.37 18.08
CA TRP B 223 4.00 14.24 18.96
C TRP B 223 2.63 14.34 19.63
N TYR B 224 2.06 15.54 19.75
CA TYR B 224 0.67 15.62 20.22
C TYR B 224 -0.29 15.03 19.20
N GLN B 225 -0.02 15.22 17.91
CA GLN B 225 -0.90 14.66 16.88
C GLN B 225 -0.68 13.16 16.72
N ILE B 226 0.58 12.72 16.69
CA ILE B 226 0.84 11.27 16.66
C ILE B 226 0.19 10.61 17.86
N GLY B 227 0.46 11.17 19.05
CA GLY B 227 -0.15 10.67 20.27
C GLY B 227 -1.67 10.62 20.20
N THR B 228 -2.29 11.66 19.62
CA THR B 228 -3.74 11.68 19.50
C THR B 228 -4.24 10.56 18.59
N LYS B 229 -3.66 10.46 17.39
CA LYS B 229 -4.06 9.42 16.44
C LYS B 229 -3.86 8.03 17.02
N LEU B 230 -2.74 7.81 17.70
CA LEU B 230 -2.38 6.50 18.23
C LEU B 230 -2.80 6.29 19.68
N ALA B 231 -3.64 7.17 20.21
CA ALA B 231 -3.90 7.19 21.66
C ALA B 231 -4.53 5.89 22.15
N CYS B 232 -5.25 5.18 21.29
CA CYS B 232 -6.00 4.01 21.76
C CYS B 232 -5.39 2.69 21.34
N LYS B 233 -4.21 2.72 20.72
CA LYS B 233 -3.48 1.49 20.41
C LYS B 233 -3.21 0.69 21.68
N SER B 234 -3.08 -0.62 21.51
CA SER B 234 -2.89 -1.52 22.64
C SER B 234 -1.51 -1.31 23.27
N SER B 235 -1.24 -2.07 24.33
CA SER B 235 0.06 -1.96 24.99
C SER B 235 1.20 -2.51 24.15
N MET B 236 0.89 -3.20 23.05
CA MET B 236 1.94 -3.70 22.17
C MET B 236 2.58 -2.60 21.33
N VAL B 237 2.05 -1.38 21.38
CA VAL B 237 2.56 -0.24 20.62
C VAL B 237 3.31 0.67 21.58
N ALA B 238 4.60 0.88 21.31
CA ALA B 238 5.44 1.80 22.06
C ALA B 238 5.83 2.97 21.16
N PHE B 239 6.05 4.12 21.80
CA PHE B 239 6.51 5.35 21.14
C PHE B 239 7.98 5.56 21.45
N GLU B 240 8.72 6.07 20.46
CA GLU B 240 10.15 6.33 20.57
C GLU B 240 10.42 7.79 20.26
N THR B 241 11.04 8.50 21.19
CA THR B 241 11.17 9.96 21.10
C THR B 241 11.57 10.49 19.72
N ILE B 242 12.81 10.23 19.31
CA ILE B 242 13.34 10.74 18.05
C ILE B 242 14.57 9.90 17.70
N ASN B 243 14.75 9.67 16.41
CA ASN B 243 15.83 8.81 15.95
C ASN B 243 17.17 9.57 15.91
N GLU B 244 18.21 8.96 16.45
CA GLU B 244 19.60 9.41 16.39
C GLU B 244 19.75 10.93 16.31
N PRO B 245 19.29 11.69 17.30
CA PRO B 245 19.34 13.15 17.19
C PRO B 245 20.78 13.66 17.23
N PRO B 246 21.16 14.52 16.28
CA PRO B 246 22.52 15.04 16.27
C PRO B 246 22.86 15.71 17.60
N CYS B 247 24.08 15.46 18.06
CA CYS B 247 24.49 15.90 19.39
C CYS B 247 26.00 15.76 19.51
N ASN B 248 26.71 16.88 19.64
CA ASN B 248 28.15 16.85 19.76
C ASN B 248 28.68 17.28 21.13
N THR B 249 27.93 18.07 21.89
CA THR B 249 28.39 18.60 23.16
C THR B 249 27.36 18.35 24.25
N ALA B 250 27.74 18.68 25.49
CA ALA B 250 26.83 18.56 26.62
C ALA B 250 25.69 19.57 26.53
N GLU B 251 25.96 20.76 26.01
CA GLU B 251 24.88 21.72 25.76
C GLU B 251 23.88 21.15 24.76
N ASP B 252 24.35 20.41 23.75
CA ASP B 252 23.41 19.69 22.89
C ASP B 252 22.76 18.55 23.63
N GLY B 253 23.48 17.93 24.57
CA GLY B 253 22.93 16.81 25.31
C GLY B 253 21.75 17.22 26.17
N ALA B 254 21.80 18.43 26.73
CA ALA B 254 20.67 18.92 27.51
C ALA B 254 19.46 19.17 26.62
N LYS B 255 19.68 19.60 25.38
CA LYS B 255 18.56 19.78 24.47
C LYS B 255 17.93 18.45 24.08
N ILE B 256 18.73 17.39 23.97
CA ILE B 256 18.17 16.07 23.70
C ILE B 256 17.30 15.62 24.88
N ASN B 257 17.77 15.83 26.11
CA ASN B 257 16.93 15.58 27.27
C ASN B 257 15.59 16.31 27.15
N LYS B 258 15.62 17.56 26.68
CA LYS B 258 14.39 18.31 26.52
C LYS B 258 13.46 17.68 25.49
N PHE B 259 14.01 17.01 24.47
CA PHE B 259 13.17 16.27 23.52
C PHE B 259 12.37 15.20 24.23
N ASN B 260 13.03 14.41 25.10
CA ASN B 260 12.33 13.39 25.85
C ASN B 260 11.20 13.98 26.70
N GLU B 261 11.45 15.15 27.30
CA GLU B 261 10.47 15.77 28.17
C GLU B 261 9.29 16.33 27.37
N ILE B 262 9.59 17.04 26.27
CA ILE B 262 8.53 17.54 25.39
C ILE B 262 7.69 16.37 24.88
N PHE B 263 8.35 15.28 24.50
CA PHE B 263 7.68 14.08 24.01
C PHE B 263 6.71 13.52 25.03
N LEU B 264 7.18 13.31 26.27
CA LEU B 264 6.31 12.77 27.32
C LEU B 264 5.12 13.70 27.59
N ARG B 265 5.38 15.02 27.62
CA ARG B 265 4.29 15.95 27.93
C ARG B 265 3.25 15.94 26.82
N ALA B 266 3.69 15.87 25.56
CA ALA B 266 2.76 15.91 24.43
C ALA B 266 1.85 14.69 24.42
N ILE B 267 2.43 13.49 24.59
CA ILE B 267 1.60 12.29 24.48
C ILE B 267 0.70 12.12 25.69
N ASN B 268 1.09 12.65 26.86
CA ASN B 268 0.20 12.59 28.01
C ASN B 268 -0.96 13.56 27.86
N ARG B 269 -0.72 14.73 27.27
CA ARG B 269 -1.81 15.64 26.94
C ARG B 269 -2.79 14.99 25.97
N ALA B 270 -2.28 14.20 25.02
CA ALA B 270 -3.15 13.53 24.06
C ALA B 270 -4.08 12.53 24.73
N GLY B 271 -3.73 12.04 25.93
CA GLY B 271 -4.68 11.21 26.65
C GLY B 271 -4.80 9.83 26.04
N GLY B 272 -6.00 9.27 26.09
CA GLY B 272 -6.14 7.89 25.63
C GLY B 272 -5.47 6.95 26.60
N PHE B 273 -4.78 5.94 26.06
CA PHE B 273 -3.98 5.05 26.87
C PHE B 273 -2.53 5.51 27.03
N ASN B 274 -2.19 6.71 26.57
CA ASN B 274 -0.78 7.07 26.44
C ASN B 274 -0.08 7.22 27.79
N ALA B 275 -0.84 7.50 28.86
CA ALA B 275 -0.19 7.68 30.16
C ALA B 275 0.48 6.40 30.63
N LYS B 276 -0.06 5.25 30.23
CA LYS B 276 0.51 3.97 30.63
C LYS B 276 1.21 3.25 29.48
N ARG B 277 1.52 3.97 28.41
CA ARG B 277 2.16 3.35 27.26
C ARG B 277 3.66 3.31 27.45
N VAL B 278 4.26 2.21 26.99
CA VAL B 278 5.71 2.07 27.03
C VAL B 278 6.34 3.06 26.05
N VAL B 279 7.39 3.74 26.48
CA VAL B 279 8.12 4.64 25.59
C VAL B 279 9.61 4.26 25.58
N ASN B 280 10.28 4.61 24.48
CA ASN B 280 11.74 4.51 24.36
C ASN B 280 12.31 5.90 24.35
N LEU B 281 13.06 6.24 25.39
CA LEU B 281 13.78 7.51 25.46
C LEU B 281 15.18 7.37 24.85
N VAL B 282 15.74 8.50 24.44
CA VAL B 282 16.96 8.51 23.63
C VAL B 282 17.96 9.50 24.20
N GLY B 283 19.24 9.23 23.91
CA GLY B 283 20.31 10.17 24.12
C GLY B 283 20.94 10.57 22.79
N GLY B 284 21.97 11.40 22.89
CA GLY B 284 22.54 12.04 21.72
C GLY B 284 23.00 11.04 20.68
N GLY B 285 22.60 11.24 19.44
CA GLY B 285 23.05 10.36 18.37
C GLY B 285 22.60 8.92 18.55
N MET B 286 21.82 8.65 19.61
CA MET B 286 21.58 7.28 20.07
C MET B 286 22.89 6.50 20.18
N ASP B 287 23.98 7.21 20.46
CA ASP B 287 25.28 6.60 20.67
C ASP B 287 25.44 6.24 22.13
N SER B 288 26.01 5.06 22.39
CA SER B 288 26.12 4.55 23.75
C SER B 288 26.90 5.51 24.67
N VAL B 289 27.96 6.13 24.17
CA VAL B 289 28.80 6.98 25.01
C VAL B 289 28.13 8.32 25.27
N LYS B 290 27.60 8.96 24.23
CA LYS B 290 26.86 10.21 24.42
C LYS B 290 25.67 10.02 25.35
N THR B 291 24.97 8.88 25.24
CA THR B 291 23.87 8.61 26.15
C THR B 291 24.38 8.48 27.58
N SER B 292 25.45 7.71 27.78
CA SER B 292 26.02 7.56 29.11
C SER B 292 26.48 8.91 29.65
N GLN B 293 27.03 9.77 28.79
CA GLN B 293 27.57 11.03 29.25
C GLN B 293 26.48 12.01 29.66
N TRP B 294 25.38 12.07 28.90
CA TRP B 294 24.48 13.20 28.98
C TRP B 294 23.02 12.87 29.24
N PHE B 295 22.59 11.61 29.15
CA PHE B 295 21.19 11.29 29.35
C PHE B 295 20.80 11.48 30.82
N LYS B 296 19.72 12.23 31.05
CA LYS B 296 19.11 12.35 32.36
C LYS B 296 17.67 11.85 32.28
N THR B 297 17.25 11.10 33.28
CA THR B 297 15.87 10.63 33.31
C THR B 297 14.93 11.82 33.52
N PRO B 298 13.92 11.98 32.67
CA PRO B 298 12.99 13.11 32.84
C PRO B 298 12.36 13.11 34.23
N ALA B 299 12.46 14.24 34.91
CA ALA B 299 11.98 14.32 36.29
C ALA B 299 10.50 14.03 36.35
N ASN B 300 10.08 13.31 37.39
CA ASN B 300 8.68 12.98 37.63
C ASN B 300 8.08 12.14 36.50
N ILE B 301 8.91 11.37 35.79
CA ILE B 301 8.39 10.53 34.72
C ILE B 301 7.43 9.50 35.29
N THR B 302 6.34 9.27 34.57
CA THR B 302 5.32 8.34 35.02
C THR B 302 4.99 7.27 34.01
N ASN B 303 5.46 7.40 32.77
CA ASN B 303 5.32 6.35 31.79
C ASN B 303 6.29 5.21 32.12
N PRO B 304 5.91 3.97 31.84
CA PRO B 304 6.93 2.91 31.80
C PRO B 304 7.86 3.18 30.62
N TRP B 305 9.17 3.18 30.88
CA TRP B 305 10.12 3.70 29.91
C TRP B 305 11.35 2.81 29.80
N ALA B 306 11.90 2.76 28.60
CA ALA B 306 13.13 2.05 28.30
C ALA B 306 14.06 3.01 27.58
N LEU B 307 15.33 2.63 27.52
CA LEU B 307 16.36 3.39 26.84
C LEU B 307 16.65 2.69 25.50
N GLN B 308 16.66 3.46 24.41
CA GLN B 308 17.02 2.90 23.11
C GLN B 308 18.32 3.51 22.63
N PHE B 309 19.23 2.66 22.16
CA PHE B 309 20.46 3.12 21.53
C PHE B 309 20.69 2.31 20.25
N HIS B 310 21.59 2.81 19.41
CA HIS B 310 21.96 2.12 18.17
C HIS B 310 23.43 1.74 18.17
N PHE B 311 23.75 0.62 17.53
CA PHE B 311 25.08 0.07 17.56
C PHE B 311 25.54 -0.27 16.15
N TYR B 312 26.46 0.52 15.62
CA TYR B 312 27.08 0.30 14.31
C TYR B 312 28.60 0.34 14.40
N SER B 313 29.16 -0.30 15.43
CA SER B 313 30.59 -0.34 15.74
C SER B 313 31.14 -1.74 15.55
N PRO B 314 32.41 -1.87 15.14
CA PRO B 314 33.38 -0.82 14.80
C PRO B 314 33.08 -0.19 13.46
N TYR B 315 33.25 1.13 13.32
CA TYR B 315 32.94 1.81 12.06
C TYR B 315 33.67 1.20 10.86
N ASP B 316 34.94 0.83 11.02
CA ASP B 316 35.69 0.40 9.85
C ASP B 316 35.12 -0.88 9.25
N PHE B 317 34.71 -1.83 10.09
CA PHE B 317 34.23 -3.09 9.49
C PHE B 317 32.79 -2.96 9.00
N ILE B 318 31.96 -2.25 9.77
CA ILE B 318 30.53 -2.13 9.46
C ILE B 318 30.30 -1.20 8.27
N PHE B 319 31.08 -0.13 8.16
CA PHE B 319 30.92 0.82 7.07
C PHE B 319 31.89 0.57 5.93
N SER B 320 32.59 -0.58 5.95
CA SER B 320 33.63 -0.94 4.98
C SER B 320 34.59 0.22 4.71
N ALA B 321 35.24 0.67 5.78
CA ALA B 321 36.18 1.78 5.70
C ALA B 321 37.61 1.26 5.75
N TRP B 322 38.49 1.92 5.01
CA TRP B 322 39.93 1.77 5.17
C TRP B 322 40.38 0.32 4.99
N GLY B 323 39.75 -0.41 4.07
CA GLY B 323 40.15 -1.76 3.77
C GLY B 323 39.83 -2.80 4.82
N LYS B 324 39.08 -2.47 5.86
CA LYS B 324 38.76 -3.46 6.87
C LYS B 324 37.74 -4.44 6.32
N THR B 325 38.13 -5.71 6.21
CA THR B 325 37.25 -6.75 5.68
C THR B 325 37.29 -8.01 6.55
N ILE B 326 37.78 -7.88 7.78
CA ILE B 326 37.84 -9.00 8.72
C ILE B 326 37.21 -8.53 10.02
N TRP B 327 36.72 -9.49 10.82
CA TRP B 327 36.22 -9.18 12.16
C TRP B 327 36.25 -10.46 12.97
N GLY B 328 36.78 -10.38 14.21
CA GLY B 328 36.74 -11.52 15.10
C GLY B 328 37.93 -11.67 16.03
N SER B 329 38.90 -10.75 15.95
CA SER B 329 40.06 -10.84 16.81
C SER B 329 39.63 -10.71 18.29
N ASP B 330 40.55 -11.07 19.18
CA ASP B 330 40.26 -10.94 20.60
C ASP B 330 40.01 -9.49 20.99
N SER B 331 40.77 -8.56 20.43
CA SER B 331 40.54 -7.14 20.72
C SER B 331 39.23 -6.66 20.12
N ASP B 332 38.86 -7.16 18.93
CA ASP B 332 37.55 -6.85 18.35
C ASP B 332 36.44 -7.21 19.34
N LYS B 333 36.53 -8.40 19.93
CA LYS B 333 35.47 -8.84 20.83
C LYS B 333 35.46 -8.00 22.10
N SER B 334 36.63 -7.62 22.60
CA SER B 334 36.70 -6.82 23.82
C SER B 334 36.12 -5.43 23.59
N GLU B 335 36.45 -4.82 22.45
CA GLU B 335 35.91 -3.51 22.12
C GLU B 335 34.38 -3.54 22.08
N LEU B 336 33.81 -4.57 21.43
CA LEU B 336 32.35 -4.69 21.36
C LEU B 336 31.75 -4.89 22.76
N ASP B 337 32.26 -5.89 23.50
CA ASP B 337 31.74 -6.19 24.82
C ASP B 337 31.92 -5.00 25.78
N SER B 338 33.01 -4.25 25.64
CA SER B 338 33.24 -3.09 26.48
C SER B 338 32.21 -2.00 26.20
N THR B 339 31.94 -1.74 24.92
CA THR B 339 31.00 -0.67 24.56
C THR B 339 29.61 -0.94 25.14
N LEU B 340 29.12 -2.18 25.00
CA LEU B 340 27.82 -2.52 25.56
C LEU B 340 27.86 -2.51 27.08
N GLY B 341 28.94 -3.04 27.66
CA GLY B 341 29.03 -3.12 29.11
C GLY B 341 29.05 -1.76 29.78
N LEU B 342 29.73 -0.78 29.15
CA LEU B 342 29.80 0.54 29.76
C LEU B 342 28.45 1.24 29.71
N LEU B 343 27.67 1.01 28.65
CA LEU B 343 26.32 1.55 28.60
C LEU B 343 25.45 0.92 29.68
N ARG B 344 25.38 -0.42 29.72
CA ARG B 344 24.66 -1.09 30.80
C ARG B 344 25.18 -0.66 32.17
N GLY B 345 26.49 -0.44 32.29
CA GLY B 345 27.07 -0.05 33.57
C GLY B 345 26.59 1.31 34.05
N ASN B 346 26.21 2.18 33.12
CA ASN B 346 25.64 3.48 33.48
C ASN B 346 24.13 3.43 33.76
N PHE B 347 23.46 2.32 33.45
CA PHE B 347 21.99 2.23 33.56
C PHE B 347 21.61 0.84 34.08
N THR B 348 22.08 0.52 35.28
CA THR B 348 22.06 -0.86 35.77
C THR B 348 20.64 -1.42 35.81
N ASP B 349 19.64 -0.57 36.03
CA ASP B 349 18.26 -0.99 36.25
C ASP B 349 17.32 -0.63 35.12
N VAL B 350 17.82 -0.07 34.02
CA VAL B 350 17.00 0.49 32.97
C VAL B 350 16.82 -0.56 31.86
N PRO B 351 15.60 -0.82 31.39
CA PRO B 351 15.43 -1.66 30.21
C PRO B 351 16.07 -0.99 28.99
N ILE B 352 16.79 -1.77 28.20
CA ILE B 352 17.59 -1.23 27.10
C ILE B 352 17.20 -1.92 25.81
N VAL B 353 16.86 -1.12 24.81
CA VAL B 353 16.52 -1.61 23.49
C VAL B 353 17.66 -1.23 22.55
N LEU B 354 18.26 -2.23 21.92
CA LEU B 354 19.20 -1.97 20.82
C LEU B 354 18.32 -1.80 19.56
N GLY B 355 18.03 -0.55 19.22
CA GLY B 355 17.02 -0.26 18.21
C GLY B 355 17.43 -0.54 16.77
N GLU B 356 18.73 -0.45 16.47
CA GLU B 356 19.29 -0.77 15.15
C GLU B 356 20.69 -1.36 15.29
N PHE B 357 20.97 -2.40 14.50
CA PHE B 357 22.32 -2.90 14.25
C PHE B 357 22.28 -3.62 12.91
N ASP B 358 23.43 -3.72 12.25
CA ASP B 358 23.53 -4.53 11.03
C ASP B 358 24.95 -4.54 10.47
N ALA B 359 25.53 -5.73 10.35
CA ALA B 359 26.63 -5.97 9.42
C ALA B 359 25.97 -6.44 8.11
N SER B 360 25.75 -5.49 7.20
CA SER B 360 24.93 -5.76 6.03
C SER B 360 25.60 -6.80 5.13
N PRO B 361 24.84 -7.76 4.59
CA PRO B 361 25.38 -8.66 3.58
C PRO B 361 25.77 -7.95 2.30
N THR B 362 25.36 -6.69 2.11
CA THR B 362 25.71 -5.99 0.89
C THR B 362 27.20 -5.67 0.83
N ASN B 363 27.79 -5.25 1.95
CA ASN B 363 29.19 -4.82 1.95
C ASN B 363 30.12 -5.64 2.83
N THR B 364 29.62 -6.46 3.75
CA THR B 364 30.49 -7.16 4.69
C THR B 364 30.71 -8.61 4.27
N GLU B 365 31.90 -9.10 4.62
CA GLU B 365 32.29 -10.48 4.30
C GLU B 365 31.54 -11.44 5.21
N PRO B 366 30.90 -12.49 4.66
CA PRO B 366 29.98 -13.32 5.47
C PRO B 366 30.59 -13.94 6.73
N ALA B 367 31.78 -14.52 6.65
CA ALA B 367 32.34 -15.17 7.84
C ALA B 367 32.56 -14.17 8.95
N ALA B 368 33.19 -13.04 8.63
CA ALA B 368 33.29 -11.94 9.58
C ALA B 368 31.91 -11.48 10.06
N ARG B 369 30.95 -11.37 9.13
CA ARG B 369 29.60 -10.92 9.47
C ARG B 369 28.92 -11.87 10.46
N TRP B 370 29.05 -13.18 10.26
CA TRP B 370 28.42 -14.14 11.15
C TRP B 370 29.10 -14.17 12.52
N LYS B 371 30.43 -14.06 12.55
CA LYS B 371 31.11 -13.96 13.85
C LYS B 371 30.67 -12.70 14.59
N TYR B 372 30.50 -11.60 13.86
CA TYR B 372 30.07 -10.35 14.47
C TYR B 372 28.64 -10.44 15.00
N HIS B 373 27.72 -10.97 14.19
CA HIS B 373 26.34 -11.06 14.63
C HIS B 373 26.20 -12.05 15.80
N ASP B 374 26.88 -13.19 15.73
CA ASP B 374 26.86 -14.12 16.86
C ASP B 374 27.35 -13.44 18.13
N TYR B 375 28.44 -12.67 18.04
CA TYR B 375 29.05 -12.09 19.24
C TYR B 375 28.22 -10.93 19.78
N LEU B 376 27.62 -10.15 18.89
CA LEU B 376 26.71 -9.09 19.33
C LEU B 376 25.50 -9.67 20.06
N ILE B 377 24.95 -10.76 19.55
CA ILE B 377 23.80 -11.39 20.22
C ILE B 377 24.21 -11.95 21.58
N ARG B 378 25.41 -12.52 21.67
CA ARG B 378 25.86 -13.00 22.98
C ARG B 378 26.06 -11.85 23.95
N SER B 379 26.48 -10.69 23.44
CA SER B 379 26.65 -9.52 24.29
C SER B 379 25.33 -8.92 24.74
N THR B 380 24.37 -8.76 23.82
CA THR B 380 23.05 -8.27 24.24
C THR B 380 22.46 -9.20 25.29
N LYS B 381 22.67 -10.51 25.13
CA LYS B 381 22.20 -11.44 26.14
C LYS B 381 22.93 -11.22 27.48
N LYS B 382 24.24 -10.98 27.42
CA LYS B 382 25.03 -10.77 28.64
C LYS B 382 24.56 -9.54 29.39
N TYR B 383 24.31 -8.45 28.68
CA TYR B 383 23.92 -7.18 29.28
C TYR B 383 22.43 -6.91 29.21
N ASN B 384 21.63 -7.93 28.87
CA ASN B 384 20.17 -7.87 28.98
C ASN B 384 19.58 -6.75 28.09
N MET B 385 19.97 -6.74 26.83
CA MET B 385 19.43 -5.80 25.85
C MET B 385 18.65 -6.55 24.79
N SER B 386 17.55 -5.95 24.30
CA SER B 386 16.76 -6.56 23.23
C SER B 386 17.18 -5.96 21.90
N PRO B 387 17.65 -6.76 20.96
CA PRO B 387 18.14 -6.23 19.69
C PRO B 387 17.08 -6.18 18.59
N ILE B 388 17.21 -5.15 17.77
CA ILE B 388 16.37 -4.96 16.59
C ILE B 388 17.30 -4.73 15.40
N ILE B 389 17.27 -5.64 14.43
CA ILE B 389 18.18 -5.55 13.29
C ILE B 389 17.66 -4.51 12.30
N TRP B 390 18.58 -3.77 11.69
CA TRP B 390 18.22 -2.81 10.64
C TRP B 390 18.22 -3.50 9.29
N ASP B 391 17.19 -3.22 8.50
CA ASP B 391 17.00 -3.83 7.19
C ASP B 391 16.40 -2.77 6.28
N ASN B 392 17.14 -2.32 5.27
CA ASN B 392 16.63 -1.26 4.43
C ASN B 392 15.80 -1.77 3.26
N GLY B 393 15.53 -3.08 3.21
CA GLY B 393 14.82 -3.69 2.12
C GLY B 393 15.72 -4.45 1.17
N LEU B 394 16.99 -4.04 1.06
CA LEU B 394 18.00 -4.75 0.27
C LEU B 394 18.99 -5.53 1.12
N ASP B 395 19.11 -5.19 2.41
CA ASP B 395 20.02 -5.91 3.29
C ASP B 395 19.58 -7.36 3.48
N HIS B 396 18.35 -7.56 3.96
CA HIS B 396 17.97 -8.90 4.41
C HIS B 396 16.73 -9.42 3.71
N LEU B 397 15.55 -9.05 4.20
CA LEU B 397 14.32 -9.60 3.66
C LEU B 397 14.02 -9.01 2.29
N ASP B 398 13.79 -9.89 1.32
CA ASP B 398 13.18 -9.50 0.04
C ASP B 398 11.66 -9.58 0.23
N ARG B 399 11.01 -8.43 0.30
CA ARG B 399 9.58 -8.39 0.62
C ARG B 399 8.71 -8.93 -0.50
N SER B 400 9.23 -9.03 -1.72
CA SER B 400 8.40 -9.53 -2.83
C SER B 400 8.47 -11.05 -2.97
N SER B 401 9.34 -11.73 -2.24
CA SER B 401 9.41 -13.19 -2.35
C SER B 401 9.46 -13.92 -1.01
N GLY B 402 9.59 -13.21 0.10
CA GLY B 402 9.77 -13.86 1.39
C GLY B 402 11.14 -14.47 1.62
N ILE B 403 12.08 -14.26 0.70
CA ILE B 403 13.42 -14.83 0.83
C ILE B 403 14.26 -13.93 1.72
N TRP B 404 14.96 -14.52 2.68
CA TRP B 404 15.96 -13.81 3.45
C TRP B 404 17.31 -13.98 2.75
N ARG B 405 17.95 -12.86 2.39
CA ARG B 405 19.17 -12.95 1.59
C ARG B 405 20.32 -13.55 2.39
N ASP B 406 20.33 -13.39 3.71
CA ASP B 406 21.33 -13.99 4.58
C ASP B 406 20.55 -14.76 5.63
N PRO B 407 20.20 -16.02 5.35
CA PRO B 407 19.45 -16.80 6.34
C PRO B 407 20.27 -17.17 7.57
N VAL B 408 21.60 -17.09 7.50
CA VAL B 408 22.43 -17.48 8.64
C VAL B 408 22.36 -16.41 9.73
N SER B 409 22.48 -15.14 9.35
CA SER B 409 22.34 -14.06 10.32
C SER B 409 20.97 -14.11 10.99
N ILE B 410 19.91 -14.33 10.21
CA ILE B 410 18.56 -14.35 10.77
C ILE B 410 18.44 -15.48 11.78
N GLU B 411 19.00 -16.64 11.47
CA GLU B 411 18.95 -17.74 12.42
C GLU B 411 19.69 -17.41 13.70
N ILE B 412 20.76 -16.62 13.60
CA ILE B 412 21.55 -16.27 14.78
C ILE B 412 20.79 -15.30 15.66
N ILE B 413 20.11 -14.33 15.04
CA ILE B 413 19.43 -13.29 15.80
C ILE B 413 18.13 -13.80 16.40
N THR B 414 17.45 -14.72 15.72
CA THR B 414 16.16 -15.22 16.20
C THR B 414 16.30 -16.42 17.11
N ASN B 415 17.48 -17.01 17.25
CA ASN B 415 17.69 -18.13 18.16
C ASN B 415 18.93 -17.83 19.01
N GLY B 416 18.83 -16.80 19.86
CA GLY B 416 19.92 -16.42 20.73
C GLY B 416 20.14 -17.32 21.93
N ASN B 417 19.39 -18.42 22.04
CA ASN B 417 19.61 -19.42 23.07
C ASN B 417 20.37 -20.64 22.57
N GLU B 418 20.67 -20.71 21.28
CA GLU B 418 21.40 -21.83 20.71
C GLU B 418 22.83 -21.43 20.40
N THR B 419 23.75 -22.37 20.59
CA THR B 419 25.14 -22.16 20.23
C THR B 419 25.35 -22.37 18.74
N ASN B 420 26.10 -21.46 18.12
CA ASN B 420 26.30 -21.46 16.68
C ASN B 420 27.71 -21.93 16.35
N SER B 421 27.79 -22.94 15.49
CA SER B 421 29.05 -23.28 14.84
C SER B 421 29.27 -22.32 13.68
N LEU B 422 30.51 -21.85 13.53
CA LEU B 422 30.76 -20.77 12.60
C LEU B 422 32.00 -21.07 11.77
N PRO B 423 32.01 -20.63 10.52
CA PRO B 423 33.24 -20.70 9.73
C PRO B 423 34.28 -19.76 10.30
N ASP B 424 35.53 -20.24 10.36
CA ASP B 424 36.61 -19.38 10.79
C ASP B 424 37.07 -18.49 9.64
N SER B 425 37.82 -17.45 9.99
CA SER B 425 38.34 -16.51 9.01
C SER B 425 39.59 -15.86 9.60
N THR B 426 40.34 -15.17 8.74
CA THR B 426 41.46 -14.37 9.21
C THR B 426 40.95 -13.20 10.04
N VAL B 427 41.51 -13.00 11.23
CA VAL B 427 41.16 -11.88 12.08
C VAL B 427 42.38 -11.03 12.47
N ASP B 428 43.55 -11.34 11.90
CA ASP B 428 44.81 -10.65 12.18
C ASP B 428 45.03 -9.60 11.09
N THR B 429 45.03 -8.32 11.47
CA THR B 429 45.24 -7.25 10.51
C THR B 429 46.67 -7.19 9.99
N SER B 430 47.56 -8.01 10.52
CA SER B 430 48.92 -8.01 9.99
C SER B 430 49.17 -9.19 9.07
N ALA B 431 48.20 -10.10 8.95
CA ALA B 431 48.32 -11.22 8.04
C ALA B 431 48.47 -10.72 6.60
N PRO B 432 49.41 -11.24 5.83
CA PRO B 432 49.55 -10.79 4.43
C PRO B 432 48.66 -11.55 3.47
N SER B 433 47.68 -12.25 4.02
CA SER B 433 46.69 -13.00 3.25
C SER B 433 45.46 -13.16 4.13
N GLN B 434 44.28 -13.16 3.50
CA GLN B 434 43.03 -13.25 4.25
C GLN B 434 42.20 -14.42 3.74
N SER B 435 41.80 -15.28 4.67
CA SER B 435 41.01 -16.47 4.38
C SER B 435 39.63 -16.37 5.02
N SER B 436 38.69 -17.15 4.48
CA SER B 436 37.35 -17.23 5.05
C SER B 436 36.77 -18.60 4.74
N SER B 437 36.19 -19.24 5.75
CA SER B 437 35.58 -20.54 5.56
C SER B 437 34.12 -20.45 5.16
N ALA B 438 33.64 -19.24 4.87
CA ALA B 438 32.38 -19.07 4.17
C ALA B 438 32.53 -19.23 2.66
N TYR B 439 33.74 -19.45 2.17
CA TYR B 439 33.99 -19.63 0.74
C TYR B 439 34.89 -20.84 0.50
N ILE B 440 34.66 -21.50 -0.62
CA ILE B 440 35.66 -22.35 -1.25
C ILE B 440 36.09 -21.64 -2.53
N TYR B 441 37.30 -21.09 -2.52
CA TYR B 441 37.81 -20.34 -3.66
C TYR B 441 38.65 -21.23 -4.57
N HIS B 442 38.51 -21.03 -5.88
CA HIS B 442 39.37 -21.67 -6.87
C HIS B 442 39.62 -20.70 -8.00
N LYS B 443 40.89 -20.46 -8.30
CA LYS B 443 41.29 -19.52 -9.34
C LYS B 443 41.32 -20.22 -10.71
N VAL B 444 40.89 -19.50 -11.74
CA VAL B 444 40.96 -20.00 -13.10
C VAL B 444 42.43 -20.19 -13.49
N GLY B 445 42.73 -21.31 -14.13
CA GLY B 445 44.08 -21.59 -14.55
C GLY B 445 44.90 -22.41 -13.56
N THR B 446 44.43 -22.58 -12.33
CA THR B 446 45.12 -23.42 -11.38
C THR B 446 44.44 -24.78 -11.28
N GLU B 447 45.18 -25.76 -10.76
CA GLU B 447 44.61 -27.10 -10.66
C GLU B 447 43.62 -27.17 -9.52
N VAL B 448 42.75 -28.17 -9.58
CA VAL B 448 41.77 -28.41 -8.54
C VAL B 448 42.43 -29.24 -7.45
N THR B 449 42.46 -28.71 -6.24
CA THR B 449 43.10 -29.35 -5.10
C THR B 449 42.10 -29.50 -3.96
N ASP B 450 42.46 -30.34 -2.98
CA ASP B 450 41.71 -30.41 -1.74
C ASP B 450 41.60 -29.02 -1.12
N GLN B 451 40.51 -28.81 -0.37
CA GLN B 451 40.27 -27.56 0.31
C GLN B 451 39.90 -27.88 1.76
N THR B 452 40.70 -27.39 2.70
CA THR B 452 40.45 -27.59 4.12
C THR B 452 39.98 -26.28 4.71
N LEU B 453 38.76 -26.26 5.24
CA LEU B 453 38.15 -25.06 5.79
C LEU B 453 38.10 -25.17 7.31
N PRO B 454 38.76 -24.29 8.06
CA PRO B 454 38.64 -24.35 9.52
C PRO B 454 37.31 -23.78 10.01
N PHE B 455 36.71 -24.49 10.96
CA PHE B 455 35.44 -24.08 11.55
C PHE B 455 35.58 -23.95 13.05
N ILE B 456 34.66 -23.21 13.65
CA ILE B 456 34.55 -23.06 15.10
C ILE B 456 33.32 -23.85 15.51
N PHE B 457 33.53 -25.11 15.94
CA PHE B 457 32.40 -26.00 16.16
C PHE B 457 31.62 -25.65 17.42
N ASN B 458 32.29 -25.12 18.45
CA ASN B 458 31.65 -24.74 19.70
C ASN B 458 30.86 -25.89 20.30
N ASP B 459 31.44 -27.10 20.21
CA ASP B 459 30.90 -28.34 20.77
C ASP B 459 29.63 -28.83 20.07
N ASN B 460 29.23 -28.20 18.96
CA ASN B 460 28.25 -28.84 18.10
C ASN B 460 28.97 -29.85 17.21
N THR B 461 28.22 -30.84 16.74
CA THR B 461 28.73 -31.74 15.72
C THR B 461 28.07 -31.41 14.39
N LEU B 462 28.78 -31.74 13.31
CA LEU B 462 28.23 -31.58 11.97
C LEU B 462 27.29 -32.75 11.67
N VAL B 463 26.09 -32.44 11.21
CA VAL B 463 25.07 -33.45 10.92
C VAL B 463 25.03 -33.79 9.44
N SER B 464 24.97 -32.79 8.57
CA SER B 464 24.94 -33.04 7.13
C SER B 464 25.28 -31.74 6.39
N ILE B 465 25.60 -31.90 5.11
CA ILE B 465 25.84 -30.80 4.19
C ILE B 465 25.02 -31.04 2.93
N GLN B 466 24.41 -29.99 2.41
CA GLN B 466 23.56 -30.08 1.23
C GLN B 466 23.80 -28.87 0.34
N ASP B 467 23.96 -29.11 -0.97
CA ASP B 467 24.26 -28.00 -1.85
C ASP B 467 22.99 -27.34 -2.36
N SER B 468 23.15 -26.16 -2.96
CA SER B 468 22.00 -25.35 -3.36
C SER B 468 21.21 -25.96 -4.51
N LYS B 469 21.63 -27.12 -5.03
CA LYS B 469 20.86 -27.86 -6.01
C LYS B 469 20.07 -28.99 -5.39
N GLY B 470 20.10 -29.14 -4.06
CA GLY B 470 19.42 -30.22 -3.39
C GLY B 470 20.24 -31.49 -3.25
N THR B 471 21.47 -31.51 -3.74
CA THR B 471 22.33 -32.68 -3.57
C THR B 471 22.93 -32.68 -2.18
N THR B 472 22.83 -33.82 -1.50
CA THR B 472 23.40 -33.97 -0.18
C THR B 472 24.77 -34.63 -0.31
N LEU B 473 25.78 -34.00 0.29
CA LEU B 473 27.12 -34.53 0.19
C LEU B 473 27.25 -35.81 1.01
N LYS B 474 27.93 -36.80 0.44
CA LYS B 474 28.16 -38.06 1.12
C LYS B 474 29.24 -37.86 2.18
N ALA B 475 28.92 -38.17 3.43
CA ALA B 475 29.90 -38.02 4.50
C ALA B 475 31.05 -38.99 4.31
N ASP B 476 32.25 -38.56 4.71
CA ASP B 476 33.49 -39.34 4.60
C ASP B 476 33.81 -39.72 3.15
N THR B 477 33.29 -38.96 2.18
CA THR B 477 33.57 -39.20 0.78
C THR B 477 33.58 -37.88 0.03
N ASP B 478 32.51 -37.11 0.14
CA ASP B 478 32.49 -35.75 -0.39
C ASP B 478 33.14 -34.76 0.58
N TYR B 479 33.32 -35.15 1.83
CA TYR B 479 33.96 -34.30 2.84
C TYR B 479 34.35 -35.18 4.02
N THR B 480 35.33 -34.70 4.78
CA THR B 480 35.78 -35.35 5.99
C THR B 480 36.00 -34.29 7.05
N VAL B 481 35.68 -34.63 8.29
CA VAL B 481 35.85 -33.75 9.44
C VAL B 481 37.04 -34.25 10.24
N SER B 482 37.90 -33.32 10.66
CA SER B 482 39.07 -33.66 11.46
C SER B 482 39.32 -32.51 12.44
N GLY B 483 39.00 -32.73 13.71
CA GLY B 483 39.08 -31.64 14.66
C GLY B 483 38.12 -30.54 14.25
N SER B 484 38.65 -29.33 14.05
CA SER B 484 37.87 -28.20 13.57
C SER B 484 37.98 -28.01 12.06
N ASN B 485 38.69 -28.89 11.37
CA ASN B 485 38.83 -28.82 9.92
C ASN B 485 37.71 -29.59 9.23
N ILE B 486 37.15 -29.02 8.17
CA ILE B 486 36.31 -29.74 7.22
C ILE B 486 37.00 -29.71 5.87
N THR B 487 37.30 -30.88 5.33
CA THR B 487 38.10 -31.01 4.11
C THR B 487 37.29 -31.63 2.99
N PHE B 488 37.27 -30.96 1.84
CA PHE B 488 36.64 -31.48 0.62
C PHE B 488 37.72 -31.94 -0.34
N PRO B 489 37.71 -33.21 -0.78
CA PRO B 489 38.77 -33.69 -1.68
C PRO B 489 38.64 -33.09 -3.07
N ALA B 490 39.79 -33.06 -3.77
CA ALA B 490 39.81 -32.56 -5.13
C ALA B 490 38.87 -33.35 -6.04
N SER B 491 38.84 -34.68 -5.87
CA SER B 491 37.96 -35.51 -6.67
C SER B 491 36.52 -35.01 -6.61
N PHE B 492 36.04 -34.73 -5.40
CA PHE B 492 34.68 -34.24 -5.23
C PHE B 492 34.52 -32.81 -5.76
N LEU B 493 35.48 -31.93 -5.45
CA LEU B 493 35.34 -30.54 -5.87
C LEU B 493 35.43 -30.38 -7.39
N SER B 494 36.16 -31.26 -8.05
CA SER B 494 36.24 -31.15 -9.51
C SER B 494 34.93 -31.51 -10.21
N THR B 495 33.87 -31.83 -9.45
CA THR B 495 32.55 -32.00 -10.02
C THR B 495 31.74 -30.70 -9.99
N TYR B 496 32.33 -29.62 -9.48
CA TYR B 496 31.72 -28.29 -9.53
C TYR B 496 32.50 -27.31 -10.38
N TYR B 497 33.81 -27.48 -10.50
CA TYR B 497 34.64 -26.56 -11.27
C TYR B 497 35.87 -27.31 -11.76
N SER B 498 36.58 -26.69 -12.69
CA SER B 498 37.76 -27.28 -13.31
C SER B 498 38.81 -26.18 -13.46
N GLU B 499 39.90 -26.50 -14.16
CA GLU B 499 40.91 -25.48 -14.42
C GLU B 499 40.37 -24.39 -15.35
N THR B 500 39.49 -24.74 -16.30
CA THR B 500 39.08 -23.85 -17.36
C THR B 500 37.63 -23.41 -17.27
N SER B 501 36.88 -23.83 -16.26
CA SER B 501 35.48 -23.48 -16.21
C SER B 501 35.31 -21.99 -15.91
N GLU B 502 34.15 -21.45 -16.29
CA GLU B 502 33.92 -20.01 -16.22
C GLU B 502 33.92 -19.51 -14.78
N PRO B 503 34.41 -18.28 -14.57
CA PRO B 503 34.37 -17.70 -13.22
C PRO B 503 32.97 -17.22 -12.86
N GLY B 504 32.69 -17.25 -11.55
CA GLY B 504 31.42 -16.79 -11.03
C GLY B 504 31.01 -17.60 -9.80
N LEU B 505 29.82 -17.26 -9.29
CA LEU B 505 29.27 -17.99 -8.14
C LEU B 505 28.77 -19.35 -8.59
N LEU B 506 29.28 -20.41 -7.96
CA LEU B 506 28.84 -21.77 -8.21
C LEU B 506 27.77 -22.11 -7.18
N PRO B 507 27.35 -23.38 -7.02
CA PRO B 507 26.51 -23.72 -5.86
C PRO B 507 27.12 -23.35 -4.52
N ASN B 508 26.29 -23.31 -3.47
CA ASN B 508 26.81 -23.18 -2.12
C ASN B 508 26.37 -24.38 -1.28
N PHE B 509 27.13 -24.64 -0.23
CA PHE B 509 26.87 -25.75 0.67
C PHE B 509 26.24 -25.20 1.96
N THR B 510 25.17 -25.83 2.41
CA THR B 510 24.52 -25.47 3.67
C THR B 510 24.82 -26.55 4.69
N LEU B 511 25.53 -26.16 5.76
CA LEU B 511 26.02 -27.10 6.75
C LEU B 511 25.08 -27.13 7.95
N LYS B 512 24.49 -28.29 8.20
CA LYS B 512 23.57 -28.45 9.32
C LYS B 512 24.33 -29.06 10.49
N PHE B 513 24.42 -28.31 11.59
CA PHE B 513 25.04 -28.77 12.81
C PHE B 513 23.97 -29.25 13.80
N SER B 514 24.42 -29.91 14.87
CA SER B 514 23.49 -30.45 15.85
C SER B 514 22.72 -29.37 16.60
N SER B 515 23.17 -28.11 16.53
CA SER B 515 22.47 -27.02 17.18
C SER B 515 22.88 -25.72 16.50
N GLY B 516 22.04 -24.71 16.63
CA GLY B 516 22.37 -23.39 16.12
C GLY B 516 22.19 -23.25 14.62
N ALA B 517 22.64 -22.12 14.11
CA ALA B 517 22.40 -21.75 12.72
C ALA B 517 23.17 -22.67 11.78
N SER B 518 22.76 -22.67 10.51
CA SER B 518 23.39 -23.50 9.48
C SER B 518 24.22 -22.62 8.57
N PRO B 519 25.53 -22.51 8.76
CA PRO B 519 26.31 -21.62 7.93
C PRO B 519 26.36 -22.10 6.48
N VAL B 520 26.63 -21.16 5.58
CA VAL B 520 26.63 -21.42 4.14
C VAL B 520 28.05 -21.23 3.61
N VAL B 521 28.55 -22.21 2.88
CA VAL B 521 29.86 -22.14 2.21
C VAL B 521 29.63 -21.91 0.73
N GLN B 522 30.08 -20.76 0.23
CA GLN B 522 29.84 -20.35 -1.15
C GLN B 522 31.04 -20.71 -2.01
N LEU B 523 30.81 -21.51 -3.05
CA LEU B 523 31.88 -21.89 -3.95
C LEU B 523 32.05 -20.83 -5.03
N VAL B 524 33.30 -20.47 -5.33
CA VAL B 524 33.57 -19.33 -6.21
C VAL B 524 34.75 -19.68 -7.11
N GLN B 525 34.51 -19.71 -8.41
CA GLN B 525 35.58 -19.73 -9.41
C GLN B 525 35.93 -18.28 -9.71
N TRP B 526 37.15 -17.86 -9.36
CA TRP B 526 37.50 -16.47 -9.52
C TRP B 526 38.71 -16.32 -10.44
N ASP B 527 38.85 -15.12 -10.98
CA ASP B 527 39.99 -14.70 -11.76
C ASP B 527 40.13 -13.20 -11.54
N THR B 528 41.28 -12.66 -11.91
CA THR B 528 41.48 -11.21 -11.77
C THR B 528 40.50 -10.46 -12.66
N PRO B 529 39.62 -9.61 -12.12
CA PRO B 529 38.68 -8.88 -12.99
C PRO B 529 39.43 -7.96 -13.96
N THR B 530 38.75 -7.63 -15.06
CA THR B 530 39.26 -6.66 -16.02
C THR B 530 38.31 -5.48 -16.10
N LEU B 531 38.88 -4.31 -16.39
CA LEU B 531 38.14 -3.07 -16.60
C LEU B 531 38.12 -2.72 -18.09
N SER B 532 37.04 -2.05 -18.50
CA SER B 532 36.95 -1.56 -19.88
C SER B 532 37.80 -0.33 -20.12
N LYS B 533 38.28 0.33 -19.06
CA LYS B 533 39.12 1.51 -19.17
C LYS B 533 40.11 1.45 -18.02
N THR B 534 41.39 1.69 -18.30
CA THR B 534 42.43 1.62 -17.30
C THR B 534 43.01 2.98 -16.92
N SER B 535 42.58 4.05 -17.59
CA SER B 535 42.96 5.40 -17.16
C SER B 535 42.00 6.41 -17.77
N ALA B 536 42.02 7.62 -17.20
CA ALA B 536 41.24 8.72 -17.72
C ALA B 536 41.81 10.01 -17.17
N ALA B 537 41.73 11.08 -17.96
CA ALA B 537 42.10 12.40 -17.47
C ALA B 537 41.08 12.84 -16.43
N ALA B 538 41.54 13.06 -15.20
CA ALA B 538 40.63 13.39 -14.12
C ALA B 538 39.82 14.64 -14.43
N SER B 539 40.34 15.52 -15.29
CA SER B 539 39.61 16.73 -15.64
C SER B 539 38.38 16.41 -16.47
N SER B 540 38.54 15.60 -17.52
CA SER B 540 37.50 15.36 -18.52
C SER B 540 36.48 14.30 -18.10
N ILE B 541 36.36 13.97 -16.81
CA ILE B 541 35.39 12.97 -16.37
C ILE B 541 34.68 13.47 -15.13
N SER B 542 35.07 14.66 -14.66
CA SER B 542 34.45 15.23 -13.48
C SER B 542 33.00 15.62 -13.76
N GLY B 543 32.30 15.98 -12.70
CA GLY B 543 30.91 16.31 -12.79
C GLY B 543 29.98 15.26 -12.22
N SER B 544 30.48 14.06 -12.00
CA SER B 544 29.64 12.96 -11.55
C SER B 544 30.54 11.87 -11.00
N ASP B 545 29.92 10.86 -10.41
CA ASP B 545 30.66 9.66 -10.07
C ASP B 545 31.23 9.06 -11.34
N LEU B 546 32.32 8.32 -11.19
CA LEU B 546 32.98 7.69 -12.31
C LEU B 546 32.58 6.21 -12.30
N SER B 547 31.64 5.85 -13.18
CA SER B 547 31.31 4.44 -13.39
C SER B 547 32.29 3.85 -14.40
N ILE B 548 33.04 2.85 -13.98
CA ILE B 548 33.98 2.14 -14.86
C ILE B 548 33.43 0.73 -15.09
N PRO B 549 32.93 0.41 -16.29
CA PRO B 549 32.35 -0.93 -16.51
C PRO B 549 33.39 -2.02 -16.27
N ILE B 550 32.94 -3.13 -15.70
CA ILE B 550 33.86 -4.13 -15.20
C ILE B 550 33.37 -5.51 -15.60
N THR B 551 34.31 -6.42 -15.84
CA THR B 551 33.99 -7.83 -16.01
C THR B 551 34.33 -8.52 -14.68
N TRP B 552 33.28 -8.80 -13.90
CA TRP B 552 33.47 -9.56 -12.68
C TRP B 552 33.91 -10.98 -13.02
N LYS B 553 34.84 -11.51 -12.25
CA LYS B 553 35.32 -12.88 -12.44
C LYS B 553 35.33 -13.55 -11.06
N GLY B 554 34.18 -14.07 -10.66
CA GLY B 554 34.01 -14.64 -9.34
C GLY B 554 32.90 -13.95 -8.57
N LEU B 555 33.24 -13.43 -7.40
CA LEU B 555 32.26 -12.72 -6.58
C LEU B 555 32.09 -11.30 -7.11
N PRO B 556 30.84 -10.85 -7.45
CA PRO B 556 30.63 -9.51 -8.01
C PRO B 556 30.52 -8.45 -6.92
N LYS B 557 31.47 -8.47 -5.98
CA LYS B 557 31.56 -7.51 -4.90
C LYS B 557 32.95 -6.88 -4.93
N LEU B 558 33.01 -5.59 -4.65
CA LEU B 558 34.27 -4.90 -4.46
C LEU B 558 34.64 -4.97 -2.98
N ALA B 559 35.89 -5.39 -2.69
CA ALA B 559 36.33 -5.47 -1.30
C ALA B 559 36.78 -4.11 -0.77
N THR B 560 37.53 -3.35 -1.58
CA THR B 560 38.05 -2.06 -1.16
C THR B 560 38.79 -1.47 -2.37
N VAL B 561 39.22 -0.21 -2.23
CA VAL B 561 40.02 0.46 -3.26
C VAL B 561 41.23 1.10 -2.58
N LYS B 562 42.43 0.78 -3.06
CA LYS B 562 43.62 1.52 -2.65
C LYS B 562 43.75 2.76 -3.52
N ALA B 563 44.09 3.90 -2.90
CA ALA B 563 44.35 5.12 -3.65
C ALA B 563 45.70 5.69 -3.25
N LEU B 564 46.61 5.81 -4.22
CA LEU B 564 47.97 6.28 -3.97
C LEU B 564 48.35 7.30 -5.03
N LEU B 565 48.74 8.50 -4.59
CA LEU B 565 49.26 9.49 -5.51
C LEU B 565 50.57 9.03 -6.13
N ASN B 566 51.01 9.76 -7.15
CA ASN B 566 52.21 9.38 -7.89
C ASN B 566 53.46 9.44 -7.01
N ASN B 567 53.58 10.46 -6.17
CA ASN B 567 54.75 10.63 -5.32
C ASN B 567 54.73 9.76 -4.06
N GLY B 568 53.73 8.89 -3.92
CA GLY B 568 53.65 7.95 -2.83
C GLY B 568 52.74 8.38 -1.69
N THR B 569 52.37 9.65 -1.61
CA THR B 569 51.44 10.10 -0.59
C THR B 569 50.05 9.49 -0.83
N TYR B 570 49.36 9.18 0.27
CA TYR B 570 48.00 8.67 0.16
C TYR B 570 47.07 9.76 -0.37
N LEU B 571 46.06 9.34 -1.14
CA LEU B 571 45.05 10.29 -1.59
C LEU B 571 44.30 10.90 -0.41
N VAL B 572 43.88 10.05 0.54
CA VAL B 572 43.10 10.49 1.69
C VAL B 572 43.44 9.62 2.90
N ASP B 573 43.24 10.19 4.09
CA ASP B 573 43.26 9.43 5.35
C ASP B 573 44.64 8.82 5.61
N ASP B 574 45.62 9.70 5.86
CA ASP B 574 47.00 9.29 6.15
C ASP B 574 47.07 8.16 7.16
N PHE B 575 46.22 8.23 8.19
CA PHE B 575 46.33 7.35 9.35
C PHE B 575 46.15 5.89 9.02
N THR B 576 45.64 5.56 7.82
CA THR B 576 45.54 4.16 7.44
C THR B 576 46.92 3.49 7.31
N GLN B 577 48.01 4.25 7.35
CA GLN B 577 49.34 3.63 7.28
C GLN B 577 49.56 2.62 8.40
N TRP B 578 48.79 2.69 9.48
CA TRP B 578 48.96 1.79 10.60
C TRP B 578 48.02 0.59 10.53
N PHE B 579 47.34 0.38 9.41
CA PHE B 579 46.26 -0.60 9.34
C PHE B 579 46.68 -1.89 8.65
N GLY B 580 47.99 -2.12 8.50
CA GLY B 580 48.48 -3.36 7.97
C GLY B 580 48.43 -3.45 6.46
N PRO B 581 48.84 -4.61 5.93
CA PRO B 581 48.96 -4.76 4.47
C PRO B 581 47.66 -4.57 3.71
N PHE B 582 46.51 -4.80 4.34
CA PHE B 582 45.25 -4.69 3.61
C PHE B 582 44.50 -3.42 3.91
N GLY B 583 45.08 -2.55 4.73
CA GLY B 583 44.44 -1.34 5.17
C GLY B 583 45.16 -0.09 4.72
N GLU B 584 46.50 -0.19 4.56
CA GLU B 584 47.29 0.98 4.23
C GLU B 584 46.84 1.56 2.89
N ALA B 585 46.49 2.83 2.90
CA ALA B 585 46.11 3.62 1.74
C ALA B 585 44.76 3.20 1.14
N ARG B 586 43.97 2.38 1.82
CA ARG B 586 42.65 2.08 1.28
C ARG B 586 41.63 3.15 1.73
N THR B 587 40.56 3.26 0.95
CA THR B 587 39.53 4.28 1.07
C THR B 587 38.19 3.62 1.46
N THR B 588 37.14 4.44 1.54
CA THR B 588 35.93 4.02 2.24
C THR B 588 34.75 3.85 1.28
N TYR B 589 34.06 2.71 1.43
CA TYR B 589 32.81 2.44 0.73
C TYR B 589 31.84 3.63 0.82
N SER B 590 31.16 3.90 -0.30
CA SER B 590 30.15 4.94 -0.43
C SER B 590 30.77 6.34 -0.38
N ASN B 591 31.59 6.64 0.63
CA ASN B 591 32.32 7.91 0.63
C ASN B 591 33.17 8.05 -0.64
N GLN B 592 34.05 7.08 -0.91
CA GLN B 592 34.97 7.17 -2.04
C GLN B 592 34.69 6.20 -3.17
N TRP B 593 34.13 5.02 -2.90
CA TRP B 593 33.97 4.02 -3.94
C TRP B 593 32.67 3.26 -3.73
N ASN B 594 32.26 2.56 -4.77
CA ASN B 594 31.00 1.82 -4.80
C ASN B 594 31.04 0.91 -6.02
N TRP B 595 29.96 0.17 -6.23
CA TRP B 595 29.87 -0.72 -7.38
C TRP B 595 28.39 -1.00 -7.65
N ASP B 596 28.12 -1.57 -8.82
CA ASP B 596 26.80 -2.11 -9.10
C ASP B 596 26.99 -3.36 -9.98
N ASP B 597 25.89 -3.80 -10.61
CA ASP B 597 25.94 -5.05 -11.36
C ASP B 597 26.98 -5.01 -12.46
N LYS B 598 27.24 -3.84 -13.03
CA LYS B 598 28.06 -3.73 -14.23
C LYS B 598 29.25 -2.78 -14.10
N ASN B 599 29.46 -2.14 -12.95
CA ASN B 599 30.49 -1.12 -12.83
C ASN B 599 31.16 -1.16 -11.46
N VAL B 600 32.43 -0.71 -11.42
CA VAL B 600 32.99 -0.15 -10.19
C VAL B 600 32.93 1.36 -10.33
N ILE B 601 32.89 2.05 -9.19
CA ILE B 601 32.53 3.46 -9.14
C ILE B 601 33.49 4.18 -8.21
N LEU B 602 34.01 5.32 -8.66
CA LEU B 602 34.75 6.26 -7.83
C LEU B 602 33.89 7.52 -7.74
N THR B 603 33.52 7.90 -6.51
CA THR B 603 32.59 9.01 -6.33
C THR B 603 33.17 10.32 -6.86
N GLN B 604 32.28 11.27 -7.10
CA GLN B 604 32.67 12.62 -7.48
C GLN B 604 33.71 13.19 -6.53
N ALA B 605 33.52 12.99 -5.22
CA ALA B 605 34.45 13.53 -4.24
C ALA B 605 35.85 12.95 -4.39
N THR B 606 35.94 11.66 -4.73
CA THR B 606 37.24 11.06 -5.01
C THR B 606 37.91 11.76 -6.19
N VAL B 607 37.16 11.94 -7.29
CA VAL B 607 37.70 12.59 -8.48
C VAL B 607 38.22 13.99 -8.15
N GLU B 608 37.46 14.76 -7.39
N GLU B 608 37.45 14.75 -7.37
CA GLU B 608 37.91 16.12 -7.09
CA GLU B 608 37.82 16.12 -7.03
C GLU B 608 39.06 16.15 -6.10
C GLU B 608 38.99 16.17 -6.04
N ALA B 609 39.24 15.08 -5.30
CA ALA B 609 40.39 15.02 -4.43
C ALA B 609 41.67 14.77 -5.23
N VAL B 610 41.55 14.01 -6.33
CA VAL B 610 42.67 13.83 -7.25
C VAL B 610 43.05 15.15 -7.89
N VAL B 611 42.06 15.86 -8.44
CA VAL B 611 42.32 17.16 -9.05
C VAL B 611 42.98 18.11 -8.04
N ALA B 612 42.53 18.06 -6.79
CA ALA B 612 43.09 18.94 -5.77
C ALA B 612 44.52 18.54 -5.42
N ALA B 613 44.78 17.23 -5.36
CA ALA B 613 46.15 16.77 -5.11
C ALA B 613 47.09 17.23 -6.22
N GLY B 614 46.56 17.44 -7.43
CA GLY B 614 47.36 17.87 -8.55
C GLY B 614 48.34 16.83 -9.04
N GLN B 615 47.95 15.56 -8.99
CA GLN B 615 48.91 14.49 -9.20
C GLN B 615 48.18 13.21 -9.61
N ASP B 616 48.68 12.56 -10.66
CA ASP B 616 48.18 11.25 -11.07
C ASP B 616 48.04 10.33 -9.87
N THR B 617 46.92 9.62 -9.82
CA THR B 617 46.60 8.75 -8.70
C THR B 617 46.24 7.37 -9.22
N VAL B 618 46.86 6.34 -8.65
CA VAL B 618 46.56 4.96 -9.02
C VAL B 618 45.55 4.40 -8.04
N PHE B 619 44.40 3.99 -8.55
CA PHE B 619 43.39 3.29 -7.78
C PHE B 619 43.52 1.80 -8.05
N THR B 620 43.64 1.02 -6.98
CA THR B 620 43.69 -0.44 -7.08
C THR B 620 42.37 -0.99 -6.54
N PHE B 621 41.47 -1.37 -7.45
CA PHE B 621 40.26 -2.07 -7.05
C PHE B 621 40.61 -3.47 -6.59
N GLU B 622 40.09 -3.89 -5.44
CA GLU B 622 40.48 -5.17 -4.86
C GLU B 622 39.27 -6.04 -4.60
N PHE B 623 39.43 -7.34 -4.79
CA PHE B 623 38.29 -8.25 -4.81
C PHE B 623 38.55 -9.45 -3.90
N PHE B 624 37.49 -10.21 -3.64
CA PHE B 624 37.67 -11.43 -2.86
C PHE B 624 37.98 -12.60 -3.79
N PRO B 625 38.87 -13.50 -3.37
CA PRO B 625 39.60 -13.51 -2.10
C PRO B 625 40.77 -12.54 -2.11
N ARG B 626 41.08 -11.96 -0.95
CA ARG B 626 42.27 -11.16 -0.78
C ARG B 626 43.43 -12.10 -0.44
N VAL B 627 43.85 -12.84 -1.46
CA VAL B 627 44.94 -13.80 -1.30
C VAL B 627 46.25 -13.07 -1.04
N ASP B 628 46.41 -11.89 -1.60
CA ASP B 628 47.53 -11.00 -1.31
C ASP B 628 47.05 -9.59 -1.66
N THR B 629 47.97 -8.64 -1.71
CA THR B 629 47.60 -7.27 -2.02
C THR B 629 47.62 -6.95 -3.52
N THR B 630 47.89 -7.92 -4.40
CA THR B 630 48.06 -7.56 -5.81
C THR B 630 47.41 -8.49 -6.83
N THR B 631 47.42 -9.80 -6.59
CA THR B 631 46.93 -10.75 -7.58
C THR B 631 45.50 -10.45 -8.02
N ASN B 632 44.56 -10.47 -7.07
CA ASN B 632 43.13 -10.32 -7.39
C ASN B 632 42.72 -8.86 -7.35
N THR B 633 43.43 -8.03 -8.12
CA THR B 633 43.21 -6.59 -8.16
C THR B 633 43.40 -6.12 -9.60
N VAL B 634 42.89 -4.93 -9.88
CA VAL B 634 43.08 -4.27 -11.16
C VAL B 634 43.18 -2.79 -10.90
N ASN B 635 44.02 -2.13 -11.67
CA ASN B 635 44.38 -0.73 -11.48
C ASN B 635 43.60 0.19 -12.39
N PHE B 636 43.38 1.41 -11.91
CA PHE B 636 42.82 2.48 -12.73
C PHE B 636 43.50 3.79 -12.33
N THR B 637 43.98 4.54 -13.32
CA THR B 637 44.78 5.73 -13.09
C THR B 637 44.01 6.98 -13.52
N LEU B 638 43.76 7.89 -12.59
CA LEU B 638 43.24 9.22 -12.93
C LEU B 638 44.41 10.16 -13.12
N THR B 639 44.51 10.77 -14.29
CA THR B 639 45.63 11.62 -14.64
C THR B 639 45.25 13.09 -14.55
N VAL B 640 46.25 13.94 -14.39
CA VAL B 640 46.03 15.39 -14.31
C VAL B 640 47.01 16.13 -15.21
C1 NAG C . -44.24 22.62 4.82
C2 NAG C . -45.44 21.99 5.53
C3 NAG C . -46.64 21.93 4.59
C4 NAG C . -46.89 23.26 3.87
C5 NAG C . -45.59 23.77 3.25
C6 NAG C . -45.66 25.15 2.59
C7 NAG C . -44.86 20.37 7.27
C8 NAG C . -44.66 18.90 7.54
N2 NAG C . -45.19 20.66 6.00
O3 NAG C . -47.71 21.47 5.37
O4 NAG C . -47.84 23.01 2.86
O5 NAG C . -44.63 23.85 4.27
O6 NAG C . -45.81 26.12 3.60
O7 NAG C . -44.72 21.22 8.14
C1 NAG C . -49.03 23.77 3.11
C2 NAG C . -49.73 23.90 1.77
C3 NAG C . -51.14 24.51 1.91
C4 NAG C . -51.93 23.88 3.06
C5 NAG C . -51.04 23.84 4.32
C6 NAG C . -51.70 23.25 5.55
C7 NAG C . -48.06 24.13 -0.04
C8 NAG C . -47.32 25.13 -0.89
N2 NAG C . -48.92 24.67 0.86
O3 NAG C . -51.77 24.35 0.67
O4 NAG C . -53.08 24.67 3.30
O5 NAG C . -49.87 23.12 4.02
O6 NAG C . -52.02 21.90 5.31
O7 NAG C . -47.90 22.93 -0.17
C1 BMA C . -54.27 24.07 2.72
C2 BMA C . -55.47 24.68 3.42
C3 BMA C . -56.80 24.24 2.77
C4 BMA C . -56.83 24.38 1.24
C5 BMA C . -55.50 24.07 0.56
C6 BMA C . -55.35 24.75 -0.79
O2 BMA C . -55.29 26.07 3.43
O3 BMA C . -57.84 24.93 3.41
O4 BMA C . -57.81 23.47 0.79
O5 BMA C . -54.31 24.30 1.33
O6 BMA C . -54.22 24.13 -1.40
C1 MAN C . -58.66 23.97 4.12
C2 MAN C . -59.89 24.70 4.65
C3 MAN C . -59.49 25.68 5.75
C4 MAN C . -58.80 24.93 6.88
C5 MAN C . -57.57 24.22 6.30
C6 MAN C . -56.87 23.35 7.33
O2 MAN C . -60.73 23.71 5.17
O3 MAN C . -60.65 26.32 6.18
O4 MAN C . -58.47 25.86 7.89
O5 MAN C . -57.95 23.39 5.21
O6 MAN C . -57.69 22.23 7.56
C1 MAN C . -61.61 23.21 4.14
C2 MAN C . -62.97 22.93 4.80
C3 MAN C . -62.74 21.90 5.90
C4 MAN C . -62.10 20.63 5.33
C5 MAN C . -60.86 20.98 4.48
C6 MAN C . -60.41 19.79 3.66
O2 MAN C . -63.81 22.45 3.77
O3 MAN C . -63.98 21.62 6.51
O4 MAN C . -61.79 19.80 6.42
O5 MAN C . -61.11 22.04 3.58
O6 MAN C . -61.38 19.51 2.66
C1 MAN C . -64.87 23.40 3.50
C2 MAN C . -65.93 22.71 2.61
C3 MAN C . -65.41 22.48 1.19
C4 MAN C . -64.78 23.75 0.59
C5 MAN C . -63.79 24.37 1.59
C6 MAN C . -63.29 25.73 1.12
O2 MAN C . -67.10 23.50 2.64
O3 MAN C . -66.50 22.05 0.44
O4 MAN C . -64.14 23.39 -0.62
O5 MAN C . -64.41 24.56 2.85
O6 MAN C . -64.28 26.69 1.39
C1 MAN C . -57.04 21.28 8.43
C2 MAN C . -57.86 20.00 8.34
C3 MAN C . -59.28 20.39 8.73
C4 MAN C . -59.31 20.91 10.17
C5 MAN C . -58.28 22.04 10.36
C6 MAN C . -58.02 22.34 11.83
O2 MAN C . -57.28 19.06 9.22
O3 MAN C . -60.15 19.29 8.52
O4 MAN C . -60.61 21.37 10.41
O5 MAN C . -57.01 21.72 9.77
O6 MAN C . -58.00 23.74 12.04
C1 MAN C . -54.27 24.36 -2.82
C2 MAN C . -53.14 23.53 -3.43
C3 MAN C . -51.76 24.08 -3.03
C4 MAN C . -51.70 25.59 -3.32
C5 MAN C . -52.89 26.29 -2.64
C6 MAN C . -52.94 27.79 -2.93
O2 MAN C . -53.33 23.50 -4.82
O3 MAN C . -50.77 23.36 -3.74
O4 MAN C . -50.48 26.04 -2.79
O5 MAN C . -54.12 25.73 -3.08
O6 MAN C . -52.71 28.02 -4.30
C1 MAN C . -50.08 22.45 -2.84
C2 MAN C . -48.63 22.28 -3.37
C3 MAN C . -48.62 21.56 -4.71
C4 MAN C . -49.40 20.24 -4.59
C5 MAN C . -50.81 20.52 -4.03
C6 MAN C . -51.60 19.25 -3.80
O2 MAN C . -47.92 21.53 -2.40
O3 MAN C . -47.28 21.34 -5.07
O4 MAN C . -49.45 19.67 -5.87
O5 MAN C . -50.71 21.20 -2.79
O6 MAN C . -52.94 19.57 -3.50
C1 MAN C . -52.36 29.42 -4.49
C2 MAN C . -53.33 30.01 -5.51
C3 MAN C . -53.17 29.29 -6.84
C4 MAN C . -51.71 29.29 -7.31
C5 MAN C . -50.78 28.84 -6.17
C6 MAN C . -49.32 29.07 -6.53
O2 MAN C . -53.06 31.39 -5.62
O3 MAN C . -54.03 29.92 -7.77
O4 MAN C . -51.62 28.43 -8.41
O5 MAN C . -51.05 29.55 -4.97
O6 MAN C . -49.11 28.54 -7.81
C1 NAG D . -28.91 -5.99 8.41
C2 NAG D . -28.19 -5.11 7.39
C3 NAG D . -26.68 -5.04 7.66
C4 NAG D . -26.34 -4.74 9.11
C5 NAG D . -27.20 -5.56 10.07
C6 NAG D . -27.09 -5.05 11.49
C7 NAG D . -29.12 -4.93 5.10
C8 NAG D . -29.11 -5.58 3.74
N2 NAG D . -28.35 -5.55 6.02
O3 NAG D . -26.20 -4.04 6.80
O4 NAG D . -25.00 -5.10 9.33
O5 NAG D . -28.56 -5.50 9.69
O6 NAG D . -26.92 -6.15 12.34
O7 NAG D . -29.77 -3.92 5.34
C1 NAG D . -24.14 -3.96 9.45
C2 NAG D . -22.85 -4.41 10.16
C3 NAG D . -21.87 -3.24 10.25
C4 NAG D . -21.64 -2.59 8.88
C5 NAG D . -22.99 -2.30 8.20
C6 NAG D . -22.85 -1.87 6.76
C7 NAG D . -23.17 -6.28 11.75
C8 NAG D . -23.48 -6.61 13.19
N2 NAG D . -23.13 -4.96 11.46
O3 NAG D . -20.67 -3.73 10.81
O4 NAG D . -20.94 -1.39 9.09
O5 NAG D . -23.79 -3.46 8.19
O6 NAG D . -22.50 -3.01 6.01
O7 NAG D . -22.98 -7.15 10.92
C1 BMA D . -19.56 -1.53 8.67
C2 BMA D . -19.04 -0.13 8.34
C3 BMA D . -17.50 -0.09 8.09
C4 BMA D . -16.70 -0.93 9.14
C5 BMA D . -17.39 -2.22 9.58
C6 BMA D . -16.77 -2.84 10.83
O2 BMA D . -19.40 0.72 9.39
O3 BMA D . -17.11 1.27 8.05
O4 BMA D . -15.47 -1.25 8.54
O5 BMA D . -18.81 -2.13 9.71
O6 BMA D . -17.10 -4.20 10.78
C1 MAN D . -16.88 1.69 6.68
C2 MAN D . -16.02 2.96 6.76
C3 MAN D . -16.86 4.04 7.42
C4 MAN D . -18.11 4.30 6.58
C5 MAN D . -18.93 2.99 6.49
C6 MAN D . -20.17 3.12 5.61
O2 MAN D . -15.63 3.33 5.44
O3 MAN D . -16.07 5.20 7.56
O4 MAN D . -18.82 5.33 7.21
O5 MAN D . -18.09 1.95 5.99
O6 MAN D . -20.77 1.85 5.46
C1 MAN D . -14.31 3.94 5.46
C2 MAN D . -14.19 4.93 4.30
C3 MAN D . -14.21 4.21 2.96
C4 MAN D . -13.10 3.16 2.94
C5 MAN D . -13.23 2.22 4.14
C6 MAN D . -12.01 1.32 4.26
O2 MAN D . -12.93 5.53 4.44
O3 MAN D . -13.97 5.18 1.97
O4 MAN D . -13.19 2.46 1.71
O5 MAN D . -13.29 2.96 5.33
O6 MAN D . -12.47 0.07 4.74
C1 MAN D . -12.91 6.64 5.36
C2 MAN D . -11.95 7.68 4.79
C3 MAN D . -10.56 7.06 4.69
C4 MAN D . -10.12 6.48 6.04
C5 MAN D . -11.21 5.57 6.62
C6 MAN D . -10.94 5.16 8.06
O2 MAN D . -11.93 8.80 5.66
O3 MAN D . -9.68 8.05 4.20
O4 MAN D . -8.97 5.73 5.77
O5 MAN D . -12.47 6.22 6.61
O6 MAN D . -11.29 3.81 8.21
C1 MAN D . -16.38 -4.99 11.74
C2 MAN D . -16.94 -6.41 11.66
C3 MAN D . -18.38 -6.44 12.15
C4 MAN D . -18.43 -5.92 13.59
C5 MAN D . -17.80 -4.51 13.67
C6 MAN D . -17.63 -4.05 15.11
O2 MAN D . -16.10 -7.25 12.43
O3 MAN D . -18.90 -7.75 12.01
O4 MAN D . -19.78 -5.89 13.99
O5 MAN D . -16.52 -4.47 13.05
O6 MAN D . -17.53 -2.64 15.16
C2 BGC E . -34.60 17.15 -19.82
C3 BGC E . -33.46 16.69 -18.92
C4 BGC E . -32.37 17.74 -18.69
C5 BGC E . -33.03 19.11 -18.42
C6 BGC E . -31.99 20.20 -18.22
C1 BGC E . -35.04 18.58 -19.50
O1 BGC E . -35.96 19.03 -20.44
O2 BGC E . -35.65 16.25 -19.60
O3 BGC E . -32.84 15.53 -19.41
O4 BGC E . -31.61 17.45 -17.54
O5 BGC E . -33.90 19.43 -19.48
O6 BGC E . -32.16 21.20 -19.19
C2 BGC E . -29.40 17.03 -16.82
C3 BGC E . -28.12 16.25 -17.07
C4 BGC E . -28.40 14.74 -17.23
C5 BGC E . -29.57 14.50 -18.19
C6 BGC E . -30.05 13.06 -18.17
C1 BGC E . -30.43 16.69 -17.88
O2 BGC E . -29.10 18.41 -16.89
O3 BGC E . -27.18 16.44 -16.03
O4 BGC E . -27.31 14.05 -17.77
O5 BGC E . -30.68 15.30 -17.85
O6 BGC E . -31.05 12.95 -19.15
C2 BGC E . -25.83 12.22 -17.30
C3 BGC E . -24.83 11.63 -16.31
C4 BGC E . -23.86 12.66 -15.74
C5 BGC E . -24.68 13.86 -15.25
C6 BGC E . -23.78 14.96 -14.70
C1 BGC E . -26.48 13.48 -16.73
O2 BGC E . -26.82 11.24 -17.57
O3 BGC E . -24.10 10.59 -16.91
O4 BGC E . -23.15 12.24 -14.60
O5 BGC E . -25.47 14.38 -16.31
O6 BGC E . -23.34 15.72 -15.79
C2 BGC E . -20.93 11.89 -13.73
C3 BGC E . -19.68 11.00 -13.78
C4 BGC E . -20.00 9.54 -14.11
C5 BGC E . -20.87 9.53 -15.36
C6 BGC E . -21.26 8.14 -15.79
C1 BGC E . -21.89 11.61 -14.90
O2 BGC E . -20.47 13.22 -13.78
O3 BGC E . -18.97 11.02 -12.56
O4 BGC E . -18.85 8.77 -14.35
O5 BGC E . -22.06 10.22 -15.05
O6 BGC E . -22.15 8.27 -16.87
C1 XYS E . -21.45 7.86 -18.06
C2 XYS E . -21.86 8.79 -19.22
C3 XYS E . -23.27 8.50 -19.71
C4 XYS E . -23.34 7.06 -20.22
C5 XYS E . -22.75 6.07 -19.20
O2 XYS E . -21.70 10.11 -18.77
O3 XYS E . -23.58 9.43 -20.73
O4 XYS E . -24.68 6.79 -20.53
O5 XYS E . -21.72 6.49 -18.32
C1 XYS E . -22.44 16.77 -15.40
C2 XYS E . -23.22 18.04 -14.99
C3 XYS E . -24.23 18.33 -16.10
C4 XYS E . -23.55 18.45 -17.48
C5 XYS E . -22.25 17.62 -17.65
O2 XYS E . -23.81 17.88 -13.73
O3 XYS E . -24.93 19.50 -15.74
O4 XYS E . -24.55 18.12 -18.43
O5 XYS E . -21.62 17.08 -16.50
C1 XYS E . -31.70 11.66 -19.07
C2 XYS E . -32.32 11.36 -20.47
C3 XYS E . -33.47 12.30 -20.79
C4 XYS E . -34.50 12.43 -19.66
C5 XYS E . -33.95 12.27 -18.23
O2 XYS E . -31.29 11.48 -21.41
O3 XYS E . -34.09 11.84 -21.98
O4 XYS E . -35.10 13.70 -19.86
O5 XYS E . -32.68 11.68 -18.03
C1 GAL E . -30.85 10.18 -21.87
C2 GAL E . -30.23 10.34 -23.25
C3 GAL E . -29.80 8.97 -23.75
C4 GAL E . -28.78 8.36 -22.79
C5 GAL E . -29.34 8.39 -21.36
C6 GAL E . -28.25 8.11 -20.35
O2 GAL E . -31.20 10.94 -24.09
O3 GAL E . -29.28 9.12 -25.04
O4 GAL E . -27.58 9.08 -22.94
O5 GAL E . -29.87 9.65 -21.00
O6 GAL E . -28.86 7.97 -19.08
C1 NAG F . 48.93 -1.49 -9.88
C2 NAG F . 49.70 -2.79 -10.14
C3 NAG F . 50.87 -2.89 -9.16
C4 NAG F . 51.70 -1.61 -9.09
C5 NAG F . 50.75 -0.40 -8.90
C6 NAG F . 51.37 0.98 -8.87
C7 NAG F . 48.36 -4.62 -11.07
C8 NAG F . 47.59 -5.87 -10.73
N2 NAG F . 48.92 -3.98 -10.02
O3 NAG F . 51.61 -4.03 -9.56
O4 NAG F . 52.55 -1.74 -7.98
O5 NAG F . 49.82 -0.41 -9.94
O6 NAG F . 51.67 1.35 -10.18
O7 NAG F . 48.46 -4.21 -12.22
C1 NAG F . 53.93 -1.71 -8.40
C2 NAG F . 54.76 -1.34 -7.16
C3 NAG F . 56.26 -1.49 -7.41
C4 NAG F . 56.60 -2.82 -8.09
C5 NAG F . 55.70 -3.02 -9.29
C6 NAG F . 55.92 -4.32 -10.02
C7 NAG F . 53.44 0.28 -5.83
C8 NAG F . 53.23 1.74 -5.53
N2 NAG F . 54.41 0.00 -6.74
O3 NAG F . 56.90 -1.33 -6.17
O4 NAG F . 57.96 -2.78 -8.50
O5 NAG F . 54.33 -2.97 -8.89
O6 NAG F . 55.88 -5.38 -9.10
O7 NAG F . 52.77 -0.58 -5.28
C1 BMA F . 58.84 -3.56 -7.66
C2 BMA F . 60.08 -3.91 -8.47
C3 BMA F . 61.19 -4.54 -7.60
C4 BMA F . 61.48 -3.82 -6.26
C5 BMA F . 60.25 -3.16 -5.63
C6 BMA F . 60.59 -1.92 -4.80
O2 BMA F . 60.48 -2.75 -9.16
O3 BMA F . 62.35 -4.69 -8.40
O4 BMA F . 62.00 -4.81 -5.38
O5 BMA F . 59.17 -2.83 -6.50
O6 BMA F . 59.32 -1.48 -4.34
C1 MAN F . 62.71 -6.10 -8.34
C2 MAN F . 64.05 -6.32 -9.05
C3 MAN F . 63.88 -5.99 -10.52
C4 MAN F . 62.87 -6.97 -11.12
C5 MAN F . 61.54 -6.84 -10.37
C6 MAN F . 60.62 -8.01 -10.67
O2 MAN F . 64.33 -7.70 -8.94
O3 MAN F . 65.15 -6.12 -11.13
O4 MAN F . 62.75 -6.67 -12.49
O5 MAN F . 61.72 -6.90 -8.96
O6 MAN F . 60.89 -8.99 -9.69
C1 MAN F . 65.07 -8.03 -7.74
C2 MAN F . 66.05 -9.16 -8.11
C3 MAN F . 65.26 -10.42 -8.49
C4 MAN F . 64.23 -10.76 -7.39
C5 MAN F . 63.37 -9.52 -7.12
C6 MAN F . 62.36 -9.77 -6.02
O2 MAN F . 66.98 -9.41 -7.08
O3 MAN F . 66.17 -11.48 -8.71
O4 MAN F . 63.44 -11.85 -7.83
O5 MAN F . 64.20 -8.45 -6.74
O6 MAN F . 61.16 -10.17 -6.65
C1 MAN F . 67.36 -8.23 -6.32
C2 MAN F . 68.48 -7.49 -7.07
C3 MAN F . 69.83 -8.21 -6.89
C4 MAN F . 70.10 -8.41 -5.40
C5 MAN F . 68.99 -9.32 -4.91
C6 MAN F . 69.19 -9.74 -3.46
O2 MAN F . 68.47 -6.18 -6.57
O3 MAN F . 70.83 -7.46 -7.56
O4 MAN F . 71.38 -8.97 -5.23
O5 MAN F . 67.76 -8.61 -5.01
O6 MAN F . 69.22 -8.57 -2.67
C1 MAN F . 60.47 -10.36 -9.97
C2 MAN F . 61.76 -11.10 -10.43
C3 MAN F . 61.97 -11.10 -11.93
C4 MAN F . 60.71 -11.59 -12.64
C5 MAN F . 59.54 -10.64 -12.31
C6 MAN F . 58.22 -11.17 -12.86
O2 MAN F . 61.70 -12.43 -9.93
O3 MAN F . 63.07 -11.93 -12.20
O4 MAN F . 61.02 -11.56 -14.01
O5 MAN F . 59.38 -10.41 -10.91
O6 MAN F . 57.21 -11.05 -11.87
C1 MAN F . 59.44 -0.90 -3.03
C2 MAN F . 58.07 -0.93 -2.35
C3 MAN F . 57.06 0.01 -3.03
C4 MAN F . 57.69 1.36 -3.39
C5 MAN F . 59.09 1.21 -4.01
C6 MAN F . 59.84 2.52 -4.10
O2 MAN F . 58.26 -0.59 -1.00
O3 MAN F . 55.95 0.15 -2.15
O4 MAN F . 56.78 2.00 -4.26
O5 MAN F . 59.91 0.40 -3.18
O6 MAN F . 59.16 3.46 -3.30
C1 MAN F . 54.86 -0.73 -2.53
C2 MAN F . 53.52 -0.08 -2.19
C3 MAN F . 53.36 0.09 -0.69
C4 MAN F . 53.53 -1.27 -0.01
C5 MAN F . 54.83 -1.94 -0.44
C6 MAN F . 54.88 -3.39 0.03
O2 MAN F . 52.51 -0.93 -2.69
O3 MAN F . 52.07 0.63 -0.47
O4 MAN F . 53.49 -1.05 1.39
O5 MAN F . 54.93 -1.98 -1.86
O6 MAN F . 56.22 -3.81 0.11
C1 MAN F . 60.00 4.58 -2.94
C2 MAN F . 59.22 5.45 -1.95
C3 MAN F . 58.01 6.09 -2.63
C4 MAN F . 58.34 6.73 -3.99
C5 MAN F . 59.28 5.86 -4.84
C6 MAN F . 59.88 6.63 -6.00
O2 MAN F . 60.09 6.40 -1.39
O3 MAN F . 57.47 7.03 -1.73
O4 MAN F . 57.11 6.91 -4.65
O5 MAN F . 60.35 5.35 -4.06
O6 MAN F . 59.79 5.85 -7.16
C1 NAG G . 29.61 5.01 32.04
C2 NAG G . 30.69 4.03 32.53
C3 NAG G . 32.04 4.75 32.51
C4 NAG G . 32.34 5.37 31.16
C5 NAG G . 31.15 6.21 30.70
C6 NAG G . 31.25 6.75 29.29
C7 NAG G . 30.38 2.24 34.20
C8 NAG G . 30.01 1.96 35.63
N2 NAG G . 30.37 3.54 33.84
O3 NAG G . 33.01 3.82 32.90
O4 NAG G . 33.49 6.17 31.32
O5 NAG G . 29.99 5.41 30.76
O6 NAG G . 31.25 5.65 28.39
O7 NAG G . 30.66 1.35 33.42
C1 NAG G . 34.51 5.90 30.33
C2 NAG G . 35.41 7.15 30.22
C3 NAG G . 36.57 6.91 29.23
C4 NAG G . 37.33 5.62 29.52
C5 NAG G . 36.28 4.50 29.64
C6 NAG G . 36.86 3.12 29.87
C7 NAG G . 33.92 9.07 30.70
C8 NAG G . 33.19 10.26 30.12
N2 NAG G . 34.65 8.32 29.83
O3 NAG G . 37.39 8.04 29.26
O4 NAG G . 38.21 5.40 28.44
O5 NAG G . 35.33 4.80 30.64
O6 NAG G . 36.95 2.89 31.26
O7 NAG G . 33.83 8.82 31.89
C1 BMA G . 39.60 5.35 28.84
C2 BMA G . 40.31 4.36 27.92
C3 BMA G . 41.84 4.37 28.16
C4 BMA G . 42.46 5.78 28.11
C5 BMA G . 41.59 6.87 28.75
C6 BMA G . 41.86 8.27 28.22
O2 BMA G . 39.99 4.66 26.58
O3 BMA G . 42.44 3.45 27.26
O4 BMA G . 43.70 5.65 28.78
O5 BMA G . 40.18 6.65 28.73
O6 BMA G . 41.37 9.17 29.19
C1 NAG H . 23.20 -19.89 -2.02
C2 NAG H . 22.99 -18.44 -1.59
C3 NAG H . 21.57 -17.99 -1.93
C4 NAG H . 21.20 -18.29 -3.38
C5 NAG H . 21.48 -19.77 -3.66
C6 NAG H . 21.18 -20.25 -5.08
C7 NAG H . 24.17 -17.45 0.33
C8 NAG H . 24.16 -17.36 1.84
N2 NAG H . 23.20 -18.21 -0.18
O3 NAG H . 21.49 -16.62 -1.61
O4 NAG H . 19.82 -18.05 -3.51
O5 NAG H . 22.85 -20.02 -3.39
O6 NAG H . 22.07 -19.68 -6.01
O7 NAG H . 25.02 -16.89 -0.35
C1 NAG H . 19.51 -16.88 -4.28
C2 NAG H . 18.08 -17.08 -4.81
C3 NAG H . 17.57 -15.84 -5.54
C4 NAG H . 17.78 -14.57 -4.69
C5 NAG H . 19.19 -14.52 -4.11
C6 NAG H . 19.30 -13.46 -3.04
C7 NAG H . 17.46 -19.41 -5.35
C8 NAG H . 17.57 -20.49 -6.41
N2 NAG H . 18.06 -18.24 -5.66
O3 NAG H . 16.21 -16.03 -5.86
O4 NAG H . 17.52 -13.47 -5.54
O5 NAG H . 19.58 -15.73 -3.49
O6 NAG H . 18.51 -13.91 -1.98
O7 NAG H . 16.86 -19.61 -4.31
C1 BMA H . 16.26 -12.83 -5.21
C2 BMA H . 16.39 -11.36 -5.57
C3 BMA H . 15.02 -10.60 -5.55
C4 BMA H . 13.85 -11.39 -6.17
C5 BMA H . 13.90 -12.90 -5.92
C6 BMA H . 12.99 -13.70 -6.85
O2 BMA H . 17.05 -11.27 -6.81
O3 BMA H . 15.21 -9.35 -6.16
O4 BMA H . 12.67 -10.83 -5.62
O5 BMA H . 15.20 -13.46 -5.91
O6 BMA H . 12.89 -14.98 -6.26
C1 MAN H . 15.24 -8.30 -5.17
C2 MAN H . 14.97 -6.98 -5.90
C3 MAN H . 16.11 -6.74 -6.88
C4 MAN H . 17.39 -6.58 -6.06
C5 MAN H . 17.64 -7.85 -5.24
C6 MAN H . 18.77 -7.67 -4.23
O2 MAN H . 14.88 -5.95 -4.94
O3 MAN H . 15.80 -5.59 -7.62
O4 MAN H . 18.41 -6.31 -7.01
O5 MAN H . 16.48 -8.24 -4.51
O6 MAN H . 19.13 -8.93 -3.70
C1 MAN H . 13.89 -4.98 -5.34
C2 MAN H . 14.33 -3.61 -4.81
C3 MAN H . 14.26 -3.62 -3.28
C4 MAN H . 12.83 -3.89 -2.85
C5 MAN H . 12.34 -5.21 -3.44
C6 MAN H . 10.83 -5.26 -3.29
O2 MAN H . 13.44 -2.65 -5.29
O3 MAN H . 14.68 -2.34 -2.87
O4 MAN H . 12.74 -3.87 -1.43
O5 MAN H . 12.61 -5.32 -4.83
O6 MAN H . 10.48 -6.53 -2.82
C1 MAN H . 13.73 -2.19 -6.62
C2 MAN H . 13.40 -0.71 -6.68
C3 MAN H . 11.91 -0.51 -6.35
C4 MAN H . 11.05 -1.36 -7.28
C5 MAN H . 11.54 -2.82 -7.26
C6 MAN H . 10.83 -3.69 -8.27
O2 MAN H . 13.70 -0.25 -7.98
O3 MAN H . 11.61 0.87 -6.47
O4 MAN H . 9.72 -1.23 -6.81
O5 MAN H . 12.95 -2.87 -7.55
O6 MAN H . 11.30 -5.02 -8.09
C1 MAN H . 11.90 -15.80 -6.94
C2 MAN H . 11.75 -17.09 -6.13
C3 MAN H . 13.03 -17.92 -6.22
C4 MAN H . 13.32 -18.20 -7.70
C5 MAN H . 13.49 -16.86 -8.43
C6 MAN H . 13.79 -17.01 -9.90
O2 MAN H . 10.63 -17.78 -6.64
O3 MAN H . 12.90 -19.08 -5.42
O4 MAN H . 14.49 -18.98 -7.77
O5 MAN H . 12.30 -16.08 -8.27
O6 MAN H . 12.62 -17.26 -10.64
C2 BGC I . 40.16 9.04 13.45
C3 BGC I . 38.88 8.67 12.73
C4 BGC I . 38.28 9.81 11.89
C5 BGC I . 39.38 10.61 11.16
C6 BGC I . 38.83 11.92 10.63
C1 BGC I . 41.12 9.76 12.50
O1 BGC I . 42.26 10.12 13.19
O2 BGC I . 40.72 7.83 13.90
O3 BGC I . 37.90 8.26 13.65
O4 BGC I . 37.42 9.33 10.88
O5 BGC I . 40.47 10.91 12.01
O6 BGC I . 39.72 12.40 9.66
C2 BGC I . 35.17 9.32 10.07
C3 BGC I . 33.70 9.37 10.48
C4 BGC I . 33.35 8.25 11.47
C5 BGC I . 34.43 8.12 12.55
C6 BGC I . 34.26 6.83 13.33
C1 BGC I . 36.04 9.30 11.31
O2 BGC I . 35.45 10.47 9.30
O3 BGC I . 32.85 9.28 9.36
O4 BGC I . 32.14 8.49 12.17
O5 BGC I . 35.73 8.12 12.00
O6 BGC I . 35.16 6.85 14.40
C2 BGC I . 29.99 7.41 12.46
C3 BGC I . 28.85 6.79 11.68
C4 BGC I . 28.21 7.81 10.71
C5 BGC I . 29.31 8.51 9.89
C6 BGC I . 28.74 9.67 9.09
C1 BGC I . 30.99 7.97 11.46
O2 BGC I . 30.54 6.41 13.29
O3 BGC I . 27.88 6.29 12.57
O4 BGC I . 27.35 7.23 9.76
O5 BGC I . 30.33 9.00 10.74
O6 BGC I . 29.75 10.16 8.24
C2 BGC I . 25.07 7.31 8.96
C3 BGC I . 23.59 7.14 9.37
C4 BGC I . 23.38 5.97 10.33
C5 BGC I . 24.34 6.22 11.51
C6 BGC I . 24.28 5.16 12.60
C1 BGC I . 25.98 7.31 10.20
O2 BGC I . 25.20 8.52 8.27
O3 BGC I . 22.75 6.93 8.27
O4 BGC I . 22.04 5.86 10.78
O5 BGC I . 25.66 6.21 11.00
O6 BGC I . 25.19 5.58 13.61
C1 XYS I . 24.43 6.10 14.71
C2 XYS I . 25.26 7.19 15.46
C3 XYS I . 26.48 6.58 16.13
C4 XYS I . 26.02 5.52 17.12
C5 XYS I . 25.02 4.53 16.51
O2 XYS I . 25.60 8.22 14.57
O3 XYS I . 27.17 7.62 16.77
O4 XYS I . 27.19 4.90 17.59
O5 XYS I . 24.07 5.03 15.57
C1 XYS I . 35.27 5.51 14.97
C2 XYS I . 35.84 5.66 16.40
C3 XYS I . 37.29 6.16 16.34
C4 XYS I . 38.18 5.34 15.41
C5 XYS I . 37.49 4.79 14.15
O2 XYS I . 35.03 6.55 17.11
O3 XYS I . 37.77 6.12 17.67
O4 XYS I . 39.28 6.17 15.12
O5 XYS I . 36.07 4.69 14.14
C1 GAL I . 34.12 5.85 17.96
C2 GAL I . 33.76 6.80 19.10
C3 GAL I . 32.81 6.06 20.03
C4 GAL I . 31.54 5.69 19.27
C5 GAL I . 31.93 4.85 18.04
C6 GAL I . 30.76 4.59 17.12
O2 GAL I . 34.93 7.21 19.76
O3 GAL I . 32.59 6.88 21.14
O4 GAL I . 30.92 6.90 18.92
O5 GAL I . 32.94 5.48 17.27
O6 GAL I . 31.11 3.57 16.21
C1 NAG J . -28.39 1.64 -33.62
C2 NAG J . -29.83 1.11 -33.74
C3 NAG J . -30.76 2.26 -34.11
C4 NAG J . -30.60 3.49 -33.20
C5 NAG J . -29.11 3.84 -33.09
C6 NAG J . -28.77 4.93 -32.08
C7 NAG J . -30.22 -1.20 -34.49
C8 NAG J . -30.21 -2.09 -35.71
N2 NAG J . -29.89 0.08 -34.74
O3 NAG J . -32.08 1.76 -34.08
O4 NAG J . -31.35 4.51 -33.81
O5 NAG J . -28.38 2.70 -32.69
O6 NAG J . -29.36 4.60 -30.85
O7 NAG J . -30.52 -1.62 -33.39
C1 NAG J . -32.32 5.13 -32.93
C2 NAG J . -32.68 6.50 -33.53
C3 NAG J . -33.70 7.20 -32.62
C4 NAG J . -34.91 6.31 -32.38
C5 NAG J . -34.44 4.95 -31.89
C6 NAG J . -35.55 3.95 -31.66
C7 NAG J . -30.85 7.25 -35.00
C8 NAG J . -29.61 8.09 -35.11
N2 NAG J . -31.48 7.25 -33.79
O3 NAG J . -34.07 8.44 -33.18
O4 NAG J . -35.73 6.96 -31.42
O5 NAG J . -33.50 4.39 -32.79
O6 NAG J . -35.76 3.23 -32.85
O7 NAG J . -31.26 6.61 -35.97
C1 BMA J . -37.08 7.22 -31.89
C2 BMA J . -37.98 7.30 -30.66
C3 BMA J . -39.42 7.74 -31.04
C4 BMA J . -39.47 8.99 -31.93
C5 BMA J . -38.29 9.16 -32.92
C6 BMA J . -37.90 10.62 -33.13
O2 BMA J . -37.38 8.14 -29.72
O3 BMA J . -40.17 7.85 -29.85
O4 BMA J . -40.70 8.91 -32.63
O5 BMA J . -37.10 8.41 -32.65
O6 BMA J . -36.48 10.69 -33.07
O1 PG4 K . -17.78 8.97 -9.91
C1 PG4 K . -16.63 9.24 -9.11
C2 PG4 K . -15.76 10.23 -9.84
O2 PG4 K . -15.64 11.46 -9.15
C3 PG4 K . -15.11 12.50 -9.94
C4 PG4 K . -16.08 12.80 -11.06
O3 PG4 K . -15.42 13.52 -12.07
C5 PG4 K . -16.07 13.43 -13.32
C6 PG4 K . -16.66 14.78 -13.68
O4 PG4 K . -16.13 15.23 -14.91
C7 PG4 K . -16.08 16.63 -14.98
C8 PG4 K . -15.37 17.21 -13.78
O5 PG4 K . -15.78 18.55 -13.57
C1 MAN L . -47.53 1.35 0.70
C2 MAN L . -48.36 0.96 1.92
C3 MAN L . -48.94 -0.43 1.67
C4 MAN L . -49.81 -0.45 0.42
C5 MAN L . -49.08 0.15 -0.80
C6 MAN L . -50.02 0.56 -1.91
O2 MAN L . -49.38 1.92 2.09
O3 MAN L . -49.66 -0.81 2.81
O4 MAN L . -50.14 -1.81 0.21
O5 MAN L . -48.31 1.30 -0.47
O6 MAN L . -49.30 1.22 -2.94
C1 NAG M . -5.96 -1.53 -44.58
C2 NAG M . -5.62 -0.09 -45.04
C3 NAG M . -5.47 -0.01 -46.56
C4 NAG M . -4.57 -1.11 -47.08
C5 NAG M . -5.15 -2.47 -46.66
C6 NAG M . -4.32 -3.63 -47.17
C7 NAG M . -6.43 2.08 -44.15
C8 NAG M . -7.67 2.83 -43.73
N2 NAG M . -6.63 0.82 -44.59
O3 NAG M . -4.94 1.26 -46.87
O4 NAG M . -4.50 -0.99 -48.48
O5 NAG M . -5.21 -2.53 -45.26
O6 NAG M . -5.13 -4.77 -47.32
O7 NAG M . -5.32 2.60 -44.10
C1 NAG N . -52.18 -10.24 -0.48
C2 NAG N . -53.56 -10.88 -0.64
C3 NAG N . -54.60 -9.87 -1.11
C4 NAG N . -54.59 -8.67 -0.18
C5 NAG N . -53.19 -8.07 -0.18
C6 NAG N . -53.04 -6.85 0.70
C7 NAG N . -53.41 -13.29 -1.14
C8 NAG N . -53.33 -14.31 -2.25
N2 NAG N . -53.48 -12.01 -1.54
O3 NAG N . -55.84 -10.50 -1.14
O4 NAG N . -55.58 -7.76 -0.63
O5 NAG N . -52.25 -9.04 0.26
O6 NAG N . -53.18 -7.21 2.06
O7 NAG N . -53.40 -13.64 0.04
C1 NAG O . -42.35 33.86 -9.10
C2 NAG O . -42.84 34.29 -10.49
C3 NAG O . -41.76 34.08 -11.54
C4 NAG O . -40.44 34.73 -11.11
C5 NAG O . -40.08 34.21 -9.72
C6 NAG O . -38.76 34.73 -9.18
C7 NAG O . -45.25 33.86 -10.37
C8 NAG O . -46.39 32.98 -10.84
N2 NAG O . -44.04 33.56 -10.84
O3 NAG O . -42.22 34.61 -12.75
O4 NAG O . -39.47 34.40 -12.08
O5 NAG O . -41.13 34.53 -8.82
O6 NAG O . -38.97 35.93 -8.47
O7 NAG O . -45.44 34.78 -9.59
C1 NAG P . -0.06 22.72 -29.02
C2 NAG P . 0.77 24.01 -28.83
C3 NAG P . 2.01 23.96 -29.72
C4 NAG P . 2.81 22.67 -29.48
C5 NAG P . 1.89 21.45 -29.59
C6 NAG P . 2.60 20.17 -29.21
C7 NAG P . -0.12 26.23 -28.29
C8 NAG P . -0.96 27.38 -28.81
N2 NAG P . 0.01 25.18 -29.12
O3 NAG P . 2.77 25.09 -29.44
O4 NAG P . 3.82 22.64 -30.46
O5 NAG P . 0.77 21.61 -28.73
O6 NAG P . 3.08 20.27 -27.89
O7 NAG P . 0.40 26.29 -27.18
C2 BGC Q . -14.88 13.09 -5.57
C3 BGC Q . -13.90 13.28 -4.42
C4 BGC Q . -14.47 12.67 -3.13
C5 BGC Q . -14.75 11.18 -3.42
C6 BGC Q . -15.35 10.42 -2.25
C1 BGC Q . -15.12 11.59 -5.73
O1 BGC Q . -16.04 11.38 -6.75
O2 BGC Q . -14.32 13.68 -6.72
O3 BGC Q . -13.59 14.65 -4.18
O4 BGC Q . -13.57 12.76 -2.06
O5 BGC Q . -15.64 11.07 -4.52
O6 BGC Q . -16.53 11.03 -1.81
C1 PEG R . -21.85 6.77 -10.58
O1 PEG R . -20.72 7.56 -10.84
C2 PEG R . -23.10 7.61 -10.57
O2 PEG R . -23.25 8.23 -9.32
C3 PEG R . -24.57 8.65 -9.05
C4 PEG R . -24.69 9.15 -7.64
O4 PEG R . -24.29 10.50 -7.54
MG MG S . -16.93 7.52 -12.47
C1 MAN T . 43.96 -18.51 5.02
C2 MAN T . 45.17 -18.11 4.20
C3 MAN T . 45.04 -18.62 2.76
C4 MAN T . 44.42 -20.03 2.61
C5 MAN T . 43.73 -20.62 3.85
C6 MAN T . 44.18 -22.05 4.11
O2 MAN T . 46.33 -18.62 4.83
O3 MAN T . 46.33 -18.56 2.23
O4 MAN T . 43.48 -19.91 1.56
O5 MAN T . 43.89 -19.90 5.07
O6 MAN T . 45.58 -22.13 3.92
C1 NAG U . 53.00 14.60 -2.81
C2 NAG U . 53.75 15.26 -1.64
C3 NAG U . 52.78 16.05 -0.75
C4 NAG U . 51.92 16.98 -1.58
C5 NAG U . 51.26 16.20 -2.73
C6 NAG U . 50.41 17.06 -3.64
C7 NAG U . 55.59 13.68 -1.22
C8 NAG U . 56.17 12.68 -0.24
N2 NAG U . 54.45 14.28 -0.84
O3 NAG U . 53.55 16.79 0.17
O4 NAG U . 50.97 17.55 -0.71
O5 NAG U . 52.26 15.57 -3.51
O6 NAG U . 49.66 17.98 -2.87
O7 NAG U . 56.14 13.90 -2.29
C1 NAG V . 12.00 31.02 16.08
C2 NAG V . 11.95 32.46 15.55
C3 NAG V . 10.92 33.25 16.35
C4 NAG V . 9.56 32.55 16.31
C5 NAG V . 9.74 31.10 16.79
C6 NAG V . 8.47 30.28 16.75
C7 NAG V . 13.90 33.47 14.46
C8 NAG V . 15.24 34.11 14.69
N2 NAG V . 13.24 33.09 15.58
O3 NAG V . 10.86 34.54 15.82
O4 NAG V . 8.68 33.28 17.14
O5 NAG V . 10.72 30.45 16.00
O6 NAG V . 8.22 29.88 15.42
O7 NAG V . 13.46 33.30 13.33
C1 NAG W . 43.80 -28.45 10.09
C2 NAG W . 44.81 -29.47 10.65
C3 NAG W . 46.19 -28.83 10.81
C4 NAG W . 46.63 -28.28 9.46
C5 NAG W . 45.58 -27.29 8.96
C6 NAG W . 45.87 -26.70 7.59
C7 NAG W . 43.72 -31.24 11.96
C8 NAG W . 43.28 -31.65 13.36
N2 NAG W . 44.33 -30.04 11.88
O3 NAG W . 47.08 -29.79 11.30
O4 NAG W . 47.90 -27.68 9.63
O5 NAG W . 44.31 -27.91 8.89
O6 NAG W . 45.33 -27.54 6.58
O7 NAG W . 43.50 -31.95 11.00
C2 BGC X . 18.78 6.81 -0.38
C3 BGC X . 17.82 6.81 -1.57
C4 BGC X . 17.95 5.52 -2.39
C5 BGC X . 17.95 4.28 -1.48
C6 BGC X . 18.45 3.04 -2.22
C1 BGC X . 18.44 5.57 0.45
O1 BGC X . 19.20 5.58 1.61
O2 BGC X . 18.60 8.01 0.33
O3 BGC X . 18.03 7.89 -2.45
O4 BGC X . 16.89 5.42 -3.34
O5 BGC X . 18.76 4.43 -0.33
O6 BGC X . 19.58 2.49 -1.57
C1 PEG Y . 26.77 1.19 5.65
O1 PEG Y . 27.15 2.29 4.85
C2 PEG Y . 26.33 1.68 7.01
O2 PEG Y . 24.99 1.34 7.25
C3 PEG Y . 24.33 2.15 8.19
C4 PEG Y . 22.91 1.68 8.31
O4 PEG Y . 22.01 2.77 8.38
C1 PEG Z . 19.53 4.65 5.71
O1 PEG Z . 20.35 4.88 6.86
C2 PEG Z . 19.84 5.69 4.67
O2 PEG Z . 19.48 6.98 5.09
C3 PEG Z . 20.22 8.00 4.46
C4 PEG Z . 19.88 9.35 5.02
O4 PEG Z . 20.49 9.50 6.28
MG MG AA . 19.76 5.80 9.43
#